data_5SKT
#
_entry.id   5SKT
#
_cell.length_a   135.334
_cell.length_b   135.334
_cell.length_c   235.333
_cell.angle_alpha   90.000
_cell.angle_beta   90.000
_cell.angle_gamma   120.000
#
_symmetry.space_group_name_H-M   'H 3'
#
loop_
_entity.id
_entity.type
_entity.pdbx_description
1 polymer "cAMP and cAMP-inhibited cGMP 3',5'-cyclic phosphodiesterase 10A"
2 non-polymer 'ZINC ION'
3 non-polymer 'MAGNESIUM ION'
4 non-polymer 7-(cyclopropylmethoxy)-2-methyl-4-(pyrrolidin-1-yl)quinazoline
5 water water
#
_entity_poly.entity_id   1
_entity_poly.type   'polypeptide(L)'
_entity_poly.pdbx_seq_one_letter_code
;GSSICTSEEWQGLMQFTLPVRLCKEIELFHFDIGPFENMWPGIFVYMVHRSCGTSCFELEKL(CME)RFIMSVKKNYRRV
PYHNWKHAVTVAHCMYAILQNNHTLFTDLERKGLLIACLCHDLDHRGFSNSYLQKFDHPLAALYSTSTMEQHHFSQTVSI
LQLEGHNIFSTLSSSEYEQVLEIIRKAIIATDLALYFGNRKQLEEMYQTGSLNLNNQSHRDRVIGLMMTACDLCSVTKLW
PVTKLTANDIYAEFWAEGDEMKKLGIQPIPMMDRDKKDEVPQGQLGFYNAVAIPCYTTLTQILPPTEPLLKACRDNLSQW
EKVIRGEETATWISSPSVAQKAAASED
;
_entity_poly.pdbx_strand_id   A,B,C,D
#
loop_
_chem_comp.id
_chem_comp.type
_chem_comp.name
_chem_comp.formula
KIY non-polymer 7-(cyclopropylmethoxy)-2-methyl-4-(pyrrolidin-1-yl)quinazoline 'C17 H21 N3 O'
MG non-polymer 'MAGNESIUM ION' 'Mg 2'
ZN non-polymer 'ZINC ION' 'Zn 2'
#
# COMPACT_ATOMS: atom_id res chain seq x y z
N GLY A 12 40.25 3.68 26.18
CA GLY A 12 40.09 4.12 27.59
C GLY A 12 39.75 5.60 27.71
N LEU A 13 40.14 6.41 26.72
CA LEU A 13 39.93 7.89 26.69
C LEU A 13 38.71 8.25 25.82
N MET A 14 37.80 7.31 25.55
CA MET A 14 36.61 7.50 24.68
C MET A 14 35.36 7.65 25.56
N GLN A 15 35.04 8.90 25.94
CA GLN A 15 33.76 9.30 26.59
C GLN A 15 32.64 9.34 25.55
N PHE A 16 31.44 8.90 25.92
CA PHE A 16 30.19 9.30 25.24
C PHE A 16 29.84 10.69 25.76
N THR A 17 29.43 11.57 24.84
CA THR A 17 28.84 12.90 25.17
C THR A 17 27.48 12.99 24.49
N LEU A 18 26.64 13.86 25.01
CA LEU A 18 25.26 14.06 24.55
C LEU A 18 25.14 15.50 24.11
N PRO A 19 24.18 15.83 23.24
CA PRO A 19 23.83 17.22 23.03
C PRO A 19 23.52 17.90 24.37
N VAL A 20 23.70 19.21 24.37
CA VAL A 20 23.60 20.07 25.59
C VAL A 20 22.26 19.82 26.29
N ARG A 21 21.12 19.90 25.60
CA ARG A 21 19.81 19.71 26.28
C ARG A 21 19.79 18.33 26.98
N LEU A 22 20.25 17.27 26.34
CA LEU A 22 20.19 15.93 26.97
C LEU A 22 21.21 15.87 28.11
N CYS A 23 22.40 16.42 27.91
CA CYS A 23 23.49 16.40 28.92
C CYS A 23 22.94 16.98 30.24
N LYS A 24 22.08 18.01 30.17
CA LYS A 24 21.50 18.70 31.34
C LYS A 24 20.27 17.96 31.87
N GLU A 25 19.31 17.70 31.01
CA GLU A 25 18.04 17.08 31.43
C GLU A 25 18.24 15.61 31.84
N ILE A 26 19.26 14.90 31.38
CA ILE A 26 19.42 13.46 31.75
C ILE A 26 19.63 13.33 33.27
N GLU A 27 20.05 14.41 33.94
CA GLU A 27 20.36 14.40 35.39
C GLU A 27 19.08 14.51 36.18
N LEU A 28 17.98 14.91 35.55
CA LEU A 28 16.69 15.14 36.23
C LEU A 28 15.86 13.86 36.21
N PHE A 29 15.07 13.64 37.26
CA PHE A 29 14.25 12.43 37.43
C PHE A 29 13.27 12.33 36.26
N HIS A 30 12.76 13.46 35.78
CA HIS A 30 11.58 13.44 34.86
C HIS A 30 12.05 13.38 33.41
N PHE A 31 13.33 13.20 33.12
CA PHE A 31 13.86 13.11 31.74
C PHE A 31 13.16 12.01 30.95
N ASP A 32 12.85 12.32 29.69
CA ASP A 32 12.26 11.39 28.71
C ASP A 32 13.37 11.12 27.70
N ILE A 33 13.65 9.86 27.38
CA ILE A 33 14.81 9.50 26.53
C ILE A 33 14.56 9.84 25.04
N GLY A 34 13.37 10.25 24.66
CA GLY A 34 13.09 10.68 23.28
C GLY A 34 12.73 9.53 22.34
N PRO A 35 12.26 9.90 21.11
CA PRO A 35 11.77 8.95 20.11
C PRO A 35 12.83 8.37 19.15
N PHE A 36 14.10 8.72 19.32
CA PHE A 36 15.21 8.24 18.46
C PHE A 36 15.86 7.02 19.11
N GLU A 37 15.38 5.83 18.75
CA GLU A 37 15.84 4.54 19.30
C GLU A 37 17.36 4.44 19.22
N ASN A 38 17.94 4.89 18.10
CA ASN A 38 19.40 4.73 17.87
C ASN A 38 20.20 5.53 18.91
N MET A 39 19.64 6.51 19.60
CA MET A 39 20.42 7.22 20.66
C MET A 39 20.34 6.50 22.03
N TRP A 40 19.46 5.50 22.22
CA TRP A 40 19.20 4.91 23.55
C TRP A 40 20.40 4.11 24.04
N PRO A 41 21.12 3.32 23.22
CA PRO A 41 22.36 2.66 23.70
C PRO A 41 23.39 3.64 24.27
N GLY A 42 23.61 4.75 23.56
CA GLY A 42 24.59 5.77 23.95
C GLY A 42 24.16 6.47 25.23
N ILE A 43 22.86 6.77 25.37
CA ILE A 43 22.26 7.27 26.62
C ILE A 43 22.61 6.31 27.78
N PHE A 44 22.41 5.00 27.62
CA PHE A 44 22.72 4.01 28.67
C PHE A 44 24.22 4.00 29.00
N VAL A 45 25.08 3.96 27.99
CA VAL A 45 26.55 3.93 28.20
C VAL A 45 26.95 5.21 28.92
N TYR A 46 26.50 6.36 28.44
CA TYR A 46 26.71 7.67 29.14
C TYR A 46 26.38 7.53 30.62
N MET A 47 25.26 6.90 30.95
CA MET A 47 24.79 6.82 32.36
C MET A 47 25.70 5.86 33.15
N VAL A 48 26.08 4.74 32.56
CA VAL A 48 27.00 3.77 33.20
C VAL A 48 28.32 4.48 33.52
N HIS A 49 28.89 5.18 32.54
CA HIS A 49 30.22 5.86 32.66
C HIS A 49 30.19 6.88 33.81
N ARG A 50 29.07 7.61 33.98
CA ARG A 50 28.99 8.67 35.01
C ARG A 50 28.61 8.08 36.37
N SER A 51 27.90 6.95 36.38
CA SER A 51 27.29 6.34 37.59
C SER A 51 28.33 5.43 38.26
N CYS A 52 29.23 4.91 37.44
CA CYS A 52 30.02 3.68 37.73
C CYS A 52 31.49 3.97 37.44
N GLY A 53 31.77 4.46 36.24
CA GLY A 53 33.12 4.84 35.77
C GLY A 53 33.35 4.36 34.35
N THR A 54 34.36 4.88 33.66
CA THR A 54 34.69 4.49 32.26
C THR A 54 35.43 3.15 32.21
N SER A 55 35.77 2.59 33.37
CA SER A 55 36.52 1.33 33.59
C SER A 55 35.59 0.19 34.03
N CYS A 56 34.38 0.49 34.51
CA CYS A 56 33.44 -0.49 35.08
C CYS A 56 33.30 -1.69 34.15
N PHE A 57 33.31 -1.45 32.82
CA PHE A 57 33.04 -2.48 31.79
C PHE A 57 33.99 -2.24 30.62
N GLU A 58 34.42 -3.30 29.95
CA GLU A 58 35.09 -3.19 28.61
C GLU A 58 34.01 -2.73 27.62
N LEU A 59 34.24 -1.58 26.97
CA LEU A 59 33.25 -0.94 26.08
C LEU A 59 32.79 -1.90 24.97
N GLU A 60 33.72 -2.65 24.35
CA GLU A 60 33.46 -3.66 23.29
C GLU A 60 32.38 -4.62 23.83
N LYS A 61 32.60 -5.18 25.02
CA LYS A 61 31.68 -6.18 25.64
C LYS A 61 30.36 -5.51 26.05
N LEU A 62 30.40 -4.31 26.60
CA LEU A 62 29.19 -3.64 27.11
C LEU A 62 28.27 -3.40 25.91
N CME A 63 28.82 -2.85 24.82
CA CME A 63 28.09 -2.56 23.57
CB CME A 63 28.93 -1.78 22.58
SG CME A 63 29.03 0.01 22.92
SD CME A 63 27.05 0.58 22.86
CE CME A 63 26.79 1.27 21.20
CZ CME A 63 26.73 2.77 21.28
OH CME A 63 26.04 3.34 20.18
C CME A 63 27.48 -3.84 23.03
O CME A 63 26.30 -3.82 22.64
N ARG A 64 28.22 -4.96 23.06
CA ARG A 64 27.69 -6.24 22.54
C ARG A 64 26.60 -6.73 23.50
N PHE A 65 26.76 -6.51 24.80
CA PHE A 65 25.74 -6.89 25.79
C PHE A 65 24.44 -6.12 25.52
N ILE A 66 24.54 -4.80 25.42
CA ILE A 66 23.40 -3.85 25.21
C ILE A 66 22.63 -4.28 23.95
N MET A 67 23.33 -4.59 22.87
CA MET A 67 22.66 -4.89 21.58
C MET A 67 21.98 -6.26 21.64
N SER A 68 22.53 -7.24 22.35
CA SER A 68 21.84 -8.54 22.52
C SER A 68 20.62 -8.36 23.45
N VAL A 69 20.72 -7.44 24.40
CA VAL A 69 19.58 -7.23 25.32
C VAL A 69 18.48 -6.59 24.50
N LYS A 70 18.81 -5.55 23.75
CA LYS A 70 17.81 -4.88 22.87
C LYS A 70 17.08 -5.91 22.01
N LYS A 71 17.83 -6.83 21.41
CA LYS A 71 17.30 -7.80 20.43
C LYS A 71 16.30 -8.72 21.11
N ASN A 72 16.40 -8.93 22.41
CA ASN A 72 15.56 -9.90 23.16
C ASN A 72 14.39 -9.18 23.86
N TYR A 73 14.21 -7.89 23.63
CA TYR A 73 12.95 -7.15 23.95
C TYR A 73 12.08 -7.30 22.70
N ARG A 74 10.78 -7.44 22.87
CA ARG A 74 9.85 -7.66 21.75
C ARG A 74 9.14 -6.36 21.42
N ARG A 75 8.48 -6.33 20.27
CA ARG A 75 7.81 -5.11 19.73
C ARG A 75 6.39 -5.08 20.32
N VAL A 76 6.27 -4.87 21.61
CA VAL A 76 4.99 -4.79 22.33
C VAL A 76 4.80 -3.31 22.66
N PRO A 77 3.57 -2.87 22.98
CA PRO A 77 3.28 -1.45 23.13
C PRO A 77 4.03 -0.76 24.28
N TYR A 78 4.30 -1.48 25.36
CA TYR A 78 4.80 -0.86 26.60
C TYR A 78 6.05 -1.58 27.12
N HIS A 79 6.01 -2.90 27.30
CA HIS A 79 7.11 -3.68 27.93
C HIS A 79 8.18 -3.98 26.88
N ASN A 80 8.79 -2.92 26.35
CA ASN A 80 9.69 -2.90 25.18
C ASN A 80 11.02 -2.28 25.57
N TRP A 81 11.91 -2.19 24.60
CA TRP A 81 13.28 -1.69 24.79
C TRP A 81 13.25 -0.26 25.36
N LYS A 82 12.29 0.56 24.96
CA LYS A 82 12.20 1.95 25.51
C LYS A 82 11.95 1.90 27.02
N HIS A 83 11.08 0.99 27.49
CA HIS A 83 10.79 0.86 28.94
C HIS A 83 12.07 0.48 29.70
N ALA A 84 12.84 -0.46 29.13
CA ALA A 84 14.11 -0.94 29.69
C ALA A 84 15.00 0.27 29.99
N VAL A 85 15.20 1.11 28.97
CA VAL A 85 16.19 2.21 29.06
C VAL A 85 15.60 3.27 30.00
N THR A 86 14.29 3.46 29.94
CA THR A 86 13.60 4.46 30.78
C THR A 86 13.79 4.08 32.26
N VAL A 87 13.64 2.80 32.57
CA VAL A 87 13.71 2.31 33.98
C VAL A 87 15.17 2.44 34.46
N ALA A 88 16.14 2.10 33.62
CA ALA A 88 17.57 2.31 33.90
C ALA A 88 17.86 3.81 34.12
N HIS A 89 17.23 4.70 33.38
CA HIS A 89 17.47 6.15 33.61
C HIS A 89 16.96 6.54 35.02
N CYS A 90 15.79 6.11 35.45
CA CYS A 90 15.27 6.45 36.79
C CYS A 90 16.25 5.96 37.86
N MET A 91 16.83 4.77 37.65
CA MET A 91 17.83 4.22 38.60
C MET A 91 19.09 5.10 38.56
N TYR A 92 19.46 5.58 37.40
CA TYR A 92 20.66 6.44 37.24
C TYR A 92 20.44 7.70 38.09
N ALA A 93 19.26 8.32 37.97
CA ALA A 93 18.90 9.54 38.72
C ALA A 93 18.91 9.24 40.23
N ILE A 94 18.35 8.10 40.65
CA ILE A 94 18.38 7.75 42.11
C ILE A 94 19.84 7.63 42.56
N LEU A 95 20.67 6.91 41.80
CA LEU A 95 22.07 6.63 42.20
C LEU A 95 22.84 7.95 42.23
N GLN A 96 22.63 8.80 41.24
CA GLN A 96 23.38 10.07 41.14
C GLN A 96 22.98 11.01 42.28
N ASN A 97 21.76 10.92 42.79
CA ASN A 97 21.30 11.82 43.88
C ASN A 97 21.66 11.22 45.25
N ASN A 98 22.28 10.03 45.31
CA ASN A 98 22.61 9.29 46.56
C ASN A 98 24.01 8.72 46.41
N HIS A 99 24.92 9.55 45.94
CA HIS A 99 26.33 9.20 45.57
C HIS A 99 26.88 8.12 46.51
N THR A 100 26.91 8.40 47.80
CA THR A 100 27.84 7.70 48.74
C THR A 100 27.16 6.50 49.41
N LEU A 101 25.86 6.30 49.22
CA LEU A 101 25.07 5.26 49.91
C LEU A 101 25.27 3.89 49.25
N PHE A 102 25.84 3.80 48.05
CA PHE A 102 25.84 2.52 47.29
C PHE A 102 27.28 2.15 46.93
N THR A 103 27.55 0.85 46.98
CA THR A 103 28.88 0.25 46.69
C THR A 103 29.13 0.28 45.18
N ASP A 104 30.35 -0.04 44.77
CA ASP A 104 30.78 -0.13 43.35
C ASP A 104 29.93 -1.21 42.66
N LEU A 105 29.79 -2.38 43.31
CA LEU A 105 29.10 -3.58 42.78
C LEU A 105 27.61 -3.25 42.55
N GLU A 106 27.03 -2.49 43.47
CA GLU A 106 25.59 -2.15 43.44
C GLU A 106 25.29 -1.24 42.25
N ARG A 107 26.18 -0.28 41.97
CA ARG A 107 25.99 0.72 40.89
C ARG A 107 26.09 -0.03 39.56
N LYS A 108 27.12 -0.86 39.38
CA LYS A 108 27.27 -1.84 38.27
C LYS A 108 26.01 -2.70 38.10
N GLY A 109 25.60 -3.41 39.16
CA GLY A 109 24.51 -4.41 39.11
C GLY A 109 23.19 -3.76 38.75
N LEU A 110 22.86 -2.63 39.39
CA LEU A 110 21.49 -2.09 39.36
C LEU A 110 21.16 -1.49 37.99
N LEU A 111 22.10 -0.84 37.30
CA LEU A 111 21.82 -0.28 35.95
C LEU A 111 21.58 -1.44 35.00
N ILE A 112 22.35 -2.52 35.15
CA ILE A 112 22.21 -3.74 34.32
C ILE A 112 20.88 -4.42 34.66
N ALA A 113 20.56 -4.54 35.94
CA ALA A 113 19.31 -5.21 36.35
C ALA A 113 18.13 -4.48 35.71
N CYS A 114 18.17 -3.15 35.69
CA CYS A 114 17.09 -2.29 35.17
C CYS A 114 16.94 -2.53 33.67
N LEU A 115 18.04 -2.50 32.93
CA LEU A 115 18.04 -2.74 31.47
C LEU A 115 17.46 -4.13 31.15
N CYS A 116 17.68 -5.11 32.03
CA CYS A 116 17.35 -6.52 31.75
C CYS A 116 15.99 -6.92 32.35
N HIS A 117 15.32 -6.05 33.12
CA HIS A 117 14.33 -6.50 34.13
C HIS A 117 13.09 -7.04 33.45
N ASP A 118 12.84 -6.72 32.18
CA ASP A 118 11.65 -7.22 31.46
C ASP A 118 12.04 -7.96 30.17
N LEU A 119 13.24 -8.53 30.10
CA LEU A 119 13.71 -9.30 28.92
C LEU A 119 12.65 -10.30 28.43
N ASP A 120 12.35 -10.24 27.13
CA ASP A 120 11.51 -11.25 26.44
C ASP A 120 10.09 -11.21 27.00
N HIS A 121 9.64 -10.03 27.43
CA HIS A 121 8.24 -9.80 27.86
C HIS A 121 7.31 -9.88 26.65
N ARG A 122 6.17 -10.54 26.80
CA ARG A 122 5.20 -10.73 25.69
C ARG A 122 4.04 -9.76 25.85
N GLY A 123 4.02 -8.95 26.92
CA GLY A 123 2.94 -7.98 27.17
C GLY A 123 1.79 -8.58 27.94
N PHE A 124 2.00 -9.73 28.59
CA PHE A 124 0.95 -10.35 29.45
C PHE A 124 1.45 -10.54 30.87
N SER A 125 0.52 -10.41 31.81
CA SER A 125 0.76 -10.55 33.26
C SER A 125 1.03 -12.01 33.62
N ASN A 126 1.61 -12.20 34.80
CA ASN A 126 1.76 -13.48 35.51
C ASN A 126 0.41 -14.19 35.53
N SER A 127 -0.68 -13.48 35.89
CA SER A 127 -2.07 -14.04 35.97
C SER A 127 -2.44 -14.71 34.66
N TYR A 128 -2.25 -13.98 33.55
CA TYR A 128 -2.67 -14.47 32.21
C TYR A 128 -1.87 -15.75 31.86
N LEU A 129 -0.57 -15.76 32.13
CA LEU A 129 0.26 -16.98 31.91
C LEU A 129 -0.33 -18.15 32.72
N GLN A 130 -0.79 -17.91 33.96
CA GLN A 130 -1.26 -19.02 34.85
C GLN A 130 -2.61 -19.50 34.31
N LYS A 131 -3.49 -18.59 33.93
CA LYS A 131 -4.82 -18.97 33.37
C LYS A 131 -4.64 -19.63 32.01
N PHE A 132 -3.69 -19.18 31.20
CA PHE A 132 -3.44 -19.79 29.88
C PHE A 132 -2.90 -21.22 30.07
N ASP A 133 -2.23 -21.46 31.19
CA ASP A 133 -1.48 -22.70 31.50
C ASP A 133 -0.22 -22.67 30.62
N HIS A 134 0.48 -21.52 30.57
CA HIS A 134 1.72 -21.36 29.77
C HIS A 134 2.82 -22.21 30.41
N PRO A 135 3.71 -22.85 29.63
CA PRO A 135 4.83 -23.61 30.18
C PRO A 135 5.67 -22.87 31.23
N LEU A 136 5.88 -21.55 31.09
CA LEU A 136 6.65 -20.78 32.10
C LEU A 136 5.96 -20.84 33.47
N ALA A 137 4.63 -20.94 33.52
CA ALA A 137 3.86 -21.03 34.79
C ALA A 137 4.10 -22.39 35.47
N ALA A 138 4.43 -23.44 34.72
CA ALA A 138 4.81 -24.76 35.25
C ALA A 138 6.24 -24.71 35.79
N LEU A 139 7.13 -24.00 35.11
CA LEU A 139 8.57 -23.88 35.46
C LEU A 139 8.79 -22.93 36.64
N TYR A 140 7.96 -21.89 36.79
CA TYR A 140 8.12 -20.86 37.86
C TYR A 140 6.75 -20.51 38.41
N SER A 141 6.40 -21.09 39.55
CA SER A 141 5.02 -21.03 40.12
C SER A 141 4.73 -19.61 40.64
N THR A 142 5.72 -18.86 41.12
CA THR A 142 5.49 -17.42 41.44
C THR A 142 6.55 -16.57 40.76
N SER A 143 6.24 -15.29 40.64
CA SER A 143 7.03 -14.27 39.92
C SER A 143 7.44 -14.84 38.56
N THR A 144 6.48 -15.40 37.82
CA THR A 144 6.71 -16.22 36.60
C THR A 144 7.57 -15.43 35.62
N MET A 145 7.12 -14.26 35.18
CA MET A 145 7.85 -13.52 34.12
C MET A 145 9.20 -13.07 34.68
N GLU A 146 9.23 -12.70 35.96
CA GLU A 146 10.46 -12.12 36.57
C GLU A 146 11.55 -13.20 36.64
N GLN A 147 11.20 -14.43 36.96
CA GLN A 147 12.22 -15.52 36.99
C GLN A 147 12.70 -15.72 35.55
N HIS A 148 11.81 -15.59 34.59
CA HIS A 148 12.17 -15.70 33.15
C HIS A 148 13.12 -14.56 32.78
N HIS A 149 12.84 -13.33 33.19
CA HIS A 149 13.68 -12.17 32.83
C HIS A 149 15.08 -12.42 33.38
N PHE A 150 15.17 -12.86 34.64
CA PHE A 150 16.50 -13.18 35.23
C PHE A 150 17.17 -14.29 34.40
N SER A 151 16.41 -15.29 33.97
CA SER A 151 16.97 -16.44 33.20
C SER A 151 17.57 -15.95 31.89
N GLN A 152 16.83 -15.08 31.18
CA GLN A 152 17.29 -14.45 29.91
C GLN A 152 18.53 -13.60 30.17
N THR A 153 18.60 -12.91 31.29
CA THR A 153 19.76 -12.07 31.63
C THR A 153 21.02 -12.96 31.77
N VAL A 154 20.91 -14.07 32.49
CA VAL A 154 22.06 -15.02 32.69
C VAL A 154 22.48 -15.59 31.32
N SER A 155 21.50 -16.00 30.50
CA SER A 155 21.72 -16.53 29.13
C SER A 155 22.59 -15.57 28.32
N ILE A 156 22.28 -14.28 28.37
CA ILE A 156 22.92 -13.27 27.51
C ILE A 156 24.35 -13.03 28.04
N LEU A 157 24.51 -12.92 29.36
CA LEU A 157 25.85 -12.81 30.03
C LEU A 157 26.79 -13.96 29.64
N GLN A 158 26.22 -15.13 29.32
CA GLN A 158 26.99 -16.36 29.00
C GLN A 158 27.27 -16.50 27.49
N LEU A 159 26.72 -15.67 26.62
CA LEU A 159 27.09 -15.67 25.16
C LEU A 159 28.58 -15.33 25.05
N GLU A 160 29.32 -15.83 24.05
CA GLU A 160 30.76 -15.49 23.89
C GLU A 160 30.86 -13.97 23.69
N GLY A 161 31.81 -13.32 24.36
CA GLY A 161 32.14 -11.89 24.25
C GLY A 161 31.20 -10.98 25.05
N HIS A 162 30.27 -11.54 25.83
CA HIS A 162 29.16 -10.79 26.44
C HIS A 162 29.33 -10.75 27.95
N ASN A 163 30.41 -11.28 28.50
CA ASN A 163 30.51 -11.32 30.00
C ASN A 163 31.14 -10.03 30.51
N ILE A 164 30.31 -9.02 30.72
CA ILE A 164 30.70 -7.64 31.08
C ILE A 164 31.27 -7.63 32.50
N PHE A 165 31.16 -8.74 33.22
CA PHE A 165 31.65 -8.83 34.62
C PHE A 165 32.95 -9.65 34.70
N SER A 166 33.50 -10.11 33.58
CA SER A 166 34.62 -11.09 33.53
C SER A 166 35.74 -10.68 34.50
N THR A 167 35.98 -9.37 34.65
CA THR A 167 37.11 -8.76 35.42
C THR A 167 36.83 -8.78 36.93
N LEU A 168 35.63 -9.13 37.37
CA LEU A 168 35.31 -9.30 38.81
C LEU A 168 35.91 -10.62 39.31
N SER A 169 36.30 -10.65 40.59
CA SER A 169 36.69 -11.89 41.31
C SER A 169 35.47 -12.82 41.34
N SER A 170 35.71 -14.10 41.57
CA SER A 170 34.66 -15.15 41.69
C SER A 170 33.54 -14.66 42.62
N SER A 171 33.88 -14.16 43.82
CA SER A 171 32.89 -13.81 44.88
C SER A 171 32.17 -12.50 44.51
N GLU A 172 32.89 -11.52 43.98
CA GLU A 172 32.28 -10.28 43.44
C GLU A 172 31.27 -10.62 42.32
N TYR A 173 31.56 -11.61 41.48
CA TYR A 173 30.68 -12.08 40.37
C TYR A 173 29.39 -12.68 40.95
N GLU A 174 29.51 -13.56 41.95
CA GLU A 174 28.35 -14.15 42.68
C GLU A 174 27.52 -13.04 43.36
N GLN A 175 28.17 -12.04 43.94
CA GLN A 175 27.45 -10.96 44.65
C GLN A 175 26.62 -10.15 43.64
N VAL A 176 27.23 -9.74 42.53
CA VAL A 176 26.54 -8.89 41.52
C VAL A 176 25.38 -9.71 40.90
N LEU A 177 25.57 -11.00 40.60
CA LEU A 177 24.49 -11.80 39.96
C LEU A 177 23.37 -11.91 40.97
N GLU A 178 23.70 -11.95 42.26
CA GLU A 178 22.70 -12.04 43.34
C GLU A 178 21.97 -10.69 43.50
N ILE A 179 22.65 -9.56 43.41
CA ILE A 179 21.98 -8.22 43.37
C ILE A 179 21.00 -8.17 42.18
N ILE A 180 21.43 -8.60 41.00
CA ILE A 180 20.61 -8.53 39.75
C ILE A 180 19.39 -9.41 39.94
N ARG A 181 19.55 -10.63 40.48
CA ARG A 181 18.41 -11.58 40.63
C ARG A 181 17.36 -10.96 41.57
N LYS A 182 17.76 -10.60 42.79
CA LYS A 182 16.85 -9.96 43.77
C LYS A 182 16.23 -8.71 43.15
N ALA A 183 17.03 -7.89 42.47
CA ALA A 183 16.52 -6.63 41.87
C ALA A 183 15.44 -6.99 40.86
N ILE A 184 15.67 -7.99 40.00
CA ILE A 184 14.69 -8.31 38.93
C ILE A 184 13.45 -8.96 39.55
N ILE A 185 13.61 -9.87 40.51
CA ILE A 185 12.46 -10.52 41.18
C ILE A 185 11.61 -9.44 41.84
N ALA A 186 12.23 -8.39 42.41
CA ALA A 186 11.51 -7.33 43.16
C ALA A 186 10.54 -6.55 42.22
N THR A 187 10.77 -6.56 40.91
CA THR A 187 9.89 -5.84 39.94
C THR A 187 8.56 -6.57 39.84
N ASP A 188 8.38 -7.70 40.48
CA ASP A 188 7.05 -8.37 40.51
C ASP A 188 6.17 -7.55 41.47
N LEU A 189 5.23 -6.76 40.95
CA LEU A 189 4.49 -5.79 41.81
C LEU A 189 3.78 -6.56 42.95
N ALA A 190 3.48 -7.86 42.80
CA ALA A 190 2.74 -8.63 43.82
C ALA A 190 3.59 -8.62 45.11
N LEU A 191 4.90 -8.49 44.99
CA LEU A 191 5.85 -8.55 46.14
C LEU A 191 6.05 -7.16 46.75
N TYR A 192 5.71 -6.09 46.04
CA TYR A 192 5.99 -4.69 46.46
C TYR A 192 5.23 -4.38 47.77
N PHE A 193 3.98 -4.78 47.86
CA PHE A 193 3.06 -4.43 48.98
C PHE A 193 3.69 -4.84 50.32
N GLY A 194 4.06 -6.11 50.47
CA GLY A 194 4.70 -6.60 51.71
C GLY A 194 6.06 -5.93 51.90
N ASN A 195 6.81 -5.75 50.84
CA ASN A 195 8.15 -5.12 50.96
C ASN A 195 8.01 -3.69 51.51
N ARG A 196 7.13 -2.89 50.96
CA ARG A 196 6.99 -1.48 51.40
C ARG A 196 6.45 -1.45 52.84
N LYS A 197 5.48 -2.29 53.17
CA LYS A 197 4.89 -2.37 54.53
C LYS A 197 6.00 -2.60 55.55
N GLN A 198 6.93 -3.50 55.26
CA GLN A 198 8.04 -3.86 56.16
C GLN A 198 9.01 -2.69 56.25
N LEU A 199 9.32 -2.07 55.12
CA LEU A 199 10.19 -0.87 55.13
C LEU A 199 9.52 0.23 55.95
N GLU A 200 8.20 0.40 55.83
CA GLU A 200 7.43 1.42 56.58
C GLU A 200 7.66 1.16 58.09
N GLU A 201 7.37 -0.03 58.59
CA GLU A 201 7.54 -0.40 60.03
C GLU A 201 8.98 -0.12 60.46
N MET A 202 9.97 -0.64 59.72
CA MET A 202 11.40 -0.51 60.08
C MET A 202 11.75 0.97 60.18
N TYR A 203 11.34 1.77 59.20
CA TYR A 203 11.71 3.21 59.18
C TYR A 203 11.13 3.90 60.42
N GLN A 204 9.87 3.58 60.74
CA GLN A 204 9.04 4.23 61.79
C GLN A 204 9.45 3.79 63.20
N THR A 205 9.79 2.52 63.44
CA THR A 205 10.31 2.05 64.75
C THR A 205 11.82 2.32 64.85
N GLY A 206 12.46 2.85 63.80
CA GLY A 206 13.88 3.26 63.81
C GLY A 206 14.85 2.08 63.66
N SER A 207 14.36 0.89 63.35
CA SER A 207 15.19 -0.35 63.19
C SER A 207 15.83 -0.43 61.78
N LEU A 208 15.55 0.49 60.85
CA LEU A 208 16.12 0.40 59.49
C LEU A 208 17.63 0.58 59.60
N ASN A 209 18.40 -0.32 59.01
CA ASN A 209 19.87 -0.32 59.15
C ASN A 209 20.50 -0.70 57.81
N LEU A 210 21.02 0.26 57.05
CA LEU A 210 21.61 0.00 55.71
C LEU A 210 22.87 -0.88 55.81
N ASN A 211 23.38 -1.24 56.99
CA ASN A 211 24.52 -2.18 57.12
C ASN A 211 24.01 -3.63 57.18
N ASN A 212 22.72 -3.82 57.46
CA ASN A 212 22.03 -5.12 57.41
C ASN A 212 21.73 -5.44 55.93
N GLN A 213 22.31 -6.52 55.41
CA GLN A 213 22.11 -6.93 54.01
C GLN A 213 20.60 -7.12 53.72
N SER A 214 19.85 -7.77 54.61
CA SER A 214 18.39 -8.05 54.40
C SER A 214 17.65 -6.71 54.23
N HIS A 215 18.13 -5.66 54.87
CA HIS A 215 17.51 -4.32 54.84
C HIS A 215 17.86 -3.64 53.51
N ARG A 216 19.14 -3.70 53.10
CA ARG A 216 19.61 -3.12 51.83
C ARG A 216 18.79 -3.74 50.70
N ASP A 217 18.69 -5.07 50.74
CA ASP A 217 17.91 -5.85 49.76
C ASP A 217 16.51 -5.26 49.65
N ARG A 218 15.86 -4.99 50.79
CA ARG A 218 14.48 -4.43 50.82
C ARG A 218 14.47 -3.03 50.16
N VAL A 219 15.45 -2.19 50.46
CA VAL A 219 15.55 -0.79 49.94
C VAL A 219 15.82 -0.84 48.42
N ILE A 220 16.71 -1.71 47.99
CA ILE A 220 16.94 -1.92 46.53
C ILE A 220 15.64 -2.40 45.87
N GLY A 221 14.93 -3.32 46.49
CA GLY A 221 13.60 -3.74 46.02
C GLY A 221 12.71 -2.55 45.71
N LEU A 222 12.58 -1.63 46.66
CA LEU A 222 11.67 -0.47 46.56
C LEU A 222 12.17 0.49 45.48
N MET A 223 13.48 0.74 45.39
CA MET A 223 14.09 1.49 44.26
C MET A 223 13.65 0.84 42.93
N MET A 224 13.66 -0.50 42.83
CA MET A 224 13.28 -1.22 41.59
C MET A 224 11.80 -0.94 41.30
N THR A 225 10.91 -0.97 42.30
CA THR A 225 9.48 -0.65 42.08
C THR A 225 9.38 0.81 41.58
N ALA A 226 10.03 1.71 42.31
CA ALA A 226 10.05 3.16 42.02
C ALA A 226 10.49 3.37 40.57
N CYS A 227 11.58 2.74 40.12
CA CYS A 227 12.09 2.92 38.74
C CYS A 227 11.10 2.32 37.75
N ASP A 228 10.58 1.14 38.08
CA ASP A 228 9.66 0.42 37.17
C ASP A 228 8.38 1.19 36.94
N LEU A 229 7.91 1.95 37.94
CA LEU A 229 6.60 2.67 37.86
C LEU A 229 6.82 4.10 37.38
N CYS A 230 8.06 4.49 37.00
CA CYS A 230 8.50 5.91 36.84
C CYS A 230 7.69 6.62 35.76
N SER A 231 6.90 5.93 34.96
CA SER A 231 5.92 6.57 34.03
C SER A 231 5.09 7.62 34.78
N VAL A 232 4.77 7.35 36.05
CA VAL A 232 3.85 8.22 36.84
C VAL A 232 4.61 9.40 37.42
N THR A 233 5.91 9.53 37.18
CA THR A 233 6.75 10.61 37.74
C THR A 233 7.29 11.51 36.64
N LYS A 234 6.78 11.38 35.42
CA LYS A 234 7.19 12.24 34.29
C LYS A 234 6.32 13.50 34.24
N LEU A 235 6.62 14.40 33.32
CA LEU A 235 5.71 15.55 33.13
C LEU A 235 4.43 15.00 32.51
N TRP A 236 3.32 15.66 32.77
CA TRP A 236 1.96 15.13 32.52
C TRP A 236 1.82 14.64 31.08
N PRO A 237 2.28 15.38 30.04
CA PRO A 237 2.08 14.91 28.67
C PRO A 237 2.75 13.54 28.40
N VAL A 238 3.92 13.30 29.02
CA VAL A 238 4.64 11.99 28.91
C VAL A 238 3.85 10.92 29.68
N THR A 239 3.44 11.22 30.91
CA THR A 239 2.62 10.31 31.71
C THR A 239 1.34 9.89 30.96
N LYS A 240 0.62 10.86 30.44
CA LYS A 240 -0.67 10.61 29.75
C LYS A 240 -0.43 9.75 28.51
N LEU A 241 0.60 10.02 27.71
CA LEU A 241 0.83 9.28 26.43
C LEU A 241 1.38 7.90 26.75
N THR A 242 2.20 7.73 27.78
CA THR A 242 2.62 6.38 28.23
C THR A 242 1.42 5.54 28.70
N ALA A 243 0.45 6.13 29.40
CA ALA A 243 -0.76 5.41 29.88
C ALA A 243 -1.44 4.69 28.71
N ASN A 244 -1.45 5.29 27.51
CA ASN A 244 -2.04 4.67 26.28
C ASN A 244 -1.34 3.35 25.97
N ASP A 245 -0.01 3.34 26.04
CA ASP A 245 0.79 2.13 25.72
C ASP A 245 0.49 1.11 26.79
N ILE A 246 0.43 1.54 28.05
CA ILE A 246 0.18 0.60 29.16
C ILE A 246 -1.17 -0.06 28.90
N TYR A 247 -2.17 0.72 28.52
CA TYR A 247 -3.57 0.19 28.47
C TYR A 247 -3.75 -0.65 27.21
N ALA A 248 -2.93 -0.40 26.19
CA ALA A 248 -2.95 -1.18 24.94
C ALA A 248 -2.59 -2.63 25.29
N GLU A 249 -1.61 -2.87 26.15
CA GLU A 249 -1.30 -4.24 26.61
C GLU A 249 -2.44 -4.77 27.49
N PHE A 250 -2.93 -3.98 28.44
CA PHE A 250 -3.99 -4.42 29.38
C PHE A 250 -5.19 -4.92 28.59
N TRP A 251 -5.63 -4.13 27.61
CA TRP A 251 -6.80 -4.43 26.75
C TRP A 251 -6.56 -5.68 25.87
N ALA A 252 -5.36 -5.86 25.30
CA ALA A 252 -4.96 -7.10 24.59
C ALA A 252 -5.09 -8.29 25.55
N GLU A 253 -4.58 -8.17 26.77
CA GLU A 253 -4.68 -9.25 27.78
C GLU A 253 -6.17 -9.55 28.06
N GLY A 254 -6.99 -8.51 28.19
CA GLY A 254 -8.42 -8.71 28.52
C GLY A 254 -9.11 -9.45 27.39
N ASP A 255 -8.75 -9.08 26.15
CA ASP A 255 -9.25 -9.76 24.92
C ASP A 255 -8.89 -11.25 24.98
N GLU A 256 -7.63 -11.58 25.34
CA GLU A 256 -7.15 -12.98 25.48
C GLU A 256 -7.85 -13.68 26.65
N MET A 257 -8.14 -12.98 27.74
CA MET A 257 -8.97 -13.55 28.83
C MET A 257 -10.33 -13.96 28.23
N LYS A 258 -10.98 -13.07 27.48
CA LYS A 258 -12.33 -13.32 26.91
C LYS A 258 -12.25 -14.53 25.98
N LYS A 259 -11.12 -14.75 25.30
CA LYS A 259 -10.89 -15.93 24.44
C LYS A 259 -10.79 -17.23 25.25
N LEU A 260 -10.22 -17.18 26.43
CA LEU A 260 -10.22 -18.31 27.38
C LEU A 260 -11.59 -18.44 28.06
N GLY A 261 -12.59 -17.62 27.73
CA GLY A 261 -13.91 -17.63 28.37
C GLY A 261 -13.86 -17.14 29.82
N ILE A 262 -13.05 -16.12 30.12
CA ILE A 262 -12.96 -15.46 31.45
C ILE A 262 -13.23 -13.97 31.26
N GLN A 263 -14.25 -13.42 31.91
CA GLN A 263 -14.46 -11.95 31.92
C GLN A 263 -13.22 -11.37 32.60
N PRO A 264 -12.49 -10.43 31.98
CA PRO A 264 -11.31 -9.87 32.61
C PRO A 264 -11.74 -8.83 33.67
N ILE A 265 -10.83 -8.41 34.52
CA ILE A 265 -11.12 -7.26 35.43
C ILE A 265 -11.40 -6.04 34.55
N PRO A 266 -12.18 -5.03 35.01
CA PRO A 266 -12.51 -3.86 34.18
C PRO A 266 -11.28 -3.12 33.60
N MET A 267 -10.18 -3.03 34.36
CA MET A 267 -8.90 -2.40 33.94
C MET A 267 -8.42 -3.00 32.61
N MET A 268 -8.72 -4.27 32.33
CA MET A 268 -8.26 -4.99 31.12
C MET A 268 -9.37 -5.07 30.07
N ASP A 269 -10.56 -4.54 30.33
CA ASP A 269 -11.70 -4.64 29.39
C ASP A 269 -11.75 -3.39 28.53
N ARG A 270 -11.52 -3.48 27.22
CA ARG A 270 -11.52 -2.26 26.35
C ARG A 270 -12.94 -1.68 26.20
N ASP A 271 -13.98 -2.40 26.64
CA ASP A 271 -15.37 -1.87 26.61
C ASP A 271 -15.59 -0.93 27.79
N LYS A 272 -14.67 -0.89 28.77
CA LYS A 272 -14.78 -0.07 30.01
C LYS A 272 -13.65 0.97 30.08
N LYS A 273 -13.36 1.64 28.96
CA LYS A 273 -12.34 2.73 28.86
C LYS A 273 -12.72 3.95 29.70
N ASP A 274 -14.02 4.27 29.77
CA ASP A 274 -14.60 5.33 30.64
C ASP A 274 -14.02 5.23 32.07
N GLU A 275 -13.70 4.02 32.57
CA GLU A 275 -13.32 3.79 34.00
C GLU A 275 -11.82 4.00 34.24
N VAL A 276 -11.06 4.29 33.19
CA VAL A 276 -9.57 4.42 33.25
C VAL A 276 -9.18 5.52 34.23
N PRO A 277 -9.67 6.76 34.06
CA PRO A 277 -9.29 7.84 34.98
C PRO A 277 -9.43 7.48 36.47
N GLN A 278 -10.56 6.85 36.85
CA GLN A 278 -10.80 6.39 38.24
C GLN A 278 -9.89 5.19 38.56
N GLY A 279 -9.62 4.30 37.60
CA GLY A 279 -8.60 3.24 37.77
C GLY A 279 -7.20 3.80 38.04
N GLN A 280 -6.80 4.87 37.37
CA GLN A 280 -5.49 5.55 37.64
C GLN A 280 -5.47 6.14 39.06
N LEU A 281 -6.55 6.78 39.52
CA LEU A 281 -6.62 7.32 40.92
C LEU A 281 -6.29 6.23 41.95
N GLY A 282 -6.96 5.07 41.83
CA GLY A 282 -6.81 3.92 42.76
C GLY A 282 -5.37 3.49 42.79
N PHE A 283 -4.82 3.37 41.58
CA PHE A 283 -3.41 2.96 41.40
C PHE A 283 -2.47 3.97 42.05
N TYR A 284 -2.65 5.28 41.84
CA TYR A 284 -1.76 6.30 42.44
C TYR A 284 -1.83 6.20 43.97
N ASN A 285 -3.06 6.08 44.50
CA ASN A 285 -3.31 6.08 45.97
C ASN A 285 -2.86 4.75 46.60
N ALA A 286 -3.17 3.60 45.97
CA ALA A 286 -2.85 2.26 46.52
C ALA A 286 -1.40 1.85 46.26
N VAL A 287 -0.76 2.36 45.19
CA VAL A 287 0.59 1.85 44.81
C VAL A 287 1.62 2.97 44.75
N ALA A 288 1.46 3.91 43.80
CA ALA A 288 2.50 4.87 43.39
C ALA A 288 2.91 5.77 44.59
N ILE A 289 1.94 6.48 45.18
CA ILE A 289 2.20 7.51 46.26
C ILE A 289 2.83 6.83 47.49
N PRO A 290 2.26 5.71 47.98
CA PRO A 290 2.90 4.96 49.06
C PRO A 290 4.33 4.55 48.75
N CYS A 291 4.57 4.11 47.49
CA CYS A 291 5.92 3.72 47.00
C CYS A 291 6.90 4.88 47.12
N TYR A 292 6.61 6.02 46.49
CA TYR A 292 7.56 7.16 46.45
C TYR A 292 7.64 7.88 47.83
N THR A 293 6.58 7.82 48.64
CA THR A 293 6.59 8.32 50.05
C THR A 293 7.64 7.56 50.89
N THR A 294 7.55 6.22 50.93
CA THR A 294 8.51 5.38 51.70
C THR A 294 9.90 5.58 51.10
N LEU A 295 10.00 5.64 49.77
CA LEU A 295 11.32 5.87 49.12
C LEU A 295 11.87 7.22 49.59
N THR A 296 11.03 8.24 49.67
CA THR A 296 11.51 9.60 50.06
C THR A 296 11.92 9.60 51.54
N GLN A 297 11.22 8.87 52.40
CA GLN A 297 11.61 8.68 53.83
C GLN A 297 13.01 8.10 53.91
N ILE A 298 13.27 7.01 53.17
CA ILE A 298 14.56 6.27 53.27
C ILE A 298 15.67 7.05 52.54
N LEU A 299 15.37 7.64 51.38
CA LEU A 299 16.37 8.32 50.51
C LEU A 299 15.82 9.70 50.16
N PRO A 300 16.01 10.69 51.07
CA PRO A 300 15.46 12.02 50.91
C PRO A 300 15.68 12.67 49.56
N PRO A 301 16.87 12.60 48.95
CA PRO A 301 17.01 13.22 47.63
C PRO A 301 16.13 12.67 46.47
N THR A 302 15.29 11.64 46.68
CA THR A 302 14.36 11.12 45.63
C THR A 302 12.98 11.78 45.76
N GLU A 303 12.89 12.86 46.53
CA GLU A 303 11.60 13.58 46.76
C GLU A 303 11.00 14.08 45.45
N PRO A 304 11.79 14.51 44.42
CA PRO A 304 11.19 14.99 43.16
C PRO A 304 10.27 13.96 42.49
N LEU A 305 10.56 12.65 42.66
CA LEU A 305 9.71 11.54 42.15
C LEU A 305 8.36 11.61 42.84
N LEU A 306 8.34 11.76 44.18
CA LEU A 306 7.05 11.86 44.94
C LEU A 306 6.28 13.12 44.51
N LYS A 307 6.96 14.25 44.34
CA LYS A 307 6.34 15.54 43.93
C LYS A 307 5.71 15.37 42.53
N ALA A 308 6.46 14.82 41.58
CA ALA A 308 5.95 14.59 40.20
C ALA A 308 4.75 13.64 40.26
N CYS A 309 4.82 12.60 41.09
CA CYS A 309 3.71 11.63 41.21
C CYS A 309 2.46 12.35 41.72
N ARG A 310 2.57 13.16 42.76
CA ARG A 310 1.40 13.92 43.29
CA ARG A 310 1.42 13.94 43.31
C ARG A 310 0.89 14.86 42.20
N ASP A 311 1.79 15.46 41.41
CA ASP A 311 1.32 16.39 40.34
C ASP A 311 0.43 15.63 39.36
N ASN A 312 0.84 14.39 39.00
CA ASN A 312 0.10 13.54 38.04
C ASN A 312 -1.21 13.07 38.69
N LEU A 313 -1.22 12.71 39.97
CA LEU A 313 -2.50 12.36 40.66
C LEU A 313 -3.48 13.51 40.41
N SER A 314 -3.01 14.73 40.59
CA SER A 314 -3.88 15.95 40.50
C SER A 314 -4.38 16.10 39.06
N GLN A 315 -3.54 15.79 38.07
CA GLN A 315 -3.94 15.82 36.64
C GLN A 315 -5.04 14.79 36.35
N TRP A 316 -4.94 13.57 36.88
CA TRP A 316 -6.00 12.54 36.73
C TRP A 316 -7.27 13.02 37.45
N GLU A 317 -7.15 13.64 38.62
CA GLU A 317 -8.37 14.19 39.30
C GLU A 317 -9.08 15.18 38.35
N LYS A 318 -8.31 16.00 37.62
CA LYS A 318 -8.83 16.99 36.64
C LYS A 318 -9.47 16.28 35.45
N VAL A 319 -8.90 15.20 34.92
CA VAL A 319 -9.58 14.45 33.82
C VAL A 319 -10.98 14.03 34.30
N ILE A 320 -11.12 13.57 35.54
CA ILE A 320 -12.41 13.03 36.08
C ILE A 320 -13.41 14.19 36.17
N ARG A 321 -12.99 15.33 36.72
CA ARG A 321 -13.83 16.56 36.84
C ARG A 321 -14.13 17.16 35.45
N GLY A 322 -13.86 16.42 34.38
CA GLY A 322 -14.08 16.81 32.98
C GLY A 322 -13.34 18.09 32.58
N GLU A 323 -12.41 18.60 33.40
CA GLU A 323 -11.60 19.82 33.08
C GLU A 323 -10.55 19.48 32.01
N GLU A 324 -10.35 18.18 31.73
CA GLU A 324 -9.66 17.64 30.51
C GLU A 324 -9.97 16.14 30.37
N GLN B 11 23.21 -10.38 -22.08
CA GLN B 11 22.19 -9.83 -21.14
C GLN B 11 22.12 -8.30 -21.28
N GLY B 12 22.00 -7.79 -22.52
CA GLY B 12 22.08 -6.34 -22.85
C GLY B 12 20.75 -5.78 -23.32
N LEU B 13 20.04 -6.53 -24.16
CA LEU B 13 18.73 -6.15 -24.75
C LEU B 13 17.57 -6.64 -23.86
N MET B 14 17.76 -6.57 -22.53
CA MET B 14 16.66 -6.70 -21.53
C MET B 14 16.03 -5.33 -21.33
N GLN B 15 14.71 -5.29 -21.43
CA GLN B 15 13.92 -4.13 -20.94
C GLN B 15 12.92 -4.65 -19.91
N PHE B 16 12.62 -3.84 -18.91
CA PHE B 16 11.57 -4.16 -17.93
C PHE B 16 10.23 -3.90 -18.60
N THR B 17 9.28 -4.80 -18.40
CA THR B 17 7.87 -4.59 -18.82
C THR B 17 7.02 -4.56 -17.56
N LEU B 18 5.88 -3.91 -17.68
CA LEU B 18 4.87 -3.83 -16.62
C LEU B 18 3.64 -4.50 -17.16
N PRO B 19 2.78 -5.05 -16.29
CA PRO B 19 1.43 -5.44 -16.70
C PRO B 19 0.81 -4.28 -17.48
N VAL B 20 -0.13 -4.62 -18.36
CA VAL B 20 -0.74 -3.68 -19.33
C VAL B 20 -1.26 -2.44 -18.59
N ARG B 21 -2.05 -2.62 -17.52
CA ARG B 21 -2.74 -1.51 -16.83
C ARG B 21 -1.70 -0.57 -16.22
N LEU B 22 -0.55 -1.07 -15.77
CA LEU B 22 0.47 -0.16 -15.17
C LEU B 22 1.17 0.57 -16.33
N CYS B 23 1.52 -0.16 -17.37
CA CYS B 23 2.27 0.31 -18.55
C CYS B 23 1.60 1.58 -19.11
N LYS B 24 0.27 1.60 -19.13
CA LYS B 24 -0.56 2.72 -19.62
C LYS B 24 -0.74 3.80 -18.54
N GLU B 25 -0.97 3.44 -17.29
CA GLU B 25 -1.37 4.42 -16.24
C GLU B 25 -0.10 5.19 -15.82
N ILE B 26 1.06 4.56 -15.93
CA ILE B 26 2.31 5.13 -15.35
C ILE B 26 2.67 6.44 -16.06
N GLU B 27 2.19 6.63 -17.30
CA GLU B 27 2.47 7.86 -18.08
C GLU B 27 1.62 9.00 -17.55
N LEU B 28 0.54 8.72 -16.82
CA LEU B 28 -0.35 9.75 -16.21
C LEU B 28 0.28 10.29 -14.89
N PHE B 29 0.13 11.59 -14.66
CA PHE B 29 0.63 12.28 -13.45
C PHE B 29 -0.03 11.68 -12.20
N HIS B 30 -1.28 11.24 -12.29
CA HIS B 30 -2.04 10.81 -11.09
C HIS B 30 -1.87 9.31 -10.83
N PHE B 31 -0.91 8.65 -11.48
CA PHE B 31 -0.65 7.21 -11.27
C PHE B 31 -0.36 6.97 -9.78
N ASP B 32 -0.94 5.92 -9.22
CA ASP B 32 -0.61 5.45 -7.85
C ASP B 32 0.16 4.15 -8.03
N ILE B 33 1.30 3.97 -7.33
CA ILE B 33 2.22 2.83 -7.59
C ILE B 33 1.72 1.52 -6.96
N GLY B 34 0.62 1.55 -6.23
CA GLY B 34 -0.01 0.35 -5.69
C GLY B 34 0.62 -0.14 -4.39
N PRO B 35 -0.01 -1.14 -3.73
CA PRO B 35 0.42 -1.67 -2.43
C PRO B 35 1.39 -2.84 -2.47
N PHE B 36 1.80 -3.28 -3.65
CA PHE B 36 2.76 -4.40 -3.81
C PHE B 36 4.18 -3.85 -3.81
N GLU B 37 4.81 -3.79 -2.64
CA GLU B 37 6.18 -3.28 -2.39
C GLU B 37 7.17 -3.90 -3.37
N ASN B 38 7.06 -5.20 -3.66
CA ASN B 38 8.05 -5.97 -4.47
C ASN B 38 8.02 -5.53 -5.94
N MET B 39 6.97 -4.84 -6.37
CA MET B 39 6.93 -4.27 -7.73
C MET B 39 7.59 -2.88 -7.83
N TRP B 40 7.84 -2.19 -6.72
CA TRP B 40 8.28 -0.76 -6.79
C TRP B 40 9.63 -0.66 -7.47
N PRO B 41 10.64 -1.50 -7.15
CA PRO B 41 11.93 -1.37 -7.80
C PRO B 41 11.78 -1.49 -9.32
N GLY B 42 10.97 -2.44 -9.78
CA GLY B 42 10.79 -2.70 -11.22
C GLY B 42 10.17 -1.49 -11.88
N ILE B 43 9.18 -0.89 -11.22
CA ILE B 43 8.50 0.37 -11.66
C ILE B 43 9.59 1.44 -11.81
N PHE B 44 10.51 1.54 -10.84
CA PHE B 44 11.55 2.59 -10.89
C PHE B 44 12.51 2.34 -12.07
N VAL B 45 13.00 1.10 -12.21
CA VAL B 45 13.94 0.71 -13.31
C VAL B 45 13.26 0.95 -14.66
N TYR B 46 11.99 0.60 -14.76
CA TYR B 46 11.18 0.88 -15.98
C TYR B 46 11.23 2.37 -16.30
N MET B 47 11.09 3.21 -15.27
CA MET B 47 11.04 4.68 -15.47
C MET B 47 12.40 5.18 -15.90
N VAL B 48 13.47 4.72 -15.28
CA VAL B 48 14.87 5.09 -15.67
C VAL B 48 15.13 4.71 -17.13
N HIS B 49 14.74 3.50 -17.55
CA HIS B 49 15.05 2.93 -18.88
C HIS B 49 14.33 3.75 -19.96
N ARG B 50 13.07 4.11 -19.76
CA ARG B 50 12.30 4.91 -20.75
C ARG B 50 12.71 6.37 -20.63
N SER B 51 13.00 6.85 -19.43
CA SER B 51 13.26 8.30 -19.23
C SER B 51 14.62 8.63 -19.83
N CYS B 52 15.65 7.84 -19.59
CA CYS B 52 16.99 8.25 -20.07
C CYS B 52 17.73 7.12 -20.79
N GLY B 53 17.22 5.89 -20.86
CA GLY B 53 17.78 4.82 -21.73
C GLY B 53 18.19 3.54 -20.98
N THR B 54 18.17 2.41 -21.69
CA THR B 54 18.55 1.05 -21.22
C THR B 54 20.05 1.01 -20.88
N SER B 55 20.79 2.06 -21.26
CA SER B 55 22.27 2.17 -21.16
C SER B 55 22.70 3.16 -20.08
N CYS B 56 21.77 3.94 -19.51
CA CYS B 56 22.06 5.02 -18.52
C CYS B 56 22.91 4.45 -17.38
N PHE B 57 22.65 3.21 -17.01
CA PHE B 57 23.23 2.52 -15.83
C PHE B 57 23.45 1.04 -16.15
N GLU B 58 24.55 0.47 -15.66
CA GLU B 58 24.73 -0.99 -15.60
C GLU B 58 23.61 -1.50 -14.68
N LEU B 59 22.78 -2.42 -15.19
CA LEU B 59 21.58 -2.95 -14.51
C LEU B 59 21.93 -3.56 -13.14
N GLU B 60 23.04 -4.30 -13.03
CA GLU B 60 23.49 -4.99 -11.79
C GLU B 60 23.69 -3.92 -10.71
N LYS B 61 24.54 -2.91 -10.97
CA LYS B 61 24.84 -1.77 -10.05
C LYS B 61 23.56 -1.02 -9.65
N LEU B 62 22.68 -0.73 -10.60
CA LEU B 62 21.42 0.04 -10.34
C LEU B 62 20.56 -0.74 -9.35
N CME B 63 20.38 -2.03 -9.57
CA CME B 63 19.57 -2.91 -8.69
CB CME B 63 19.29 -4.29 -9.31
SG CME B 63 18.07 -4.32 -10.66
SD CME B 63 16.32 -3.74 -9.73
CE CME B 63 15.58 -5.24 -9.01
CZ CME B 63 14.64 -5.89 -9.97
OH CME B 63 14.47 -7.25 -9.67
C CME B 63 20.26 -2.96 -7.32
O CME B 63 19.59 -2.88 -6.33
N ARG B 64 21.59 -2.99 -7.28
CA ARG B 64 22.28 -3.03 -5.96
C ARG B 64 22.01 -1.68 -5.24
N PHE B 65 22.11 -0.56 -5.97
CA PHE B 65 21.83 0.82 -5.49
C PHE B 65 20.40 0.91 -4.93
N ILE B 66 19.41 0.57 -5.75
CA ILE B 66 17.96 0.58 -5.39
C ILE B 66 17.72 -0.16 -4.06
N MET B 67 18.29 -1.37 -3.90
CA MET B 67 17.99 -2.22 -2.72
C MET B 67 18.67 -1.63 -1.49
N SER B 68 19.87 -1.10 -1.61
CA SER B 68 20.50 -0.35 -0.50
C SER B 68 19.67 0.92 -0.15
N VAL B 69 19.11 1.64 -1.13
CA VAL B 69 18.32 2.86 -0.85
C VAL B 69 17.08 2.42 -0.07
N LYS B 70 16.34 1.43 -0.58
CA LYS B 70 15.13 0.90 0.10
C LYS B 70 15.43 0.55 1.57
N LYS B 71 16.50 -0.20 1.78
CA LYS B 71 16.95 -0.62 3.12
C LYS B 71 17.19 0.59 4.03
N ASN B 72 17.55 1.77 3.52
CA ASN B 72 17.86 2.96 4.36
C ASN B 72 16.65 3.91 4.51
N TYR B 73 15.46 3.51 4.07
CA TYR B 73 14.17 4.16 4.43
C TYR B 73 13.58 3.39 5.59
N ARG B 74 12.89 4.07 6.47
CA ARG B 74 12.39 3.50 7.74
C ARG B 74 10.89 3.23 7.62
N ARG B 75 10.37 2.43 8.52
CA ARG B 75 8.95 2.00 8.48
C ARG B 75 8.17 3.05 9.24
N VAL B 76 8.05 4.21 8.62
CA VAL B 76 7.30 5.36 9.14
C VAL B 76 6.04 5.48 8.30
N PRO B 77 5.00 6.17 8.82
CA PRO B 77 3.71 6.21 8.14
C PRO B 77 3.76 6.87 6.74
N TYR B 78 4.63 7.87 6.52
CA TYR B 78 4.59 8.66 5.27
C TYR B 78 5.96 8.77 4.61
N HIS B 79 7.00 9.20 5.32
CA HIS B 79 8.36 9.42 4.76
C HIS B 79 9.11 8.10 4.60
N ASN B 80 8.53 7.24 3.80
CA ASN B 80 8.96 5.83 3.64
C ASN B 80 9.30 5.54 2.19
N TRP B 81 9.70 4.30 1.90
CA TRP B 81 10.11 3.86 0.56
C TRP B 81 9.02 4.14 -0.48
N LYS B 82 7.74 4.02 -0.10
CA LYS B 82 6.63 4.25 -1.05
C LYS B 82 6.65 5.73 -1.48
N HIS B 83 6.93 6.65 -0.57
CA HIS B 83 6.99 8.10 -0.85
C HIS B 83 8.13 8.32 -1.85
N ALA B 84 9.29 7.72 -1.60
CA ALA B 84 10.50 7.86 -2.46
C ALA B 84 10.13 7.54 -3.93
N VAL B 85 9.50 6.40 -4.17
CA VAL B 85 9.21 5.91 -5.55
C VAL B 85 8.10 6.79 -6.14
N THR B 86 7.13 7.19 -5.33
CA THR B 86 6.01 8.04 -5.75
C THR B 86 6.57 9.39 -6.24
N VAL B 87 7.50 9.96 -5.50
CA VAL B 87 8.11 11.26 -5.87
C VAL B 87 8.93 11.05 -7.15
N ALA B 88 9.66 9.94 -7.29
CA ALA B 88 10.40 9.64 -8.53
C ALA B 88 9.41 9.51 -9.70
N HIS B 89 8.24 8.89 -9.50
CA HIS B 89 7.24 8.74 -10.58
C HIS B 89 6.76 10.13 -11.04
N CYS B 90 6.44 11.02 -10.11
CA CYS B 90 6.00 12.39 -10.51
C CYS B 90 7.09 13.04 -11.39
N MET B 91 8.37 12.91 -11.01
CA MET B 91 9.51 13.47 -11.78
C MET B 91 9.56 12.79 -13.15
N TYR B 92 9.36 11.47 -13.20
CA TYR B 92 9.29 10.71 -14.47
C TYR B 92 8.25 11.38 -15.39
N ALA B 93 7.04 11.63 -14.89
CA ALA B 93 5.92 12.23 -15.66
C ALA B 93 6.29 13.65 -16.15
N ILE B 94 6.98 14.46 -15.33
CA ILE B 94 7.43 15.82 -15.74
C ILE B 94 8.45 15.70 -16.88
N LEU B 95 9.45 14.82 -16.72
CA LEU B 95 10.55 14.62 -17.71
C LEU B 95 10.02 14.05 -19.02
N GLN B 96 9.05 13.15 -18.99
CA GLN B 96 8.51 12.49 -20.21
C GLN B 96 7.68 13.51 -21.01
N ASN B 97 7.02 14.47 -20.37
CA ASN B 97 6.23 15.54 -21.03
C ASN B 97 7.09 16.79 -21.33
N ASN B 98 8.39 16.81 -20.99
CA ASN B 98 9.30 17.93 -21.27
C ASN B 98 10.67 17.40 -21.73
N HIS B 99 10.70 16.37 -22.57
CA HIS B 99 11.91 15.51 -22.69
C HIS B 99 13.10 16.32 -23.26
N THR B 100 12.86 17.24 -24.20
CA THR B 100 13.95 17.98 -24.90
C THR B 100 14.49 19.12 -24.04
N LEU B 101 13.80 19.51 -22.97
CA LEU B 101 14.27 20.60 -22.06
C LEU B 101 15.48 20.17 -21.20
N PHE B 102 15.64 18.89 -20.86
CA PHE B 102 16.69 18.48 -19.90
C PHE B 102 17.75 17.65 -20.60
N THR B 103 18.98 17.77 -20.14
CA THR B 103 20.16 16.97 -20.58
C THR B 103 20.06 15.54 -20.02
N ASP B 104 20.86 14.62 -20.56
CA ASP B 104 20.85 13.19 -20.13
C ASP B 104 21.38 13.14 -18.69
N LEU B 105 22.34 14.01 -18.36
CA LEU B 105 22.87 14.16 -16.98
C LEU B 105 21.71 14.48 -16.03
N GLU B 106 20.90 15.46 -16.39
CA GLU B 106 19.76 15.92 -15.57
C GLU B 106 18.76 14.79 -15.42
N ARG B 107 18.40 14.10 -16.49
CA ARG B 107 17.37 13.01 -16.41
C ARG B 107 17.89 11.91 -15.47
N LYS B 108 19.15 11.50 -15.65
CA LYS B 108 19.89 10.57 -14.74
C LYS B 108 19.78 11.05 -13.29
N GLY B 109 20.28 12.25 -13.02
CA GLY B 109 20.43 12.80 -11.66
C GLY B 109 19.07 12.96 -10.96
N LEU B 110 18.03 13.37 -11.69
CA LEU B 110 16.79 13.83 -11.03
C LEU B 110 15.98 12.62 -10.57
N LEU B 111 15.96 11.50 -11.30
CA LEU B 111 15.21 10.32 -10.82
C LEU B 111 15.94 9.76 -9.60
N ILE B 112 17.26 9.72 -9.62
CA ILE B 112 18.08 9.23 -8.48
C ILE B 112 17.88 10.21 -7.31
N ALA B 113 17.85 11.51 -7.58
CA ALA B 113 17.63 12.52 -6.52
C ALA B 113 16.29 12.24 -5.83
N CYS B 114 15.26 11.98 -6.63
CA CYS B 114 13.89 11.77 -6.12
C CYS B 114 13.85 10.52 -5.22
N LEU B 115 14.48 9.44 -5.65
CA LEU B 115 14.48 8.14 -4.94
C LEU B 115 15.18 8.30 -3.58
N CYS B 116 16.19 9.15 -3.52
CA CYS B 116 17.09 9.35 -2.35
C CYS B 116 16.66 10.54 -1.48
N HIS B 117 15.68 11.36 -1.88
CA HIS B 117 15.46 12.71 -1.30
C HIS B 117 15.03 12.65 0.16
N ASP B 118 14.52 11.53 0.67
CA ASP B 118 14.14 11.46 2.11
C ASP B 118 14.87 10.33 2.82
N LEU B 119 16.02 9.90 2.33
CA LEU B 119 16.75 8.73 2.88
C LEU B 119 16.88 8.91 4.41
N ASP B 120 16.56 7.86 5.13
CA ASP B 120 16.81 7.72 6.59
C ASP B 120 15.94 8.73 7.34
N HIS B 121 14.81 9.16 6.76
CA HIS B 121 13.81 10.01 7.46
C HIS B 121 13.26 9.30 8.72
N ARG B 122 13.05 10.05 9.81
CA ARG B 122 12.49 9.47 11.06
C ARG B 122 11.03 9.88 11.26
N GLY B 123 10.44 10.65 10.35
CA GLY B 123 9.03 11.09 10.46
C GLY B 123 8.91 12.38 11.24
N PHE B 124 10.01 13.10 11.44
CA PHE B 124 10.05 14.36 12.23
C PHE B 124 10.63 15.49 11.41
N SER B 125 10.08 16.69 11.59
CA SER B 125 10.48 17.93 10.90
C SER B 125 11.85 18.43 11.39
N ASN B 126 12.48 19.31 10.60
CA ASN B 126 13.71 20.02 11.03
C ASN B 126 13.48 20.76 12.37
N SER B 127 12.33 21.40 12.56
CA SER B 127 11.99 22.10 13.84
C SER B 127 12.06 21.11 14.98
N TYR B 128 11.46 19.93 14.87
CA TYR B 128 11.48 18.97 16.00
C TYR B 128 12.94 18.60 16.33
N LEU B 129 13.72 18.22 15.32
CA LEU B 129 15.17 17.89 15.51
C LEU B 129 15.89 19.05 16.23
N GLN B 130 15.57 20.29 15.90
CA GLN B 130 16.20 21.49 16.51
C GLN B 130 15.78 21.60 17.97
N LYS B 131 14.50 21.56 18.27
CA LYS B 131 13.99 21.68 19.66
C LYS B 131 14.43 20.48 20.51
N PHE B 132 14.58 19.30 19.93
CA PHE B 132 15.03 18.10 20.65
C PHE B 132 16.52 18.20 20.99
N ASP B 133 17.24 18.94 20.17
CA ASP B 133 18.72 19.04 20.21
C ASP B 133 19.28 17.72 19.67
N HIS B 134 18.74 17.21 18.56
CA HIS B 134 19.27 16.00 17.87
C HIS B 134 20.68 16.29 17.34
N PRO B 135 21.64 15.35 17.46
CA PRO B 135 22.98 15.51 16.87
C PRO B 135 22.98 16.03 15.42
N LEU B 136 22.03 15.61 14.60
CA LEU B 136 21.92 16.14 13.20
C LEU B 136 21.72 17.66 13.19
N ALA B 137 21.13 18.30 14.20
CA ALA B 137 20.88 19.76 14.19
C ALA B 137 22.17 20.55 14.43
N ALA B 138 23.15 19.95 15.11
CA ALA B 138 24.46 20.59 15.36
C ALA B 138 25.35 20.40 14.12
N LEU B 139 25.20 19.29 13.45
CA LEU B 139 25.96 18.99 12.23
C LEU B 139 25.44 19.86 11.07
N TYR B 140 24.14 20.09 10.97
CA TYR B 140 23.51 20.75 9.80
C TYR B 140 22.54 21.79 10.37
N SER B 141 22.98 23.04 10.46
CA SER B 141 22.21 24.08 11.18
C SER B 141 20.95 24.43 10.38
N THR B 142 20.98 24.39 9.04
CA THR B 142 19.75 24.64 8.23
C THR B 142 19.52 23.45 7.30
N SER B 143 18.29 23.31 6.85
CA SER B 143 17.90 22.20 5.96
C SER B 143 18.45 20.87 6.56
N THR B 144 18.30 20.70 7.87
CA THR B 144 18.97 19.65 8.67
C THR B 144 18.71 18.27 8.04
N MET B 145 17.45 17.87 7.91
CA MET B 145 17.19 16.52 7.39
C MET B 145 17.73 16.43 5.95
N GLU B 146 17.58 17.49 5.16
CA GLU B 146 17.89 17.40 3.71
C GLU B 146 19.41 17.28 3.51
N GLN B 147 20.23 17.95 4.31
CA GLN B 147 21.69 17.73 4.24
C GLN B 147 21.97 16.28 4.66
N HIS B 148 21.22 15.74 5.64
CA HIS B 148 21.35 14.33 6.07
C HIS B 148 21.01 13.39 4.91
N HIS B 149 19.90 13.62 4.20
CA HIS B 149 19.48 12.80 3.04
C HIS B 149 20.60 12.79 1.99
N PHE B 150 21.21 13.92 1.70
CA PHE B 150 22.19 14.00 0.61
C PHE B 150 23.41 13.16 1.02
N SER B 151 23.82 13.30 2.28
CA SER B 151 24.98 12.61 2.89
C SER B 151 24.77 11.10 2.89
N GLN B 152 23.56 10.64 3.11
CA GLN B 152 23.20 9.20 3.00
C GLN B 152 23.32 8.74 1.56
N THR B 153 22.93 9.58 0.60
CA THR B 153 22.94 9.29 -0.84
C THR B 153 24.39 9.05 -1.26
N VAL B 154 25.28 9.92 -0.81
CA VAL B 154 26.73 9.82 -1.17
C VAL B 154 27.34 8.56 -0.52
N SER B 155 26.97 8.26 0.72
CA SER B 155 27.40 7.02 1.45
C SER B 155 27.08 5.77 0.63
N ILE B 156 25.85 5.69 0.14
CA ILE B 156 25.40 4.46 -0.56
C ILE B 156 26.15 4.40 -1.88
N LEU B 157 26.40 5.54 -2.54
CA LEU B 157 27.09 5.57 -3.86
C LEU B 157 28.53 5.07 -3.74
N GLN B 158 29.13 5.19 -2.55
CA GLN B 158 30.54 4.80 -2.32
C GLN B 158 30.66 3.34 -1.83
N LEU B 159 29.55 2.67 -1.54
CA LEU B 159 29.53 1.23 -1.18
C LEU B 159 30.11 0.42 -2.35
N GLU B 160 30.85 -0.67 -2.07
CA GLU B 160 31.47 -1.57 -3.10
C GLU B 160 30.30 -1.96 -4.02
N GLY B 161 30.42 -1.72 -5.33
CA GLY B 161 29.49 -2.18 -6.37
C GLY B 161 28.25 -1.30 -6.48
N HIS B 162 28.23 -0.12 -5.85
CA HIS B 162 27.02 0.77 -5.85
C HIS B 162 27.22 2.03 -6.69
N ASN B 163 28.40 2.27 -7.27
CA ASN B 163 28.64 3.54 -8.03
C ASN B 163 28.03 3.47 -9.42
N ILE B 164 26.74 3.84 -9.50
CA ILE B 164 25.93 3.80 -10.74
C ILE B 164 26.46 4.81 -11.74
N PHE B 165 27.31 5.73 -11.31
CA PHE B 165 27.85 6.82 -12.17
C PHE B 165 29.30 6.49 -12.55
N SER B 166 29.68 5.20 -12.49
CA SER B 166 31.06 4.73 -12.74
C SER B 166 31.54 5.22 -14.11
N THR B 167 30.67 5.17 -15.14
CA THR B 167 31.00 5.40 -16.58
C THR B 167 31.23 6.89 -16.89
N LEU B 168 30.69 7.82 -16.09
CA LEU B 168 30.77 9.30 -16.31
C LEU B 168 32.22 9.80 -16.18
N SER B 169 32.62 10.78 -16.99
CA SER B 169 33.87 11.55 -16.76
C SER B 169 33.86 12.10 -15.33
N SER B 170 35.04 12.39 -14.80
CA SER B 170 35.18 12.95 -13.43
C SER B 170 34.45 14.30 -13.37
N SER B 171 34.29 14.98 -14.53
CA SER B 171 33.52 16.25 -14.68
C SER B 171 32.02 15.97 -14.72
N GLU B 172 31.56 15.05 -15.56
CA GLU B 172 30.13 14.68 -15.53
C GLU B 172 29.76 14.19 -14.12
N TYR B 173 30.65 13.47 -13.43
CA TYR B 173 30.36 12.82 -12.13
C TYR B 173 30.10 13.95 -11.14
N GLU B 174 30.97 14.94 -11.18
CA GLU B 174 30.91 16.11 -10.28
C GLU B 174 29.63 16.90 -10.56
N GLN B 175 29.23 17.00 -11.82
CA GLN B 175 28.04 17.79 -12.19
C GLN B 175 26.80 17.04 -11.69
N VAL B 176 26.72 15.72 -11.88
CA VAL B 176 25.48 14.98 -11.54
C VAL B 176 25.33 15.00 -10.01
N LEU B 177 26.42 14.91 -9.24
CA LEU B 177 26.36 14.96 -7.76
C LEU B 177 25.89 16.34 -7.32
N GLU B 178 26.26 17.37 -8.06
CA GLU B 178 25.85 18.76 -7.75
C GLU B 178 24.35 18.94 -8.08
N ILE B 179 23.87 18.41 -9.21
CA ILE B 179 22.41 18.37 -9.54
C ILE B 179 21.64 17.68 -8.39
N ILE B 180 22.11 16.51 -7.95
CA ILE B 180 21.45 15.68 -6.89
C ILE B 180 21.45 16.49 -5.57
N ARG B 181 22.56 17.09 -5.18
CA ARG B 181 22.65 17.85 -3.92
C ARG B 181 21.62 18.98 -3.98
N LYS B 182 21.73 19.85 -4.98
CA LYS B 182 20.81 21.00 -5.07
C LYS B 182 19.38 20.46 -5.14
N ALA B 183 19.11 19.37 -5.85
CA ALA B 183 17.70 18.92 -5.95
C ALA B 183 17.23 18.49 -4.56
N ILE B 184 18.08 17.82 -3.78
CA ILE B 184 17.65 17.24 -2.48
C ILE B 184 17.44 18.39 -1.47
N ILE B 185 18.38 19.33 -1.43
CA ILE B 185 18.25 20.55 -0.58
C ILE B 185 16.94 21.27 -0.90
N ALA B 186 16.53 21.35 -2.16
CA ALA B 186 15.33 22.13 -2.57
C ALA B 186 14.05 21.51 -1.96
N THR B 187 14.08 20.22 -1.54
CA THR B 187 12.91 19.56 -0.94
C THR B 187 12.66 20.12 0.47
N ASP B 188 13.55 20.94 1.00
CA ASP B 188 13.25 21.69 2.27
C ASP B 188 12.16 22.73 1.95
N LEU B 189 10.91 22.50 2.36
CA LEU B 189 9.79 23.38 1.96
C LEU B 189 10.03 24.83 2.43
N ALA B 190 10.85 25.07 3.46
CA ALA B 190 11.19 26.43 3.95
C ALA B 190 11.85 27.19 2.78
N LEU B 191 12.55 26.49 1.89
CA LEU B 191 13.30 27.13 0.79
C LEU B 191 12.39 27.35 -0.41
N TYR B 192 11.24 26.69 -0.46
CA TYR B 192 10.37 26.73 -1.65
C TYR B 192 9.77 28.15 -1.80
N PHE B 193 9.38 28.81 -0.70
CA PHE B 193 8.67 30.12 -0.77
C PHE B 193 9.52 31.12 -1.57
N GLY B 194 10.78 31.31 -1.18
CA GLY B 194 11.76 32.18 -1.86
C GLY B 194 11.99 31.75 -3.30
N ASN B 195 12.08 30.44 -3.56
CA ASN B 195 12.41 29.93 -4.90
C ASN B 195 11.22 30.21 -5.83
N ARG B 196 10.01 29.85 -5.44
CA ARG B 196 8.82 30.11 -6.27
C ARG B 196 8.66 31.63 -6.51
N LYS B 197 8.87 32.46 -5.50
CA LYS B 197 8.74 33.94 -5.64
C LYS B 197 9.72 34.45 -6.70
N GLN B 198 11.01 34.16 -6.59
CA GLN B 198 12.01 34.52 -7.63
C GLN B 198 11.64 33.99 -9.02
N LEU B 199 11.08 32.78 -9.13
CA LEU B 199 10.73 32.18 -10.46
C LEU B 199 9.51 32.88 -11.03
N GLU B 200 8.48 33.11 -10.21
CA GLU B 200 7.21 33.80 -10.58
C GLU B 200 7.59 35.18 -11.16
N GLU B 201 8.56 35.83 -10.56
CA GLU B 201 8.96 37.20 -10.96
C GLU B 201 9.77 37.14 -12.25
N MET B 202 10.78 36.25 -12.30
CA MET B 202 11.62 36.06 -13.51
C MET B 202 10.72 35.69 -14.70
N TYR B 203 9.77 34.79 -14.52
CA TYR B 203 8.85 34.34 -15.59
C TYR B 203 8.05 35.52 -16.10
N GLN B 204 7.34 36.19 -15.19
CA GLN B 204 6.24 37.11 -15.57
C GLN B 204 6.79 38.38 -16.21
N THR B 205 8.07 38.67 -16.05
CA THR B 205 8.79 39.80 -16.69
C THR B 205 9.47 39.35 -17.99
N GLY B 206 9.66 38.04 -18.17
CA GLY B 206 10.33 37.44 -19.34
C GLY B 206 11.83 37.42 -19.20
N SER B 207 12.37 37.45 -17.98
CA SER B 207 13.83 37.33 -17.75
C SER B 207 14.25 35.86 -17.56
N LEU B 208 13.30 34.93 -17.44
CA LEU B 208 13.63 33.52 -17.08
C LEU B 208 14.33 32.90 -18.28
N ASN B 209 15.55 32.44 -18.05
CA ASN B 209 16.48 31.94 -19.09
C ASN B 209 16.95 30.52 -18.74
N LEU B 210 16.38 29.50 -19.36
CA LEU B 210 16.75 28.08 -19.09
C LEU B 210 18.21 27.81 -19.48
N ASN B 211 18.93 28.72 -20.15
CA ASN B 211 20.37 28.54 -20.47
C ASN B 211 21.23 29.19 -19.39
N ASN B 212 20.56 29.87 -18.46
CA ASN B 212 21.19 30.39 -17.23
C ASN B 212 21.16 29.26 -16.17
N GLN B 213 22.31 28.75 -15.73
CA GLN B 213 22.43 27.58 -14.81
C GLN B 213 21.70 27.88 -13.48
N SER B 214 21.93 29.08 -12.97
CA SER B 214 21.25 29.66 -11.78
C SER B 214 19.73 29.62 -11.98
N HIS B 215 19.23 29.88 -13.18
CA HIS B 215 17.78 29.77 -13.49
C HIS B 215 17.39 28.29 -13.56
N ARG B 216 18.21 27.44 -14.18
CA ARG B 216 17.87 26.00 -14.34
C ARG B 216 17.74 25.39 -12.94
N ASP B 217 18.72 25.72 -12.09
CA ASP B 217 18.75 25.28 -10.66
C ASP B 217 17.40 25.60 -10.01
N ARG B 218 16.89 26.81 -10.21
CA ARG B 218 15.62 27.23 -9.60
C ARG B 218 14.46 26.41 -10.17
N VAL B 219 14.42 26.19 -11.48
CA VAL B 219 13.26 25.46 -12.07
C VAL B 219 13.33 24.02 -11.53
N ILE B 220 14.55 23.48 -11.41
CA ILE B 220 14.70 22.07 -10.93
C ILE B 220 14.20 22.03 -9.48
N GLY B 221 14.53 23.06 -8.72
CA GLY B 221 14.07 23.19 -7.33
C GLY B 221 12.57 23.15 -7.26
N LEU B 222 11.88 23.88 -8.14
CA LEU B 222 10.40 23.93 -8.12
C LEU B 222 9.87 22.56 -8.55
N MET B 223 10.52 21.95 -9.51
CA MET B 223 10.12 20.59 -9.97
C MET B 223 10.18 19.64 -8.77
N MET B 224 11.22 19.74 -7.94
CA MET B 224 11.40 18.89 -6.73
C MET B 224 10.27 19.15 -5.73
N THR B 225 9.91 20.41 -5.48
CA THR B 225 8.78 20.70 -4.58
C THR B 225 7.52 20.04 -5.14
N ALA B 226 7.23 20.27 -6.41
CA ALA B 226 6.03 19.76 -7.10
C ALA B 226 5.99 18.22 -6.98
N CYS B 227 7.08 17.52 -7.23
CA CYS B 227 7.13 16.05 -7.04
C CYS B 227 6.89 15.69 -5.56
N ASP B 228 7.54 16.44 -4.66
CA ASP B 228 7.50 16.12 -3.22
C ASP B 228 6.06 16.31 -2.69
N LEU B 229 5.27 17.24 -3.27
CA LEU B 229 3.91 17.53 -2.76
C LEU B 229 2.87 16.77 -3.55
N CYS B 230 3.28 15.86 -4.45
CA CYS B 230 2.41 15.30 -5.52
C CYS B 230 1.23 14.55 -4.91
N SER B 231 1.25 14.22 -3.61
CA SER B 231 0.07 13.68 -2.88
C SER B 231 -1.20 14.48 -3.25
N VAL B 232 -1.09 15.80 -3.34
CA VAL B 232 -2.25 16.71 -3.59
C VAL B 232 -2.67 16.67 -5.06
N THR B 233 -1.95 15.96 -5.94
CA THR B 233 -2.20 15.95 -7.41
C THR B 233 -2.78 14.58 -7.83
N LYS B 234 -3.07 13.72 -6.87
CA LYS B 234 -3.67 12.41 -7.19
C LYS B 234 -5.16 12.63 -7.30
N LEU B 235 -5.86 11.59 -7.73
CA LEU B 235 -7.34 11.57 -7.62
C LEU B 235 -7.74 11.56 -6.14
N TRP B 236 -8.87 12.17 -5.84
CA TRP B 236 -9.37 12.41 -4.46
C TRP B 236 -9.17 11.19 -3.54
N PRO B 237 -9.57 9.96 -3.89
CA PRO B 237 -9.44 8.85 -2.94
C PRO B 237 -8.00 8.59 -2.48
N VAL B 238 -7.03 8.71 -3.39
CA VAL B 238 -5.57 8.57 -3.07
C VAL B 238 -5.15 9.76 -2.19
N THR B 239 -5.50 10.98 -2.58
CA THR B 239 -5.18 12.23 -1.84
C THR B 239 -5.69 12.16 -0.39
N LYS B 240 -6.95 11.76 -0.21
CA LYS B 240 -7.60 11.65 1.11
C LYS B 240 -6.88 10.60 1.98
N LEU B 241 -6.60 9.40 1.45
CA LEU B 241 -5.96 8.31 2.23
C LEU B 241 -4.49 8.65 2.52
N THR B 242 -3.77 9.27 1.58
CA THR B 242 -2.39 9.74 1.84
C THR B 242 -2.40 10.78 2.96
N ALA B 243 -3.45 11.61 3.05
CA ALA B 243 -3.51 12.65 4.12
C ALA B 243 -3.52 11.96 5.50
N ASN B 244 -4.10 10.76 5.64
CA ASN B 244 -4.10 10.03 6.94
C ASN B 244 -2.65 9.67 7.33
N ASP B 245 -1.80 9.33 6.36
CA ASP B 245 -0.37 8.97 6.58
C ASP B 245 0.41 10.22 6.98
N ILE B 246 0.19 11.30 6.28
CA ILE B 246 0.95 12.55 6.51
C ILE B 246 0.65 13.00 7.95
N TYR B 247 -0.60 12.90 8.40
CA TYR B 247 -1.05 13.40 9.73
C TYR B 247 -0.67 12.41 10.83
N ALA B 248 -0.57 11.11 10.58
CA ALA B 248 -0.06 10.14 11.57
C ALA B 248 1.33 10.64 11.99
N GLU B 249 2.17 11.10 11.02
CA GLU B 249 3.52 11.63 11.37
C GLU B 249 3.37 12.95 12.12
N PHE B 250 2.56 13.88 11.61
CA PHE B 250 2.45 15.22 12.22
C PHE B 250 1.99 15.04 13.67
N TRP B 251 1.02 14.15 13.91
CA TRP B 251 0.45 13.95 15.28
C TRP B 251 1.51 13.35 16.20
N ALA B 252 2.30 12.38 15.72
CA ALA B 252 3.39 11.75 16.50
C ALA B 252 4.41 12.84 16.84
N GLU B 253 4.68 13.74 15.88
CA GLU B 253 5.61 14.86 16.12
C GLU B 253 5.01 15.79 17.18
N GLY B 254 3.73 16.19 17.03
CA GLY B 254 3.01 16.97 18.07
C GLY B 254 3.13 16.36 19.47
N ASP B 255 2.91 15.06 19.57
CA ASP B 255 3.00 14.32 20.84
C ASP B 255 4.43 14.50 21.39
N GLU B 256 5.44 14.37 20.52
CA GLU B 256 6.87 14.52 20.94
C GLU B 256 7.17 15.97 21.31
N MET B 257 6.51 16.95 20.72
CA MET B 257 6.63 18.38 21.16
C MET B 257 6.05 18.54 22.58
N LYS B 258 4.85 17.99 22.82
CA LYS B 258 4.21 17.99 24.16
C LYS B 258 5.17 17.35 25.16
N LYS B 259 5.83 16.25 24.81
CA LYS B 259 6.79 15.57 25.73
C LYS B 259 7.97 16.48 26.05
N LEU B 260 8.34 17.43 25.18
CA LEU B 260 9.43 18.40 25.43
C LEU B 260 8.90 19.60 26.21
N GLY B 261 7.61 19.65 26.46
CA GLY B 261 6.98 20.77 27.19
C GLY B 261 6.69 21.91 26.25
N ILE B 262 6.39 21.62 24.98
CA ILE B 262 6.12 22.67 23.94
C ILE B 262 4.76 22.37 23.33
N GLN B 263 3.85 23.34 23.35
CA GLN B 263 2.52 23.21 22.69
C GLN B 263 2.80 23.18 21.20
N PRO B 264 2.44 22.12 20.47
CA PRO B 264 2.74 22.07 19.04
C PRO B 264 1.82 23.06 18.33
N ILE B 265 2.14 23.40 17.09
CA ILE B 265 1.16 24.08 16.19
C ILE B 265 -0.04 23.14 15.99
N PRO B 266 -1.25 23.70 15.76
CA PRO B 266 -2.47 22.89 15.74
C PRO B 266 -2.43 21.75 14.72
N MET B 267 -1.75 21.96 13.60
CA MET B 267 -1.66 20.96 12.51
C MET B 267 -1.06 19.67 13.08
N MET B 268 -0.18 19.78 14.07
CA MET B 268 0.52 18.61 14.66
C MET B 268 -0.19 18.11 15.93
N ASP B 269 -1.33 18.68 16.30
CA ASP B 269 -1.98 18.42 17.60
C ASP B 269 -3.14 17.46 17.38
N ARG B 270 -3.00 16.20 17.79
CA ARG B 270 -4.05 15.18 17.51
C ARG B 270 -5.35 15.59 18.22
N ASP B 271 -5.31 16.42 19.26
CA ASP B 271 -6.56 16.91 19.90
C ASP B 271 -7.29 17.89 18.98
N LYS B 272 -6.72 18.33 17.85
CA LYS B 272 -7.36 19.33 16.96
C LYS B 272 -7.63 18.74 15.56
N LYS B 273 -7.99 17.46 15.48
CA LYS B 273 -8.33 16.74 14.24
C LYS B 273 -9.47 17.41 13.45
N ASP B 274 -10.42 18.04 14.12
CA ASP B 274 -11.60 18.68 13.47
C ASP B 274 -11.14 19.90 12.66
N GLU B 275 -9.94 20.45 12.93
CA GLU B 275 -9.35 21.59 12.17
C GLU B 275 -8.66 21.13 10.88
N VAL B 276 -8.62 19.83 10.56
CA VAL B 276 -7.73 19.31 9.47
C VAL B 276 -8.23 19.75 8.09
N PRO B 277 -9.54 19.66 7.77
CA PRO B 277 -10.02 20.12 6.45
C PRO B 277 -9.67 21.59 6.17
N GLN B 278 -9.81 22.47 7.16
CA GLN B 278 -9.45 23.91 7.01
C GLN B 278 -7.93 24.06 6.85
N GLY B 279 -7.14 23.25 7.57
CA GLY B 279 -5.66 23.26 7.44
C GLY B 279 -5.24 22.79 6.06
N GLN B 280 -5.93 21.80 5.47
CA GLN B 280 -5.65 21.37 4.08
C GLN B 280 -6.00 22.54 3.14
N LEU B 281 -7.21 23.12 3.29
CA LEU B 281 -7.65 24.31 2.48
C LEU B 281 -6.55 25.36 2.51
N GLY B 282 -5.96 25.63 3.68
CA GLY B 282 -5.00 26.72 3.84
C GLY B 282 -3.69 26.36 3.20
N PHE B 283 -3.35 25.07 3.22
CA PHE B 283 -2.10 24.60 2.60
C PHE B 283 -2.23 24.67 1.07
N TYR B 284 -3.37 24.31 0.49
CA TYR B 284 -3.56 24.40 -0.99
C TYR B 284 -3.47 25.88 -1.41
N ASN B 285 -4.19 26.78 -0.73
CA ASN B 285 -4.20 28.22 -1.09
C ASN B 285 -2.80 28.81 -0.95
N ALA B 286 -2.08 28.48 0.13
CA ALA B 286 -0.78 29.11 0.48
C ALA B 286 0.39 28.41 -0.22
N VAL B 287 0.33 27.10 -0.47
CA VAL B 287 1.56 26.38 -0.95
C VAL B 287 1.28 25.67 -2.28
N ALA B 288 0.33 24.74 -2.31
CA ALA B 288 0.18 23.81 -3.44
C ALA B 288 -0.28 24.56 -4.69
N ILE B 289 -1.34 25.37 -4.62
CA ILE B 289 -1.88 25.99 -5.87
C ILE B 289 -0.82 26.90 -6.50
N PRO B 290 -0.15 27.79 -5.74
CA PRO B 290 0.92 28.63 -6.31
C PRO B 290 2.08 27.83 -6.93
N CYS B 291 2.49 26.77 -6.24
CA CYS B 291 3.53 25.82 -6.70
C CYS B 291 3.20 25.34 -8.11
N TYR B 292 2.04 24.70 -8.30
CA TYR B 292 1.62 24.04 -9.56
C TYR B 292 1.19 25.09 -10.62
N THR B 293 0.77 26.29 -10.18
CA THR B 293 0.45 27.41 -11.12
C THR B 293 1.79 27.88 -11.70
N THR B 294 2.79 28.17 -10.88
CA THR B 294 4.09 28.62 -11.41
C THR B 294 4.74 27.52 -12.27
N LEU B 295 4.63 26.24 -11.87
CA LEU B 295 5.25 25.13 -12.63
C LEU B 295 4.57 25.08 -14.02
N THR B 296 3.25 25.21 -14.07
CA THR B 296 2.47 25.11 -15.34
C THR B 296 2.90 26.25 -16.29
N GLN B 297 3.12 27.44 -15.78
CA GLN B 297 3.60 28.61 -16.55
C GLN B 297 4.96 28.30 -17.17
N ILE B 298 5.88 27.74 -16.40
CA ILE B 298 7.25 27.51 -16.90
C ILE B 298 7.25 26.25 -17.76
N LEU B 299 6.47 25.24 -17.40
CA LEU B 299 6.44 23.93 -18.11
C LEU B 299 4.99 23.59 -18.35
N PRO B 300 4.33 24.20 -19.37
CA PRO B 300 2.90 23.99 -19.64
C PRO B 300 2.39 22.57 -19.71
N PRO B 301 3.16 21.56 -20.18
CA PRO B 301 2.69 20.18 -20.10
C PRO B 301 2.54 19.60 -18.66
N THR B 302 2.95 20.31 -17.59
CA THR B 302 2.68 19.89 -16.18
C THR B 302 1.28 20.29 -15.70
N GLU B 303 0.46 20.85 -16.57
CA GLU B 303 -0.90 21.36 -16.29
C GLU B 303 -1.74 20.35 -15.52
N PRO B 304 -1.73 19.04 -15.85
CA PRO B 304 -2.59 18.09 -15.14
C PRO B 304 -2.30 18.03 -13.63
N LEU B 305 -1.10 18.42 -13.20
CA LEU B 305 -0.79 18.55 -11.74
C LEU B 305 -1.67 19.67 -11.17
N LEU B 306 -1.74 20.81 -11.85
CA LEU B 306 -2.53 21.97 -11.34
C LEU B 306 -4.01 21.60 -11.36
N LYS B 307 -4.49 20.95 -12.43
CA LYS B 307 -5.92 20.57 -12.58
C LYS B 307 -6.33 19.66 -11.40
N ALA B 308 -5.56 18.60 -11.16
CA ALA B 308 -5.80 17.65 -10.06
C ALA B 308 -5.77 18.38 -8.71
N CYS B 309 -4.85 19.31 -8.54
CA CYS B 309 -4.68 20.06 -7.27
C CYS B 309 -5.94 20.90 -7.02
N ARG B 310 -6.45 21.59 -8.06
CA ARG B 310 -7.68 22.41 -7.97
CA ARG B 310 -7.70 22.40 -8.04
C ARG B 310 -8.87 21.50 -7.66
N ASP B 311 -8.98 20.36 -8.32
CA ASP B 311 -10.05 19.37 -7.98
C ASP B 311 -10.02 18.99 -6.50
N ASN B 312 -8.82 18.75 -5.95
CA ASN B 312 -8.67 18.31 -4.54
C ASN B 312 -9.01 19.49 -3.63
N LEU B 313 -8.64 20.72 -4.00
CA LEU B 313 -9.01 21.93 -3.22
C LEU B 313 -10.54 21.96 -3.11
N SER B 314 -11.21 21.72 -4.22
CA SER B 314 -12.69 21.74 -4.28
C SER B 314 -13.27 20.64 -3.38
N GLN B 315 -12.68 19.43 -3.35
CA GLN B 315 -13.13 18.31 -2.48
C GLN B 315 -12.95 18.69 -1.01
N TRP B 316 -11.87 19.36 -0.64
CA TRP B 316 -11.64 19.79 0.77
C TRP B 316 -12.70 20.83 1.16
N GLU B 317 -13.11 21.70 0.22
CA GLU B 317 -14.18 22.73 0.48
C GLU B 317 -15.47 21.98 0.80
N LYS B 318 -15.76 20.91 0.08
CA LYS B 318 -16.94 20.03 0.32
C LYS B 318 -16.85 19.38 1.70
N VAL B 319 -15.67 18.96 2.14
CA VAL B 319 -15.54 18.37 3.50
C VAL B 319 -15.86 19.47 4.53
N ILE B 320 -15.36 20.67 4.32
CA ILE B 320 -15.50 21.79 5.30
C ILE B 320 -16.99 22.11 5.46
N ARG B 321 -17.77 22.02 4.37
CA ARG B 321 -19.20 22.39 4.35
C ARG B 321 -20.03 21.24 4.90
N GLY B 322 -19.47 20.03 4.95
CA GLY B 322 -20.12 18.83 5.51
C GLY B 322 -20.76 17.98 4.41
N GLU B 323 -20.51 18.34 3.15
CA GLU B 323 -21.09 17.69 1.95
C GLU B 323 -20.25 16.46 1.57
N GLU B 324 -19.16 16.17 2.31
CA GLU B 324 -18.43 14.87 2.18
C GLU B 324 -17.81 14.47 3.54
N THR B 325 -17.73 13.16 3.81
CA THR B 325 -16.99 12.50 4.92
C THR B 325 -15.49 12.50 4.60
N GLY C 12 11.67 -41.43 15.84
CA GLY C 12 10.44 -40.86 16.43
C GLY C 12 10.40 -41.01 17.94
N LEU C 13 11.56 -40.88 18.62
CA LEU C 13 11.69 -41.05 20.09
C LEU C 13 11.19 -39.80 20.84
N MET C 14 11.39 -38.61 20.28
CA MET C 14 10.93 -37.33 20.89
C MET C 14 9.45 -37.13 20.54
N GLN C 15 8.63 -36.86 21.55
CA GLN C 15 7.21 -36.48 21.39
C GLN C 15 7.05 -35.03 21.88
N PHE C 16 5.96 -34.38 21.47
CA PHE C 16 5.54 -33.08 22.03
C PHE C 16 4.46 -33.37 23.05
N THR C 17 4.53 -32.69 24.20
CA THR C 17 3.44 -32.65 25.21
C THR C 17 3.03 -31.19 25.37
N LEU C 18 1.74 -31.00 25.56
CA LEU C 18 1.16 -29.67 25.80
C LEU C 18 0.83 -29.59 27.27
N PRO C 19 0.86 -28.37 27.85
CA PRO C 19 0.31 -28.14 29.18
C PRO C 19 -1.05 -28.79 29.24
N VAL C 20 -1.51 -29.12 30.43
CA VAL C 20 -2.80 -29.85 30.66
C VAL C 20 -3.99 -29.16 29.99
N ARG C 21 -4.19 -27.84 30.17
CA ARG C 21 -5.37 -27.15 29.57
C ARG C 21 -5.32 -27.34 28.04
N LEU C 22 -4.16 -27.21 27.40
CA LEU C 22 -4.00 -27.33 25.92
C LEU C 22 -4.22 -28.79 25.49
N CYS C 23 -3.65 -29.73 26.25
CA CYS C 23 -3.76 -31.18 25.96
C CYS C 23 -5.23 -31.54 25.80
N LYS C 24 -6.08 -30.98 26.66
CA LYS C 24 -7.51 -31.32 26.78
C LYS C 24 -8.32 -30.52 25.76
N GLU C 25 -8.15 -29.19 25.74
CA GLU C 25 -8.91 -28.25 24.89
C GLU C 25 -8.59 -28.47 23.41
N ILE C 26 -7.38 -28.91 23.05
CA ILE C 26 -6.97 -28.99 21.60
C ILE C 26 -7.86 -30.01 20.88
N GLU C 27 -8.48 -30.92 21.63
CA GLU C 27 -9.37 -31.98 21.08
C GLU C 27 -10.70 -31.35 20.66
N LEU C 28 -11.03 -30.17 21.20
CA LEU C 28 -12.31 -29.48 20.91
C LEU C 28 -12.22 -28.74 19.57
N PHE C 29 -13.28 -28.82 18.79
CA PHE C 29 -13.38 -28.08 17.51
C PHE C 29 -13.15 -26.57 17.75
N HIS C 30 -13.63 -25.99 18.86
CA HIS C 30 -13.60 -24.52 19.08
C HIS C 30 -12.30 -24.08 19.79
N PHE C 31 -11.33 -24.96 19.92
CA PHE C 31 -10.05 -24.56 20.54
C PHE C 31 -9.49 -23.31 19.84
N ASP C 32 -8.83 -22.43 20.61
CA ASP C 32 -8.13 -21.24 20.12
C ASP C 32 -6.63 -21.45 20.42
N ILE C 33 -5.73 -21.23 19.46
CA ILE C 33 -4.30 -21.61 19.66
C ILE C 33 -3.56 -20.61 20.57
N GLY C 34 -4.18 -19.49 20.92
CA GLY C 34 -3.54 -18.59 21.91
C GLY C 34 -2.60 -17.60 21.24
N PRO C 35 -2.18 -16.55 21.98
CA PRO C 35 -1.35 -15.48 21.41
C PRO C 35 0.17 -15.69 21.48
N PHE C 36 0.64 -16.86 21.93
CA PHE C 36 2.09 -17.12 22.04
C PHE C 36 2.57 -17.79 20.77
N GLU C 37 3.15 -17.02 19.86
CA GLU C 37 3.55 -17.54 18.51
C GLU C 37 4.51 -18.71 18.65
N ASN C 38 5.42 -18.62 19.61
CA ASN C 38 6.51 -19.62 19.78
C ASN C 38 5.95 -20.98 20.14
N MET C 39 4.69 -21.07 20.52
CA MET C 39 4.02 -22.35 20.86
C MET C 39 3.36 -23.01 19.65
N TRP C 40 3.13 -22.28 18.57
CA TRP C 40 2.31 -22.74 17.42
C TRP C 40 3.01 -23.91 16.71
N PRO C 41 4.33 -23.83 16.45
CA PRO C 41 5.05 -24.94 15.81
C PRO C 41 4.83 -26.22 16.61
N GLY C 42 5.07 -26.16 17.92
CA GLY C 42 4.95 -27.32 18.84
C GLY C 42 3.53 -27.87 18.83
N ILE C 43 2.54 -26.99 18.83
CA ILE C 43 1.11 -27.38 18.68
C ILE C 43 0.91 -28.11 17.34
N PHE C 44 1.48 -27.59 16.24
CA PHE C 44 1.31 -28.25 14.92
C PHE C 44 1.93 -29.66 14.97
N VAL C 45 3.14 -29.78 15.47
CA VAL C 45 3.85 -31.10 15.49
C VAL C 45 3.04 -32.07 16.37
N TYR C 46 2.56 -31.63 17.52
CA TYR C 46 1.69 -32.46 18.38
C TYR C 46 0.53 -33.05 17.56
N MET C 47 -0.14 -32.19 16.80
CA MET C 47 -1.30 -32.61 16.01
C MET C 47 -0.81 -33.58 14.95
N VAL C 48 0.33 -33.34 14.31
CA VAL C 48 0.89 -34.29 13.31
C VAL C 48 1.22 -35.64 13.98
N HIS C 49 1.88 -35.66 15.14
CA HIS C 49 2.21 -36.94 15.85
C HIS C 49 0.92 -37.69 16.20
N ARG C 50 -0.11 -37.03 16.70
CA ARG C 50 -1.35 -37.72 17.15
C ARG C 50 -2.16 -38.22 15.94
N SER C 51 -2.26 -37.43 14.87
CA SER C 51 -3.25 -37.69 13.77
C SER C 51 -2.60 -38.53 12.69
N CYS C 52 -1.30 -38.45 12.55
CA CYS C 52 -0.55 -39.14 11.48
C CYS C 52 0.24 -40.30 12.09
N GLY C 53 0.99 -40.01 13.15
CA GLY C 53 1.88 -40.95 13.86
C GLY C 53 3.25 -40.35 14.05
N THR C 54 3.99 -40.78 15.08
CA THR C 54 5.29 -40.18 15.50
C THR C 54 6.40 -40.42 14.46
N SER C 55 6.13 -41.19 13.41
CA SER C 55 7.11 -41.62 12.38
C SER C 55 6.78 -41.05 10.99
N CYS C 56 5.56 -40.55 10.78
CA CYS C 56 5.08 -40.03 9.47
C CYS C 56 6.14 -39.14 8.80
N PHE C 57 6.82 -38.31 9.59
CA PHE C 57 7.84 -37.34 9.11
C PHE C 57 9.05 -37.47 10.01
N GLU C 58 10.21 -37.20 9.44
CA GLU C 58 11.47 -37.07 10.21
C GLU C 58 11.40 -35.71 10.91
N LEU C 59 11.45 -35.69 12.25
CA LEU C 59 11.29 -34.47 13.07
C LEU C 59 12.24 -33.36 12.61
N GLU C 60 13.54 -33.60 12.45
CA GLU C 60 14.55 -32.61 11.93
C GLU C 60 13.94 -31.91 10.71
N LYS C 61 13.49 -32.68 9.72
CA LYS C 61 13.01 -32.17 8.39
C LYS C 61 11.70 -31.38 8.58
N LEU C 62 10.79 -31.91 9.41
CA LEU C 62 9.47 -31.31 9.66
C LEU C 62 9.69 -29.91 10.25
N CME C 63 10.55 -29.81 11.27
CA CME C 63 10.80 -28.54 11.98
CB CME C 63 11.65 -28.71 13.24
SG CME C 63 10.68 -29.25 14.67
SD CME C 63 9.41 -27.63 14.96
CE CME C 63 9.45 -27.32 16.75
CZ CME C 63 9.86 -25.90 17.05
OH CME C 63 9.57 -25.56 18.39
C CME C 63 11.36 -27.51 10.99
O CME C 63 10.91 -26.36 11.09
N ARG C 64 12.27 -27.88 10.10
CA ARG C 64 12.86 -26.84 9.24
C ARG C 64 11.84 -26.48 8.15
N PHE C 65 11.02 -27.43 7.69
CA PHE C 65 9.84 -27.15 6.79
C PHE C 65 8.91 -26.12 7.45
N ILE C 66 8.53 -26.40 8.69
CA ILE C 66 7.55 -25.58 9.46
C ILE C 66 8.10 -24.16 9.55
N MET C 67 9.38 -24.01 9.85
CA MET C 67 10.00 -22.67 10.07
C MET C 67 10.14 -21.93 8.75
N SER C 68 10.32 -22.63 7.64
CA SER C 68 10.37 -22.00 6.29
C SER C 68 8.95 -21.51 5.89
N VAL C 69 7.95 -22.35 6.14
CA VAL C 69 6.52 -21.99 5.88
C VAL C 69 6.18 -20.71 6.66
N LYS C 70 6.45 -20.65 7.97
CA LYS C 70 6.18 -19.47 8.84
C LYS C 70 6.79 -18.19 8.24
N LYS C 71 8.07 -18.28 7.88
CA LYS C 71 8.90 -17.19 7.28
C LYS C 71 8.18 -16.68 6.02
N ASN C 72 7.38 -17.49 5.34
CA ASN C 72 6.78 -17.07 4.03
C ASN C 72 5.30 -16.70 4.22
N TYR C 73 4.81 -16.60 5.46
CA TYR C 73 3.59 -15.85 5.82
C TYR C 73 3.97 -14.39 6.14
N ARG C 74 3.12 -13.44 5.77
CA ARG C 74 3.37 -11.98 5.94
C ARG C 74 2.64 -11.47 7.18
N ARG C 75 3.06 -10.33 7.69
CA ARG C 75 2.42 -9.65 8.84
C ARG C 75 1.23 -8.86 8.30
N VAL C 76 0.19 -9.58 7.94
CA VAL C 76 -1.14 -9.03 7.59
C VAL C 76 -2.06 -9.34 8.76
N PRO C 77 -3.20 -8.65 8.85
CA PRO C 77 -4.05 -8.78 10.03
C PRO C 77 -4.70 -10.15 10.23
N TYR C 78 -5.01 -10.85 9.14
CA TYR C 78 -5.77 -12.11 9.22
C TYR C 78 -5.07 -13.25 8.47
N HIS C 79 -4.74 -13.09 7.19
CA HIS C 79 -4.14 -14.19 6.37
C HIS C 79 -2.68 -14.44 6.75
N ASN C 80 -2.43 -14.73 8.03
CA ASN C 80 -1.09 -14.74 8.64
C ASN C 80 -0.78 -16.15 9.15
N TRP C 81 0.38 -16.31 9.76
CA TRP C 81 0.84 -17.60 10.35
C TRP C 81 -0.21 -18.16 11.32
N LYS C 82 -0.83 -17.32 12.13
CA LYS C 82 -1.83 -17.79 13.13
C LYS C 82 -3.03 -18.43 12.41
N HIS C 83 -3.49 -17.86 11.30
CA HIS C 83 -4.60 -18.44 10.46
C HIS C 83 -4.20 -19.84 9.98
N ALA C 84 -2.95 -19.98 9.56
CA ALA C 84 -2.41 -21.23 8.98
C ALA C 84 -2.51 -22.33 10.03
N VAL C 85 -2.05 -22.07 11.24
CA VAL C 85 -2.03 -23.12 12.29
C VAL C 85 -3.49 -23.36 12.74
N THR C 86 -4.33 -22.34 12.79
CA THR C 86 -5.75 -22.43 13.22
C THR C 86 -6.50 -23.33 12.23
N VAL C 87 -6.25 -23.13 10.95
CA VAL C 87 -6.92 -23.95 9.90
C VAL C 87 -6.43 -25.41 10.00
N ALA C 88 -5.13 -25.61 10.22
CA ALA C 88 -4.55 -26.95 10.47
C ALA C 88 -5.23 -27.59 11.67
N HIS C 89 -5.54 -26.84 12.74
CA HIS C 89 -6.13 -27.43 13.98
C HIS C 89 -7.57 -27.88 13.68
N CYS C 90 -8.29 -27.16 12.86
CA CYS C 90 -9.68 -27.56 12.55
C CYS C 90 -9.62 -28.91 11.79
N MET C 91 -8.72 -29.04 10.82
CA MET C 91 -8.47 -30.31 10.10
C MET C 91 -8.04 -31.41 11.08
N TYR C 92 -7.21 -31.12 12.07
CA TYR C 92 -6.84 -32.08 13.14
C TYR C 92 -8.11 -32.63 13.82
N ALA C 93 -9.02 -31.74 14.24
CA ALA C 93 -10.28 -32.09 14.90
C ALA C 93 -11.16 -32.92 13.93
N ILE C 94 -11.29 -32.54 12.66
CA ILE C 94 -12.10 -33.36 11.71
C ILE C 94 -11.53 -34.77 11.57
N LEU C 95 -10.21 -34.89 11.38
CA LEU C 95 -9.50 -36.17 11.16
C LEU C 95 -9.57 -37.05 12.41
N GLN C 96 -9.36 -36.51 13.61
CA GLN C 96 -9.35 -37.29 14.88
C GLN C 96 -10.76 -37.81 15.17
N ASN C 97 -11.81 -37.11 14.71
CA ASN C 97 -13.20 -37.52 14.98
C ASN C 97 -13.75 -38.36 13.82
N ASN C 98 -12.95 -38.65 12.80
CA ASN C 98 -13.37 -39.43 11.62
C ASN C 98 -12.20 -40.34 11.24
N HIS C 99 -11.48 -40.89 12.20
CA HIS C 99 -10.11 -41.44 11.96
C HIS C 99 -10.18 -42.66 11.03
N THR C 100 -11.30 -43.40 10.96
CA THR C 100 -11.36 -44.60 10.10
C THR C 100 -11.51 -44.22 8.63
N LEU C 101 -11.91 -42.99 8.29
CA LEU C 101 -12.33 -42.64 6.90
C LEU C 101 -11.14 -42.24 6.02
N PHE C 102 -9.99 -41.85 6.57
CA PHE C 102 -8.89 -41.28 5.73
C PHE C 102 -7.65 -42.19 5.72
N THR C 103 -7.01 -42.26 4.55
CA THR C 103 -5.79 -43.04 4.28
C THR C 103 -4.61 -42.38 5.00
N ASP C 104 -3.47 -43.04 5.01
CA ASP C 104 -2.23 -42.52 5.66
C ASP C 104 -1.75 -41.28 4.88
N LEU C 105 -1.73 -41.37 3.55
CA LEU C 105 -1.30 -40.28 2.64
C LEU C 105 -2.18 -39.05 2.88
N GLU C 106 -3.49 -39.24 3.03
CA GLU C 106 -4.46 -38.12 3.24
C GLU C 106 -4.16 -37.41 4.55
N ARG C 107 -3.88 -38.16 5.62
CA ARG C 107 -3.61 -37.56 6.95
C ARG C 107 -2.34 -36.70 6.88
N LYS C 108 -1.24 -37.29 6.38
CA LYS C 108 0.03 -36.56 6.05
C LYS C 108 -0.29 -35.30 5.24
N GLY C 109 -0.96 -35.50 4.10
CA GLY C 109 -1.21 -34.45 3.10
C GLY C 109 -1.98 -33.27 3.66
N LEU C 110 -3.06 -33.53 4.42
CA LEU C 110 -4.10 -32.50 4.65
C LEU C 110 -3.62 -31.51 5.71
N LEU C 111 -2.92 -31.95 6.76
CA LEU C 111 -2.38 -31.03 7.81
C LEU C 111 -1.35 -30.12 7.15
N ILE C 112 -0.52 -30.69 6.28
CA ILE C 112 0.51 -29.90 5.54
C ILE C 112 -0.19 -28.91 4.61
N ALA C 113 -1.20 -29.36 3.87
CA ALA C 113 -1.93 -28.48 2.94
C ALA C 113 -2.54 -27.30 3.74
N CYS C 114 -3.18 -27.57 4.88
CA CYS C 114 -3.78 -26.53 5.74
C CYS C 114 -2.70 -25.55 6.19
N LEU C 115 -1.54 -26.07 6.60
CA LEU C 115 -0.46 -25.17 7.10
C LEU C 115 0.00 -24.28 5.94
N CYS C 116 -0.08 -24.76 4.71
CA CYS C 116 0.53 -24.07 3.53
C CYS C 116 -0.51 -23.28 2.73
N HIS C 117 -1.79 -23.27 3.06
CA HIS C 117 -2.88 -22.98 2.07
C HIS C 117 -2.94 -21.48 1.76
N ASP C 118 -2.39 -20.62 2.63
CA ASP C 118 -2.39 -19.16 2.38
C ASP C 118 -0.94 -18.61 2.29
N LEU C 119 0.01 -19.45 1.92
CA LEU C 119 1.44 -19.08 1.85
C LEU C 119 1.61 -17.83 1.00
N ASP C 120 2.26 -16.82 1.57
CA ASP C 120 2.68 -15.59 0.86
C ASP C 120 1.45 -14.77 0.52
N HIS C 121 0.37 -14.87 1.30
CA HIS C 121 -0.86 -14.04 1.11
C HIS C 121 -0.54 -12.57 1.42
N ARG C 122 -1.03 -11.63 0.63
CA ARG C 122 -0.71 -10.20 0.94
CA ARG C 122 -0.75 -10.17 0.79
C ARG C 122 -1.95 -9.49 1.51
N GLY C 123 -3.01 -10.23 1.85
CA GLY C 123 -4.22 -9.61 2.41
C GLY C 123 -5.19 -9.11 1.35
N PHE C 124 -4.98 -9.44 0.07
CA PHE C 124 -5.90 -9.02 -1.01
C PHE C 124 -6.50 -10.24 -1.71
N SER C 125 -7.73 -10.07 -2.17
CA SER C 125 -8.54 -11.15 -2.79
C SER C 125 -8.10 -11.34 -4.23
N ASN C 126 -8.57 -12.42 -4.85
CA ASN C 126 -8.36 -12.72 -6.29
C ASN C 126 -8.91 -11.56 -7.14
N SER C 127 -10.05 -10.96 -6.78
CA SER C 127 -10.64 -9.83 -7.56
C SER C 127 -9.65 -8.67 -7.61
N TYR C 128 -9.12 -8.27 -6.45
CA TYR C 128 -8.24 -7.10 -6.40
C TYR C 128 -6.99 -7.40 -7.23
N LEU C 129 -6.40 -8.59 -7.14
CA LEU C 129 -5.20 -8.91 -7.97
C LEU C 129 -5.59 -8.76 -9.45
N GLN C 130 -6.79 -9.17 -9.81
CA GLN C 130 -7.25 -9.16 -11.22
C GLN C 130 -7.43 -7.71 -11.66
N LYS C 131 -8.12 -6.92 -10.85
CA LYS C 131 -8.44 -5.51 -11.18
C LYS C 131 -7.16 -4.66 -11.19
N PHE C 132 -6.22 -4.96 -10.30
CA PHE C 132 -4.90 -4.30 -10.23
C PHE C 132 -4.06 -4.66 -11.47
N ASP C 133 -4.34 -5.83 -12.06
CA ASP C 133 -3.53 -6.43 -13.15
C ASP C 133 -2.17 -6.88 -12.59
N HIS C 134 -2.19 -7.58 -11.45
CA HIS C 134 -0.99 -8.13 -10.78
C HIS C 134 -0.39 -9.18 -11.68
N PRO C 135 0.95 -9.29 -11.80
CA PRO C 135 1.57 -10.38 -12.55
C PRO C 135 1.00 -11.80 -12.27
N LEU C 136 0.63 -12.10 -11.02
CA LEU C 136 0.11 -13.44 -10.63
C LEU C 136 -1.20 -13.69 -11.39
N ALA C 137 -1.95 -12.66 -11.71
CA ALA C 137 -3.26 -12.79 -12.41
C ALA C 137 -3.05 -13.16 -13.88
N ALA C 138 -1.85 -12.88 -14.45
CA ALA C 138 -1.43 -13.30 -15.81
C ALA C 138 -0.98 -14.76 -15.77
N LEU C 139 -0.21 -15.15 -14.75
CA LEU C 139 0.29 -16.54 -14.56
C LEU C 139 -0.90 -17.50 -14.28
N TYR C 140 -1.86 -17.09 -13.47
CA TYR C 140 -2.94 -17.95 -12.95
C TYR C 140 -4.27 -17.24 -13.15
N SER C 141 -4.97 -17.54 -14.23
CA SER C 141 -6.18 -16.78 -14.62
C SER C 141 -7.30 -17.02 -13.61
N THR C 142 -7.42 -18.23 -13.03
CA THR C 142 -8.45 -18.53 -11.98
C THR C 142 -7.76 -19.04 -10.70
N SER C 143 -8.45 -18.98 -9.56
CA SER C 143 -7.85 -19.35 -8.25
C SER C 143 -6.43 -18.78 -8.17
N THR C 144 -6.24 -17.50 -8.49
CA THR C 144 -4.91 -16.85 -8.66
C THR C 144 -4.03 -17.03 -7.41
N MET C 145 -4.51 -16.60 -6.25
CA MET C 145 -3.68 -16.67 -5.02
C MET C 145 -3.47 -18.15 -4.71
N GLU C 146 -4.49 -19.01 -4.93
CA GLU C 146 -4.46 -20.42 -4.46
C GLU C 146 -3.43 -21.19 -5.27
N GLN C 147 -3.39 -20.98 -6.59
CA GLN C 147 -2.29 -21.52 -7.43
C GLN C 147 -0.92 -21.01 -6.91
N HIS C 148 -0.84 -19.76 -6.46
CA HIS C 148 0.44 -19.21 -5.93
C HIS C 148 0.81 -19.94 -4.63
N HIS C 149 -0.18 -20.19 -3.77
CA HIS C 149 0.03 -20.84 -2.44
C HIS C 149 0.60 -22.23 -2.69
N PHE C 150 0.03 -22.97 -3.64
CA PHE C 150 0.53 -24.33 -3.94
C PHE C 150 1.95 -24.27 -4.50
N SER C 151 2.16 -23.31 -5.40
CA SER C 151 3.47 -23.09 -6.03
C SER C 151 4.51 -22.73 -4.96
N GLN C 152 4.15 -21.96 -3.93
CA GLN C 152 5.09 -21.60 -2.83
C GLN C 152 5.38 -22.85 -1.99
N THR C 153 4.33 -23.68 -1.80
CA THR C 153 4.43 -24.98 -1.09
C THR C 153 5.50 -25.84 -1.76
N VAL C 154 5.42 -26.03 -3.08
CA VAL C 154 6.36 -26.89 -3.86
C VAL C 154 7.77 -26.27 -3.75
N SER C 155 7.90 -24.96 -3.84
CA SER C 155 9.20 -24.26 -3.69
C SER C 155 9.87 -24.66 -2.37
N ILE C 156 9.12 -24.63 -1.26
CA ILE C 156 9.67 -24.91 0.10
C ILE C 156 10.07 -26.39 0.17
N LEU C 157 9.25 -27.31 -0.35
CA LEU C 157 9.55 -28.77 -0.35
C LEU C 157 10.83 -29.07 -1.13
N GLN C 158 11.18 -28.21 -2.08
CA GLN C 158 12.35 -28.42 -2.99
C GLN C 158 13.63 -27.77 -2.42
N LEU C 159 13.51 -26.97 -1.38
CA LEU C 159 14.67 -26.38 -0.65
C LEU C 159 15.48 -27.53 -0.02
N GLU C 160 16.80 -27.34 0.11
CA GLU C 160 17.73 -28.37 0.65
C GLU C 160 17.28 -28.70 2.08
N GLY C 161 17.15 -29.99 2.39
CA GLY C 161 16.77 -30.49 3.73
C GLY C 161 15.29 -30.31 4.04
N HIS C 162 14.46 -29.89 3.09
CA HIS C 162 13.04 -29.54 3.40
C HIS C 162 12.08 -30.63 2.94
N ASN C 163 12.54 -31.63 2.19
CA ASN C 163 11.64 -32.64 1.56
C ASN C 163 11.16 -33.63 2.61
N ILE C 164 10.14 -33.23 3.37
CA ILE C 164 9.50 -34.03 4.43
C ILE C 164 8.84 -35.30 3.85
N PHE C 165 8.69 -35.45 2.55
CA PHE C 165 8.04 -36.64 1.94
C PHE C 165 9.10 -37.50 1.24
N SER C 166 10.37 -37.37 1.62
CA SER C 166 11.50 -38.00 0.89
C SER C 166 11.47 -39.53 1.08
N THR C 167 10.79 -40.02 2.12
CA THR C 167 10.70 -41.47 2.45
C THR C 167 9.62 -42.15 1.59
N LEU C 168 8.67 -41.40 1.04
CA LEU C 168 7.57 -41.99 0.22
C LEU C 168 8.21 -42.56 -1.03
N SER C 169 7.55 -43.50 -1.70
CA SER C 169 7.83 -43.94 -3.10
C SER C 169 7.45 -42.81 -4.04
N SER C 170 7.90 -42.88 -5.30
CA SER C 170 7.58 -41.90 -6.36
C SER C 170 6.06 -41.79 -6.51
N SER C 171 5.33 -42.91 -6.39
CA SER C 171 3.86 -43.00 -6.65
C SER C 171 3.13 -42.25 -5.55
N GLU C 172 3.47 -42.58 -4.31
CA GLU C 172 2.95 -41.96 -3.08
C GLU C 172 3.25 -40.46 -3.07
N TYR C 173 4.47 -40.07 -3.42
CA TYR C 173 4.94 -38.67 -3.48
C TYR C 173 4.05 -37.88 -4.45
N GLU C 174 3.83 -38.43 -5.65
CA GLU C 174 2.95 -37.87 -6.69
C GLU C 174 1.51 -37.72 -6.14
N GLN C 175 1.04 -38.73 -5.41
CA GLN C 175 -0.35 -38.72 -4.87
C GLN C 175 -0.49 -37.65 -3.79
N VAL C 176 0.48 -37.56 -2.89
CA VAL C 176 0.39 -36.65 -1.72
C VAL C 176 0.44 -35.24 -2.26
N LEU C 177 1.26 -34.99 -3.29
CA LEU C 177 1.37 -33.62 -3.89
C LEU C 177 0.04 -33.28 -4.59
N GLU C 178 -0.64 -34.27 -5.16
CA GLU C 178 -1.97 -34.09 -5.79
C GLU C 178 -3.06 -33.87 -4.71
N ILE C 179 -3.03 -34.61 -3.60
CA ILE C 179 -3.92 -34.34 -2.45
C ILE C 179 -3.72 -32.89 -2.02
N ILE C 180 -2.48 -32.44 -1.88
CA ILE C 180 -2.13 -31.07 -1.37
C ILE C 180 -2.63 -30.02 -2.37
N ARG C 181 -2.34 -30.20 -3.66
CA ARG C 181 -2.76 -29.24 -4.73
C ARG C 181 -4.29 -29.07 -4.69
N LYS C 182 -5.03 -30.16 -4.77
CA LYS C 182 -6.50 -30.07 -4.84
C LYS C 182 -7.06 -29.39 -3.59
N ALA C 183 -6.58 -29.79 -2.41
CA ALA C 183 -6.98 -29.23 -1.09
C ALA C 183 -6.74 -27.70 -1.10
N ILE C 184 -5.59 -27.24 -1.59
CA ILE C 184 -5.23 -25.79 -1.55
C ILE C 184 -6.09 -25.06 -2.58
N ILE C 185 -6.27 -25.61 -3.78
CA ILE C 185 -7.16 -24.95 -4.79
C ILE C 185 -8.58 -24.89 -4.24
N ALA C 186 -9.02 -25.90 -3.46
CA ALA C 186 -10.40 -25.94 -2.93
C ALA C 186 -10.67 -24.75 -1.97
N THR C 187 -9.65 -24.16 -1.31
CA THR C 187 -9.81 -22.96 -0.43
C THR C 187 -10.18 -21.73 -1.26
N ASP C 188 -10.21 -21.79 -2.58
CA ASP C 188 -10.79 -20.65 -3.35
C ASP C 188 -12.31 -20.67 -3.14
N LEU C 189 -12.85 -19.73 -2.38
CA LEU C 189 -14.26 -19.79 -1.96
C LEU C 189 -15.17 -19.77 -3.20
N ALA C 190 -14.71 -19.21 -4.32
CA ALA C 190 -15.52 -19.15 -5.57
C ALA C 190 -15.82 -20.59 -6.02
N LEU C 191 -14.96 -21.56 -5.69
CA LEU C 191 -15.13 -22.97 -6.15
C LEU C 191 -16.04 -23.74 -5.18
N TYR C 192 -16.16 -23.27 -3.94
CA TYR C 192 -16.93 -23.91 -2.85
C TYR C 192 -18.40 -24.09 -3.29
N PHE C 193 -19.01 -23.09 -3.92
CA PHE C 193 -20.48 -23.08 -4.18
C PHE C 193 -20.86 -24.29 -5.04
N GLY C 194 -20.16 -24.47 -6.16
CA GLY C 194 -20.34 -25.60 -7.09
C GLY C 194 -19.99 -26.91 -6.41
N ASN C 195 -18.89 -26.94 -5.65
CA ASN C 195 -18.45 -28.16 -4.96
C ASN C 195 -19.56 -28.65 -4.02
N ARG C 196 -20.07 -27.76 -3.17
CA ARG C 196 -21.06 -28.11 -2.13
C ARG C 196 -22.37 -28.55 -2.80
N LYS C 197 -22.80 -27.84 -3.85
CA LYS C 197 -24.01 -28.19 -4.63
C LYS C 197 -23.85 -29.62 -5.19
N GLN C 198 -22.72 -29.96 -5.82
CA GLN C 198 -22.47 -31.31 -6.38
C GLN C 198 -22.52 -32.33 -5.23
N LEU C 199 -21.84 -32.07 -4.12
CA LEU C 199 -21.72 -33.02 -2.99
C LEU C 199 -23.10 -33.26 -2.41
N GLU C 200 -23.87 -32.19 -2.25
CA GLU C 200 -25.24 -32.25 -1.67
C GLU C 200 -26.10 -33.15 -2.57
N GLU C 201 -26.07 -32.98 -3.88
CA GLU C 201 -26.81 -33.88 -4.81
C GLU C 201 -26.36 -35.33 -4.64
N MET C 202 -25.08 -35.58 -4.41
CA MET C 202 -24.51 -36.96 -4.36
C MET C 202 -24.98 -37.61 -3.07
N TYR C 203 -24.95 -36.84 -1.98
CA TYR C 203 -25.41 -37.28 -0.64
C TYR C 203 -26.90 -37.64 -0.68
N GLN C 204 -27.76 -36.71 -1.12
CA GLN C 204 -29.24 -36.81 -1.11
C GLN C 204 -29.70 -37.96 -2.02
N THR C 205 -29.02 -38.19 -3.14
CA THR C 205 -29.37 -39.23 -4.13
C THR C 205 -28.77 -40.57 -3.70
N GLY C 206 -27.83 -40.56 -2.76
CA GLY C 206 -27.23 -41.77 -2.18
C GLY C 206 -26.13 -42.31 -3.09
N SER C 207 -25.72 -41.54 -4.09
CA SER C 207 -24.64 -41.89 -5.04
C SER C 207 -23.27 -41.58 -4.41
N LEU C 208 -23.22 -40.81 -3.32
CA LEU C 208 -21.91 -40.48 -2.67
C LEU C 208 -21.20 -41.78 -2.29
N ASN C 209 -19.94 -41.92 -2.69
CA ASN C 209 -19.17 -43.17 -2.54
C ASN C 209 -17.72 -42.78 -2.23
N LEU C 210 -17.30 -42.92 -0.98
CA LEU C 210 -15.90 -42.59 -0.56
C LEU C 210 -14.84 -43.50 -1.22
N ASN C 211 -15.24 -44.54 -1.97
CA ASN C 211 -14.30 -45.38 -2.76
C ASN C 211 -14.05 -44.72 -4.12
N ASN C 212 -14.87 -43.74 -4.51
CA ASN C 212 -14.69 -43.02 -5.79
C ASN C 212 -13.78 -41.79 -5.51
N GLN C 213 -12.61 -41.72 -6.16
CA GLN C 213 -11.53 -40.72 -5.90
C GLN C 213 -12.06 -39.30 -6.14
N SER C 214 -12.84 -39.10 -7.20
CA SER C 214 -13.45 -37.78 -7.51
C SER C 214 -14.48 -37.39 -6.44
N HIS C 215 -15.18 -38.34 -5.82
CA HIS C 215 -16.09 -38.06 -4.69
C HIS C 215 -15.25 -37.67 -3.46
N ARG C 216 -14.20 -38.46 -3.18
CA ARG C 216 -13.27 -38.22 -2.04
C ARG C 216 -12.69 -36.80 -2.14
N ASP C 217 -12.26 -36.40 -3.34
CA ASP C 217 -11.68 -35.06 -3.64
C ASP C 217 -12.71 -33.98 -3.28
N ARG C 218 -13.97 -34.16 -3.65
CA ARG C 218 -15.03 -33.20 -3.30
C ARG C 218 -15.16 -33.13 -1.78
N VAL C 219 -15.21 -34.26 -1.10
CA VAL C 219 -15.36 -34.25 0.38
C VAL C 219 -14.16 -33.47 0.97
N ILE C 220 -12.95 -33.74 0.48
CA ILE C 220 -11.73 -33.12 1.08
C ILE C 220 -11.84 -31.62 0.81
N GLY C 221 -12.37 -31.24 -0.35
CA GLY C 221 -12.57 -29.82 -0.69
C GLY C 221 -13.49 -29.12 0.27
N LEU C 222 -14.61 -29.74 0.61
CA LEU C 222 -15.57 -29.16 1.56
C LEU C 222 -14.92 -29.09 2.94
N MET C 223 -14.19 -30.13 3.31
CA MET C 223 -13.40 -30.13 4.58
C MET C 223 -12.47 -28.90 4.60
N MET C 224 -11.80 -28.58 3.49
CA MET C 224 -10.86 -27.42 3.40
C MET C 224 -11.64 -26.12 3.57
N THR C 225 -12.81 -26.00 2.94
CA THR C 225 -13.65 -24.80 3.09
C THR C 225 -14.02 -24.65 4.56
N ALA C 226 -14.46 -25.74 5.19
CA ALA C 226 -14.94 -25.79 6.59
C ALA C 226 -13.79 -25.39 7.50
N CYS C 227 -12.57 -25.89 7.26
CA CYS C 227 -11.39 -25.51 8.10
C CYS C 227 -11.02 -24.03 7.86
N ASP C 228 -11.05 -23.59 6.60
CA ASP C 228 -10.75 -22.20 6.19
C ASP C 228 -11.73 -21.21 6.85
N LEU C 229 -13.02 -21.58 7.00
CA LEU C 229 -14.02 -20.65 7.54
C LEU C 229 -14.14 -20.77 9.06
N CYS C 230 -13.26 -21.49 9.73
CA CYS C 230 -13.55 -21.99 11.11
C CYS C 230 -13.60 -20.83 12.13
N SER C 231 -13.25 -19.61 11.73
CA SER C 231 -13.38 -18.45 12.66
C SER C 231 -14.86 -18.31 13.09
N VAL C 232 -15.81 -18.68 12.22
CA VAL C 232 -17.28 -18.66 12.49
C VAL C 232 -17.71 -19.83 13.39
N THR C 233 -16.80 -20.71 13.84
CA THR C 233 -17.15 -21.88 14.68
C THR C 233 -16.52 -21.83 16.06
N LYS C 234 -15.88 -20.70 16.38
CA LYS C 234 -15.28 -20.47 17.71
C LYS C 234 -16.39 -20.00 18.66
N LEU C 235 -16.10 -20.01 19.94
CA LEU C 235 -16.95 -19.31 20.93
C LEU C 235 -16.99 -17.82 20.54
N TRP C 236 -18.13 -17.19 20.84
CA TRP C 236 -18.47 -15.82 20.37
C TRP C 236 -17.31 -14.84 20.58
N PRO C 237 -16.66 -14.78 21.77
CA PRO C 237 -15.63 -13.78 22.00
C PRO C 237 -14.46 -13.91 21.00
N VAL C 238 -14.09 -15.13 20.64
CA VAL C 238 -13.05 -15.39 19.60
C VAL C 238 -13.58 -14.95 18.24
N THR C 239 -14.81 -15.31 17.92
CA THR C 239 -15.44 -15.08 16.60
C THR C 239 -15.49 -13.56 16.36
N LYS C 240 -15.96 -12.83 17.36
CA LYS C 240 -16.09 -11.35 17.39
C LYS C 240 -14.72 -10.72 17.16
N LEU C 241 -13.71 -11.15 17.90
CA LEU C 241 -12.36 -10.54 17.81
C LEU C 241 -11.74 -10.88 16.45
N THR C 242 -11.84 -12.12 15.96
CA THR C 242 -11.27 -12.47 14.64
C THR C 242 -11.95 -11.62 13.53
N ALA C 243 -13.25 -11.32 13.63
CA ALA C 243 -14.00 -10.54 12.61
C ALA C 243 -13.36 -9.17 12.42
N ASN C 244 -12.80 -8.60 13.49
CA ASN C 244 -11.99 -7.34 13.40
C ASN C 244 -10.78 -7.50 12.46
N ASP C 245 -10.07 -8.64 12.55
CA ASP C 245 -8.83 -8.89 11.74
C ASP C 245 -9.24 -9.07 10.29
N ILE C 246 -10.30 -9.84 10.06
CA ILE C 246 -10.86 -10.12 8.71
C ILE C 246 -11.20 -8.80 8.02
N TYR C 247 -11.95 -7.95 8.69
CA TYR C 247 -12.45 -6.68 8.12
C TYR C 247 -11.32 -5.66 7.98
N ALA C 248 -10.29 -5.74 8.81
CA ALA C 248 -9.10 -4.88 8.67
C ALA C 248 -8.54 -5.12 7.27
N GLU C 249 -8.47 -6.38 6.81
CA GLU C 249 -8.00 -6.68 5.44
C GLU C 249 -9.02 -6.20 4.40
N PHE C 250 -10.30 -6.53 4.59
CA PHE C 250 -11.36 -6.11 3.65
C PHE C 250 -11.30 -4.59 3.43
N TRP C 251 -11.25 -3.80 4.52
CA TRP C 251 -11.23 -2.31 4.43
C TRP C 251 -9.96 -1.82 3.72
N ALA C 252 -8.79 -2.39 4.00
CA ALA C 252 -7.55 -2.04 3.28
C ALA C 252 -7.74 -2.34 1.79
N GLU C 253 -8.35 -3.48 1.46
CA GLU C 253 -8.61 -3.86 0.04
C GLU C 253 -9.56 -2.83 -0.60
N GLY C 254 -10.62 -2.45 0.11
CA GLY C 254 -11.55 -1.40 -0.32
C GLY C 254 -10.83 -0.07 -0.59
N ASP C 255 -9.93 0.32 0.31
CA ASP C 255 -9.11 1.54 0.13
C ASP C 255 -8.37 1.39 -1.20
N GLU C 256 -7.77 0.22 -1.44
CA GLU C 256 -6.92 0.00 -2.64
C GLU C 256 -7.82 0.01 -3.89
N MET C 257 -9.08 -0.40 -3.74
CA MET C 257 -10.06 -0.44 -4.85
C MET C 257 -10.37 1.02 -5.20
N LYS C 258 -10.60 1.87 -4.19
CA LYS C 258 -10.83 3.32 -4.36
C LYS C 258 -9.63 3.96 -5.04
N LYS C 259 -8.41 3.51 -4.74
CA LYS C 259 -7.20 4.08 -5.38
C LYS C 259 -7.10 3.65 -6.84
N LEU C 260 -7.77 2.57 -7.25
CA LEU C 260 -7.81 2.13 -8.67
C LEU C 260 -8.88 2.90 -9.45
N GLY C 261 -9.70 3.71 -8.79
CA GLY C 261 -10.86 4.36 -9.40
C GLY C 261 -12.11 3.48 -9.43
N ILE C 262 -12.21 2.48 -8.56
CA ILE C 262 -13.36 1.52 -8.53
C ILE C 262 -14.01 1.60 -7.16
N GLN C 263 -15.30 1.90 -7.09
CA GLN C 263 -16.04 1.87 -5.80
C GLN C 263 -16.07 0.42 -5.36
N PRO C 264 -15.62 0.09 -4.13
CA PRO C 264 -15.61 -1.30 -3.68
C PRO C 264 -17.04 -1.76 -3.33
N ILE C 265 -17.25 -3.06 -3.19
CA ILE C 265 -18.50 -3.62 -2.60
C ILE C 265 -18.60 -3.15 -1.16
N PRO C 266 -19.82 -2.96 -0.62
CA PRO C 266 -20.00 -2.40 0.72
C PRO C 266 -19.21 -3.12 1.82
N MET C 267 -19.06 -4.44 1.71
CA MET C 267 -18.36 -5.24 2.74
C MET C 267 -16.94 -4.68 2.93
N MET C 268 -16.33 -4.14 1.86
CA MET C 268 -14.90 -3.73 1.83
C MET C 268 -14.78 -2.20 2.00
N ASP C 269 -15.89 -1.49 2.22
CA ASP C 269 -15.86 -0.01 2.31
C ASP C 269 -15.85 0.36 3.79
N ARG C 270 -14.77 0.99 4.26
CA ARG C 270 -14.66 1.32 5.72
C ARG C 270 -15.64 2.46 6.09
N ASP C 271 -16.26 3.15 5.13
CA ASP C 271 -17.27 4.20 5.47
C ASP C 271 -18.62 3.54 5.78
N LYS C 272 -18.77 2.24 5.49
CA LYS C 272 -20.03 1.48 5.70
C LYS C 272 -19.86 0.38 6.76
N LYS C 273 -19.14 0.65 7.86
CA LYS C 273 -18.95 -0.33 8.96
C LYS C 273 -20.28 -0.66 9.65
N ASP C 274 -21.25 0.24 9.63
CA ASP C 274 -22.57 0.02 10.28
C ASP C 274 -23.26 -1.21 9.64
N GLU C 275 -22.97 -1.56 8.38
CA GLU C 275 -23.61 -2.70 7.68
C GLU C 275 -22.86 -4.02 7.89
N VAL C 276 -21.87 -4.07 8.80
CA VAL C 276 -21.05 -5.29 9.06
C VAL C 276 -21.94 -6.39 9.65
N PRO C 277 -22.69 -6.15 10.74
CA PRO C 277 -23.55 -7.19 11.33
C PRO C 277 -24.50 -7.84 10.30
N GLN C 278 -25.23 -7.01 9.55
CA GLN C 278 -26.07 -7.50 8.43
C GLN C 278 -25.19 -8.30 7.46
N GLY C 279 -23.93 -7.89 7.30
CA GLY C 279 -23.01 -8.50 6.34
C GLY C 279 -22.67 -9.92 6.75
N GLN C 280 -22.42 -10.09 8.06
CA GLN C 280 -22.10 -11.38 8.71
C GLN C 280 -23.33 -12.28 8.61
N LEU C 281 -24.52 -11.79 8.99
CA LEU C 281 -25.80 -12.53 8.82
C LEU C 281 -25.85 -13.15 7.43
N GLY C 282 -25.80 -12.31 6.41
CA GLY C 282 -25.84 -12.70 4.99
C GLY C 282 -24.80 -13.78 4.69
N PHE C 283 -23.59 -13.64 5.22
CA PHE C 283 -22.50 -14.60 4.94
C PHE C 283 -22.84 -15.95 5.59
N TYR C 284 -23.31 -15.93 6.83
CA TYR C 284 -23.65 -17.15 7.59
C TYR C 284 -24.77 -17.89 6.85
N ASN C 285 -25.76 -17.14 6.38
CA ASN C 285 -26.96 -17.73 5.71
C ASN C 285 -26.54 -18.29 4.35
N ALA C 286 -25.78 -17.52 3.57
CA ALA C 286 -25.45 -17.85 2.17
C ALA C 286 -24.28 -18.83 2.10
N VAL C 287 -23.39 -18.91 3.10
CA VAL C 287 -22.08 -19.63 2.93
C VAL C 287 -21.81 -20.58 4.09
N ALA C 288 -21.63 -20.06 5.28
CA ALA C 288 -21.13 -20.81 6.44
C ALA C 288 -22.14 -21.90 6.85
N ILE C 289 -23.44 -21.57 7.04
CA ILE C 289 -24.45 -22.57 7.51
C ILE C 289 -24.56 -23.69 6.48
N PRO C 290 -24.76 -23.42 5.17
CA PRO C 290 -24.84 -24.50 4.18
C PRO C 290 -23.57 -25.37 4.13
N CYS C 291 -22.41 -24.75 4.32
CA CYS C 291 -21.10 -25.44 4.35
C CYS C 291 -21.07 -26.46 5.50
N TYR C 292 -21.31 -26.03 6.72
CA TYR C 292 -21.25 -26.92 7.90
C TYR C 292 -22.45 -27.90 7.91
N THR C 293 -23.57 -27.53 7.31
CA THR C 293 -24.76 -28.41 7.17
C THR C 293 -24.40 -29.64 6.32
N THR C 294 -23.86 -29.42 5.12
CA THR C 294 -23.46 -30.48 4.18
C THR C 294 -22.33 -31.31 4.80
N LEU C 295 -21.38 -30.67 5.48
CA LEU C 295 -20.24 -31.40 6.09
C LEU C 295 -20.78 -32.33 7.19
N THR C 296 -21.77 -31.89 7.97
CA THR C 296 -22.34 -32.69 9.08
C THR C 296 -23.12 -33.89 8.50
N GLN C 297 -23.84 -33.69 7.40
CA GLN C 297 -24.53 -34.79 6.69
C GLN C 297 -23.50 -35.85 6.29
N ILE C 298 -22.38 -35.42 5.68
CA ILE C 298 -21.37 -36.39 5.16
C ILE C 298 -20.55 -36.95 6.31
N LEU C 299 -20.23 -36.15 7.33
CA LEU C 299 -19.36 -36.55 8.46
C LEU C 299 -20.02 -36.11 9.74
N PRO C 300 -20.97 -36.93 10.28
CA PRO C 300 -21.74 -36.56 11.46
C PRO C 300 -20.94 -36.10 12.66
N PRO C 301 -19.73 -36.65 12.98
CA PRO C 301 -18.96 -36.13 14.11
C PRO C 301 -18.43 -34.67 13.99
N THR C 302 -18.71 -33.95 12.90
CA THR C 302 -18.31 -32.53 12.70
C THR C 302 -19.43 -31.60 13.11
N GLU C 303 -20.53 -32.18 13.61
CA GLU C 303 -21.70 -31.50 14.21
C GLU C 303 -21.31 -30.28 15.04
N PRO C 304 -20.39 -30.39 16.02
CA PRO C 304 -20.03 -29.22 16.83
C PRO C 304 -19.69 -27.96 15.99
N LEU C 305 -19.15 -28.11 14.78
CA LEU C 305 -18.79 -26.95 13.93
C LEU C 305 -20.09 -26.26 13.53
N LEU C 306 -21.09 -27.02 13.10
CA LEU C 306 -22.41 -26.48 12.69
C LEU C 306 -23.10 -25.82 13.90
N LYS C 307 -23.06 -26.46 15.06
CA LYS C 307 -23.70 -25.93 16.29
C LYS C 307 -23.04 -24.59 16.64
N ALA C 308 -21.71 -24.52 16.65
CA ALA C 308 -21.01 -23.28 17.04
C ALA C 308 -21.32 -22.17 16.03
N CYS C 309 -21.45 -22.52 14.76
CA CYS C 309 -21.81 -21.57 13.67
C CYS C 309 -23.24 -21.03 13.91
N ARG C 310 -24.22 -21.90 14.21
CA ARG C 310 -25.61 -21.46 14.53
CA ARG C 310 -25.62 -21.49 14.55
C ARG C 310 -25.59 -20.54 15.76
N ASP C 311 -24.85 -20.92 16.81
CA ASP C 311 -24.70 -20.04 18.01
C ASP C 311 -24.20 -18.64 17.61
N ASN C 312 -23.18 -18.53 16.74
CA ASN C 312 -22.60 -17.22 16.32
C ASN C 312 -23.59 -16.47 15.41
N LEU C 313 -24.38 -17.16 14.59
CA LEU C 313 -25.46 -16.55 13.77
C LEU C 313 -26.44 -15.84 14.72
N SER C 314 -26.82 -16.52 15.81
CA SER C 314 -27.73 -16.01 16.88
C SER C 314 -27.09 -14.80 17.60
N GLN C 315 -25.76 -14.79 17.83
CA GLN C 315 -25.04 -13.61 18.34
C GLN C 315 -25.13 -12.45 17.34
N TRP C 316 -24.86 -12.66 16.04
CA TRP C 316 -24.93 -11.56 15.04
C TRP C 316 -26.34 -10.97 14.97
N GLU C 317 -27.38 -11.80 15.13
CA GLU C 317 -28.78 -11.28 15.22
C GLU C 317 -28.91 -10.36 16.44
N LYS C 318 -28.42 -10.79 17.62
CA LYS C 318 -28.49 -9.98 18.86
C LYS C 318 -27.81 -8.64 18.64
N VAL C 319 -26.64 -8.62 17.96
CA VAL C 319 -25.94 -7.35 17.61
C VAL C 319 -26.83 -6.52 16.67
N ILE C 320 -27.50 -7.15 15.70
CA ILE C 320 -28.35 -6.41 14.72
C ILE C 320 -29.55 -5.80 15.45
N ARG C 321 -30.00 -6.40 16.57
CA ARG C 321 -31.18 -5.92 17.34
C ARG C 321 -30.76 -4.96 18.47
N GLY C 322 -29.54 -4.42 18.45
CA GLY C 322 -29.05 -3.45 19.46
C GLY C 322 -28.90 -4.02 20.87
N GLU C 323 -28.81 -5.35 21.03
CA GLU C 323 -28.65 -6.05 22.34
C GLU C 323 -27.16 -6.30 22.61
N GLU C 324 -26.31 -6.15 21.58
CA GLU C 324 -24.83 -6.10 21.67
C GLU C 324 -24.28 -5.45 20.38
N LEU D 13 -19.15 -17.90 -49.87
CA LEU D 13 -17.84 -18.58 -49.61
C LEU D 13 -16.70 -17.83 -50.34
N MET D 14 -16.94 -16.56 -50.67
CA MET D 14 -16.10 -15.75 -51.59
C MET D 14 -15.49 -14.57 -50.80
N GLN D 15 -14.36 -14.80 -50.15
CA GLN D 15 -13.74 -13.83 -49.22
C GLN D 15 -12.64 -13.06 -49.94
N PHE D 16 -12.41 -11.80 -49.56
CA PHE D 16 -11.28 -11.00 -50.05
C PHE D 16 -10.02 -11.40 -49.31
N THR D 17 -8.91 -11.46 -50.04
CA THR D 17 -7.55 -11.69 -49.50
C THR D 17 -6.70 -10.50 -49.93
N LEU D 18 -5.88 -9.99 -49.02
CA LEU D 18 -4.90 -8.91 -49.33
C LEU D 18 -3.55 -9.56 -49.56
N PRO D 19 -2.61 -8.91 -50.28
CA PRO D 19 -1.23 -9.36 -50.30
C PRO D 19 -0.66 -9.46 -48.88
N VAL D 20 0.29 -10.37 -48.70
CA VAL D 20 0.93 -10.66 -47.39
C VAL D 20 1.13 -9.35 -46.62
N ARG D 21 1.87 -8.37 -47.15
CA ARG D 21 2.30 -7.23 -46.29
C ARG D 21 1.05 -6.51 -45.74
N LEU D 22 0.02 -6.33 -46.57
CA LEU D 22 -1.23 -5.61 -46.20
C LEU D 22 -2.03 -6.45 -45.21
N CYS D 23 -2.22 -7.74 -45.51
CA CYS D 23 -2.87 -8.74 -44.63
C CYS D 23 -2.30 -8.61 -43.20
N LYS D 24 -0.97 -8.47 -43.06
CA LYS D 24 -0.29 -8.36 -41.75
C LYS D 24 -0.31 -6.92 -41.23
N GLU D 25 -0.03 -5.92 -42.07
CA GLU D 25 0.13 -4.53 -41.55
C GLU D 25 -1.24 -3.90 -41.28
N ILE D 26 -2.34 -4.45 -41.82
CA ILE D 26 -3.71 -3.84 -41.69
C ILE D 26 -4.18 -3.95 -40.24
N GLU D 27 -3.62 -4.91 -39.50
CA GLU D 27 -3.93 -5.13 -38.06
C GLU D 27 -3.27 -4.05 -37.20
N LEU D 28 -2.26 -3.33 -37.70
CA LEU D 28 -1.60 -2.22 -36.96
C LEU D 28 -2.46 -0.94 -37.02
N PHE D 29 -2.55 -0.18 -35.92
CA PHE D 29 -3.27 1.12 -35.90
C PHE D 29 -2.69 2.11 -36.93
N HIS D 30 -1.40 2.04 -37.25
CA HIS D 30 -0.69 3.07 -38.05
C HIS D 30 -0.67 2.66 -39.53
N PHE D 31 -1.33 1.57 -39.87
CA PHE D 31 -1.48 1.15 -41.29
C PHE D 31 -1.91 2.37 -42.13
N ASP D 32 -1.32 2.43 -43.32
CA ASP D 32 -1.65 3.39 -44.39
C ASP D 32 -2.20 2.57 -45.55
N ILE D 33 -3.34 2.97 -46.10
CA ILE D 33 -4.08 2.15 -47.09
C ILE D 33 -3.42 2.25 -48.48
N GLY D 34 -2.40 3.11 -48.62
CA GLY D 34 -1.56 3.19 -49.84
C GLY D 34 -2.20 4.07 -50.92
N PRO D 35 -1.50 4.30 -52.06
CA PRO D 35 -1.95 5.25 -53.08
C PRO D 35 -2.77 4.64 -54.23
N PHE D 36 -3.05 3.33 -54.19
CA PHE D 36 -3.84 2.61 -55.22
C PHE D 36 -5.34 2.63 -54.85
N GLU D 37 -6.04 3.65 -55.33
CA GLU D 37 -7.51 3.88 -55.13
C GLU D 37 -8.30 2.60 -55.39
N ASN D 38 -7.93 1.81 -56.41
CA ASN D 38 -8.73 0.63 -56.84
C ASN D 38 -8.71 -0.50 -55.78
N MET D 39 -7.79 -0.48 -54.83
CA MET D 39 -7.72 -1.53 -53.76
C MET D 39 -8.52 -1.12 -52.51
N TRP D 40 -8.91 0.15 -52.37
CA TRP D 40 -9.54 0.65 -51.12
C TRP D 40 -10.88 -0.04 -50.89
N PRO D 41 -11.77 -0.24 -51.89
CA PRO D 41 -12.98 -1.01 -51.67
C PRO D 41 -12.73 -2.42 -51.12
N GLY D 42 -11.81 -3.17 -51.73
CA GLY D 42 -11.38 -4.50 -51.28
C GLY D 42 -10.85 -4.48 -49.85
N ILE D 43 -10.06 -3.47 -49.50
CA ILE D 43 -9.56 -3.27 -48.10
C ILE D 43 -10.78 -3.06 -47.19
N PHE D 44 -11.78 -2.27 -47.60
CA PHE D 44 -12.95 -2.00 -46.73
C PHE D 44 -13.72 -3.31 -46.53
N VAL D 45 -14.08 -4.01 -47.61
CA VAL D 45 -14.82 -5.30 -47.55
C VAL D 45 -14.04 -6.30 -46.67
N TYR D 46 -12.72 -6.43 -46.85
CA TYR D 46 -11.87 -7.31 -46.01
C TYR D 46 -12.16 -7.02 -44.53
N MET D 47 -12.10 -5.74 -44.13
CA MET D 47 -12.25 -5.29 -42.72
C MET D 47 -13.67 -5.63 -42.26
N VAL D 48 -14.68 -5.37 -43.10
CA VAL D 48 -16.12 -5.64 -42.77
C VAL D 48 -16.28 -7.15 -42.54
N HIS D 49 -15.60 -8.00 -43.32
CA HIS D 49 -15.67 -9.48 -43.15
C HIS D 49 -15.05 -9.94 -41.83
N ARG D 50 -13.83 -9.53 -41.52
CA ARG D 50 -13.10 -9.99 -40.31
C ARG D 50 -13.71 -9.40 -39.03
N SER D 51 -14.28 -8.21 -39.13
CA SER D 51 -14.69 -7.36 -37.98
C SER D 51 -16.11 -7.72 -37.56
N CYS D 52 -16.90 -8.20 -38.51
CA CYS D 52 -18.36 -8.30 -38.43
C CYS D 52 -18.78 -9.76 -38.70
N GLY D 53 -18.25 -10.36 -39.77
CA GLY D 53 -18.59 -11.72 -40.23
C GLY D 53 -18.85 -11.69 -41.73
N THR D 54 -18.54 -12.79 -42.43
CA THR D 54 -18.58 -12.88 -43.92
C THR D 54 -20.00 -12.65 -44.43
N SER D 55 -21.00 -12.90 -43.59
CA SER D 55 -22.44 -12.89 -43.91
C SER D 55 -23.14 -11.66 -43.30
N CYS D 56 -22.41 -10.75 -42.65
CA CYS D 56 -22.96 -9.48 -42.13
C CYS D 56 -23.80 -8.78 -43.21
N PHE D 57 -23.26 -8.68 -44.42
CA PHE D 57 -23.93 -7.99 -45.56
C PHE D 57 -23.88 -8.89 -46.77
N GLU D 58 -24.95 -8.89 -47.57
CA GLU D 58 -24.98 -9.49 -48.92
C GLU D 58 -23.94 -8.73 -49.76
N LEU D 59 -22.94 -9.44 -50.29
CA LEU D 59 -21.75 -8.83 -50.95
C LEU D 59 -22.16 -7.89 -52.10
N GLU D 60 -23.20 -8.22 -52.89
CA GLU D 60 -23.62 -7.43 -54.09
C GLU D 60 -24.11 -6.05 -53.66
N LYS D 61 -25.01 -6.01 -52.67
CA LYS D 61 -25.54 -4.75 -52.08
C LYS D 61 -24.39 -3.94 -51.44
N LEU D 62 -23.52 -4.60 -50.69
CA LEU D 62 -22.38 -3.94 -50.04
C LEU D 62 -21.54 -3.29 -51.12
N CME D 63 -21.24 -4.01 -52.20
CA CME D 63 -20.31 -3.52 -53.26
CB CME D 63 -19.78 -4.61 -54.18
SG CME D 63 -18.38 -5.58 -53.52
SD CME D 63 -16.82 -4.26 -53.34
CE CME D 63 -16.34 -3.86 -55.05
CZ CME D 63 -14.99 -4.45 -55.38
OH CME D 63 -14.54 -4.04 -56.66
C CME D 63 -20.94 -2.32 -53.98
O CME D 63 -20.20 -1.35 -54.22
N ARG D 64 -22.24 -2.32 -54.26
CA ARG D 64 -22.79 -1.12 -54.96
C ARG D 64 -23.01 0.00 -53.93
N PHE D 65 -23.27 -0.31 -52.67
CA PHE D 65 -23.30 0.71 -51.59
C PHE D 65 -21.94 1.45 -51.58
N ILE D 66 -20.85 0.71 -51.52
CA ILE D 66 -19.47 1.28 -51.46
C ILE D 66 -19.20 2.20 -52.67
N MET D 67 -19.56 1.78 -53.88
CA MET D 67 -19.23 2.56 -55.11
C MET D 67 -20.11 3.83 -55.20
N SER D 68 -21.32 3.79 -54.65
CA SER D 68 -22.19 5.00 -54.53
C SER D 68 -21.63 5.99 -53.49
N VAL D 69 -21.14 5.49 -52.35
CA VAL D 69 -20.46 6.32 -51.31
C VAL D 69 -19.24 6.99 -51.97
N LYS D 70 -18.33 6.21 -52.53
CA LYS D 70 -17.14 6.75 -53.27
C LYS D 70 -17.56 7.89 -54.20
N LYS D 71 -18.61 7.64 -54.98
CA LYS D 71 -19.06 8.57 -56.04
C LYS D 71 -19.50 9.87 -55.37
N ASN D 72 -19.92 9.83 -54.09
CA ASN D 72 -20.49 11.01 -53.38
C ASN D 72 -19.44 11.68 -52.49
N TYR D 73 -18.18 11.22 -52.49
CA TYR D 73 -17.02 12.01 -52.02
C TYR D 73 -16.47 12.82 -53.20
N ARG D 74 -15.93 13.99 -52.93
CA ARG D 74 -15.45 14.95 -53.94
C ARG D 74 -13.94 14.92 -53.99
N ARG D 75 -13.38 15.45 -55.07
CA ARG D 75 -11.91 15.52 -55.29
C ARG D 75 -11.40 16.76 -54.57
N VAL D 76 -11.46 16.75 -53.26
CA VAL D 76 -10.87 17.79 -52.40
C VAL D 76 -9.56 17.24 -51.85
N PRO D 77 -8.61 18.09 -51.37
CA PRO D 77 -7.31 17.60 -50.91
C PRO D 77 -7.31 16.64 -49.71
N TYR D 78 -8.24 16.78 -48.78
CA TYR D 78 -8.21 15.94 -47.54
C TYR D 78 -9.54 15.24 -47.28
N HIS D 79 -10.68 15.95 -47.28
CA HIS D 79 -12.01 15.35 -46.95
C HIS D 79 -12.57 14.55 -48.13
N ASN D 80 -11.87 13.46 -48.47
CA ASN D 80 -12.03 12.70 -49.73
C ASN D 80 -12.21 11.22 -49.42
N TRP D 81 -12.38 10.42 -50.47
CA TRP D 81 -12.60 8.95 -50.38
C TRP D 81 -11.49 8.30 -49.54
N LYS D 82 -10.26 8.78 -49.67
CA LYS D 82 -9.12 8.17 -48.95
C LYS D 82 -9.31 8.41 -47.45
N HIS D 83 -9.69 9.61 -47.05
CA HIS D 83 -10.00 9.95 -45.65
C HIS D 83 -11.08 8.99 -45.13
N ALA D 84 -12.13 8.72 -45.91
CA ALA D 84 -13.28 7.87 -45.51
C ALA D 84 -12.79 6.46 -45.12
N VAL D 85 -11.97 5.83 -45.96
CA VAL D 85 -11.53 4.43 -45.75
C VAL D 85 -10.49 4.44 -44.62
N THR D 86 -9.68 5.50 -44.52
CA THR D 86 -8.63 5.64 -43.48
C THR D 86 -9.32 5.68 -42.12
N VAL D 87 -10.35 6.52 -41.98
CA VAL D 87 -11.12 6.62 -40.71
C VAL D 87 -11.78 5.26 -40.41
N ALA D 88 -12.28 4.58 -41.42
CA ALA D 88 -12.90 3.24 -41.27
C ALA D 88 -11.85 2.22 -40.83
N HIS D 89 -10.65 2.26 -41.38
CA HIS D 89 -9.56 1.38 -40.94
C HIS D 89 -9.27 1.58 -39.43
N CYS D 90 -9.23 2.82 -38.95
CA CYS D 90 -8.92 3.08 -37.52
C CYS D 90 -10.01 2.43 -36.66
N MET D 91 -11.27 2.60 -37.04
CA MET D 91 -12.40 1.91 -36.35
C MET D 91 -12.20 0.39 -36.45
N TYR D 92 -11.83 -0.16 -37.62
CA TYR D 92 -11.48 -1.61 -37.73
C TYR D 92 -10.50 -2.01 -36.61
N ALA D 93 -9.39 -1.27 -36.50
CA ALA D 93 -8.29 -1.54 -35.54
C ALA D 93 -8.87 -1.50 -34.14
N ILE D 94 -9.63 -0.46 -33.81
CA ILE D 94 -10.25 -0.34 -32.46
C ILE D 94 -11.13 -1.57 -32.22
N LEU D 95 -12.05 -1.89 -33.14
CA LEU D 95 -13.06 -2.98 -32.92
C LEU D 95 -12.35 -4.33 -32.73
N GLN D 96 -11.35 -4.63 -33.55
CA GLN D 96 -10.67 -5.95 -33.48
C GLN D 96 -9.99 -6.12 -32.12
N ASN D 97 -9.50 -5.03 -31.51
CA ASN D 97 -8.64 -5.05 -30.30
C ASN D 97 -9.51 -4.83 -29.05
N ASN D 98 -10.82 -4.73 -29.23
CA ASN D 98 -11.81 -4.65 -28.13
C ASN D 98 -13.04 -5.48 -28.48
N HIS D 99 -12.84 -6.65 -29.12
CA HIS D 99 -13.91 -7.38 -29.87
C HIS D 99 -15.03 -7.86 -28.93
N THR D 100 -14.78 -8.06 -27.63
CA THR D 100 -15.82 -8.56 -26.68
C THR D 100 -16.70 -7.42 -26.19
N LEU D 101 -16.29 -6.16 -26.34
CA LEU D 101 -17.03 -4.97 -25.79
C LEU D 101 -18.20 -4.50 -26.69
N PHE D 102 -18.26 -4.85 -27.98
CA PHE D 102 -19.25 -4.27 -28.94
C PHE D 102 -20.24 -5.33 -29.43
N THR D 103 -21.48 -4.90 -29.60
CA THR D 103 -22.63 -5.72 -30.10
C THR D 103 -22.44 -5.92 -31.60
N ASP D 104 -23.16 -6.89 -32.17
CA ASP D 104 -23.21 -7.22 -33.63
C ASP D 104 -23.65 -5.98 -34.43
N LEU D 105 -24.68 -5.26 -33.96
CA LEU D 105 -25.23 -4.01 -34.56
C LEU D 105 -24.19 -2.88 -34.55
N GLU D 106 -23.42 -2.70 -33.47
CA GLU D 106 -22.40 -1.63 -33.40
C GLU D 106 -21.28 -1.94 -34.41
N ARG D 107 -20.87 -3.20 -34.52
CA ARG D 107 -19.81 -3.63 -35.48
C ARG D 107 -20.25 -3.23 -36.90
N LYS D 108 -21.41 -3.74 -37.34
CA LYS D 108 -22.08 -3.36 -38.62
C LYS D 108 -22.12 -1.84 -38.77
N GLY D 109 -22.64 -1.15 -37.75
CA GLY D 109 -22.99 0.28 -37.83
C GLY D 109 -21.78 1.19 -37.95
N LEU D 110 -20.72 0.94 -37.18
CA LEU D 110 -19.59 1.88 -37.02
C LEU D 110 -18.66 1.89 -38.24
N LEU D 111 -18.41 0.75 -38.86
CA LEU D 111 -17.62 0.70 -40.13
C LEU D 111 -18.36 1.53 -41.19
N ILE D 112 -19.67 1.35 -41.34
CA ILE D 112 -20.51 2.11 -42.31
C ILE D 112 -20.43 3.60 -41.91
N ALA D 113 -20.67 3.93 -40.65
CA ALA D 113 -20.65 5.35 -40.20
C ALA D 113 -19.33 5.98 -40.62
N CYS D 114 -18.20 5.31 -40.39
CA CYS D 114 -16.85 5.88 -40.69
C CYS D 114 -16.70 6.12 -42.20
N LEU D 115 -17.16 5.18 -43.03
CA LEU D 115 -17.08 5.31 -44.51
C LEU D 115 -17.93 6.47 -45.00
N CYS D 116 -19.05 6.71 -44.32
CA CYS D 116 -20.06 7.69 -44.75
C CYS D 116 -19.86 9.04 -44.03
N HIS D 117 -18.92 9.17 -43.10
CA HIS D 117 -18.95 10.25 -42.07
C HIS D 117 -18.68 11.63 -42.66
N ASP D 118 -18.11 11.75 -43.86
CA ASP D 118 -17.80 13.05 -44.47
C ASP D 118 -18.39 13.12 -45.88
N LEU D 119 -19.45 12.36 -46.14
CA LEU D 119 -20.10 12.31 -47.49
C LEU D 119 -20.38 13.73 -48.03
N ASP D 120 -19.93 13.99 -49.27
CA ASP D 120 -20.25 15.22 -50.05
C ASP D 120 -19.66 16.44 -49.35
N HIS D 121 -18.50 16.27 -48.69
CA HIS D 121 -17.68 17.38 -48.13
C HIS D 121 -17.07 18.24 -49.24
N ARG D 122 -17.13 19.58 -49.12
CA ARG D 122 -16.56 20.55 -50.11
C ARG D 122 -15.21 21.12 -49.63
N GLY D 123 -14.73 20.69 -48.46
CA GLY D 123 -13.44 21.13 -47.92
C GLY D 123 -13.61 22.36 -47.04
N PHE D 124 -14.84 22.73 -46.69
CA PHE D 124 -15.13 23.93 -45.88
C PHE D 124 -15.78 23.51 -44.54
N SER D 125 -15.35 24.18 -43.47
CA SER D 125 -15.83 23.99 -42.08
C SER D 125 -17.27 24.53 -41.96
N ASN D 126 -17.97 24.05 -40.94
CA ASN D 126 -19.25 24.64 -40.47
C ASN D 126 -19.16 26.18 -40.38
N SER D 127 -18.06 26.73 -39.82
CA SER D 127 -17.92 28.20 -39.62
C SER D 127 -18.10 28.89 -40.97
N TYR D 128 -17.36 28.41 -41.96
CA TYR D 128 -17.32 29.08 -43.28
C TYR D 128 -18.75 29.02 -43.87
N LEU D 129 -19.42 27.87 -43.81
CA LEU D 129 -20.80 27.72 -44.37
C LEU D 129 -21.72 28.77 -43.72
N GLN D 130 -21.56 29.03 -42.42
CA GLN D 130 -22.41 30.01 -41.69
C GLN D 130 -22.05 31.43 -42.13
N LYS D 131 -20.76 31.76 -42.34
CA LYS D 131 -20.37 33.16 -42.69
C LYS D 131 -20.76 33.44 -44.14
N PHE D 132 -20.69 32.41 -44.96
CA PHE D 132 -21.04 32.49 -46.40
C PHE D 132 -22.56 32.69 -46.55
N ASP D 133 -23.32 32.12 -45.62
CA ASP D 133 -24.80 32.09 -45.58
C ASP D 133 -25.25 30.96 -46.52
N HIS D 134 -24.58 29.82 -46.45
CA HIS D 134 -24.87 28.65 -47.32
C HIS D 134 -26.26 28.11 -46.98
N PRO D 135 -27.09 27.67 -47.97
CA PRO D 135 -28.37 27.02 -47.69
C PRO D 135 -28.31 25.92 -46.61
N LEU D 136 -27.21 25.14 -46.55
CA LEU D 136 -27.06 24.04 -45.56
C LEU D 136 -27.11 24.62 -44.13
N ALA D 137 -26.57 25.83 -43.91
CA ALA D 137 -26.56 26.53 -42.61
C ALA D 137 -27.99 26.93 -42.20
N ALA D 138 -28.87 27.24 -43.16
CA ALA D 138 -30.30 27.51 -42.88
C ALA D 138 -30.99 26.22 -42.45
N LEU D 139 -30.66 25.12 -43.11
CA LEU D 139 -31.32 23.80 -42.94
C LEU D 139 -30.86 23.13 -41.64
N TYR D 140 -29.60 23.38 -41.22
CA TYR D 140 -28.92 22.72 -40.07
C TYR D 140 -28.08 23.77 -39.32
N SER D 141 -28.60 24.26 -38.19
CA SER D 141 -28.07 25.44 -37.45
C SER D 141 -26.79 25.07 -36.72
N THR D 142 -26.69 23.81 -36.26
CA THR D 142 -25.50 23.23 -35.58
C THR D 142 -25.10 21.91 -36.24
N SER D 143 -23.83 21.55 -36.12
CA SER D 143 -23.23 20.38 -36.77
C SER D 143 -23.66 20.33 -38.24
N THR D 144 -23.53 21.47 -38.93
CA THR D 144 -24.12 21.70 -40.27
C THR D 144 -23.68 20.59 -41.23
N MET D 145 -22.38 20.42 -41.48
CA MET D 145 -21.91 19.44 -42.49
C MET D 145 -22.30 18.03 -42.03
N GLU D 146 -22.22 17.76 -40.71
CA GLU D 146 -22.42 16.40 -40.12
C GLU D 146 -23.88 15.95 -40.30
N GLN D 147 -24.83 16.86 -40.20
CA GLN D 147 -26.26 16.50 -40.43
C GLN D 147 -26.44 16.23 -41.94
N HIS D 148 -25.70 16.97 -42.80
CA HIS D 148 -25.66 16.73 -44.26
C HIS D 148 -25.09 15.34 -44.51
N HIS D 149 -23.96 15.00 -43.88
CA HIS D 149 -23.29 13.70 -44.11
C HIS D 149 -24.29 12.59 -43.81
N PHE D 150 -25.03 12.72 -42.70
CA PHE D 150 -26.01 11.69 -42.28
C PHE D 150 -27.16 11.59 -43.30
N SER D 151 -27.65 12.73 -43.77
CA SER D 151 -28.71 12.84 -44.79
C SER D 151 -28.28 12.17 -46.09
N GLN D 152 -27.04 12.43 -46.56
CA GLN D 152 -26.44 11.79 -47.77
C GLN D 152 -26.37 10.28 -47.56
N THR D 153 -26.01 9.83 -46.36
CA THR D 153 -25.90 8.40 -46.02
C THR D 153 -27.27 7.72 -46.18
N VAL D 154 -28.34 8.31 -45.63
CA VAL D 154 -29.72 7.75 -45.71
C VAL D 154 -30.12 7.71 -47.20
N SER D 155 -29.89 8.81 -47.91
CA SER D 155 -30.24 8.89 -49.35
C SER D 155 -29.65 7.69 -50.09
N ILE D 156 -28.37 7.39 -49.87
CA ILE D 156 -27.69 6.26 -50.58
C ILE D 156 -28.34 4.95 -50.14
N LEU D 157 -28.57 4.75 -48.84
CA LEU D 157 -29.18 3.49 -48.30
C LEU D 157 -30.56 3.26 -48.92
N GLN D 158 -31.21 4.31 -49.45
CA GLN D 158 -32.60 4.23 -49.98
C GLN D 158 -32.57 4.10 -51.52
N LEU D 159 -31.40 4.20 -52.14
CA LEU D 159 -31.19 3.84 -53.57
C LEU D 159 -31.55 2.37 -53.81
N GLU D 160 -32.15 2.04 -54.97
CA GLU D 160 -32.54 0.64 -55.34
C GLU D 160 -31.29 -0.26 -55.22
N GLY D 161 -31.43 -1.39 -54.52
CA GLY D 161 -30.37 -2.41 -54.38
C GLY D 161 -29.25 -1.99 -53.42
N HIS D 162 -29.39 -0.89 -52.68
CA HIS D 162 -28.30 -0.31 -51.83
C HIS D 162 -28.58 -0.57 -50.33
N ASN D 163 -29.75 -1.09 -49.93
CA ASN D 163 -30.04 -1.29 -48.48
C ASN D 163 -29.35 -2.55 -47.97
N ILE D 164 -28.14 -2.34 -47.44
CA ILE D 164 -27.23 -3.36 -46.87
C ILE D 164 -27.79 -3.84 -45.53
N PHE D 165 -28.81 -3.18 -44.98
CA PHE D 165 -29.41 -3.56 -43.68
C PHE D 165 -30.79 -4.20 -43.86
N SER D 166 -31.10 -4.69 -45.07
CA SER D 166 -32.45 -5.21 -45.41
C SER D 166 -32.74 -6.49 -44.61
N THR D 167 -31.73 -7.33 -44.33
CA THR D 167 -31.91 -8.60 -43.58
C THR D 167 -32.20 -8.34 -42.10
N LEU D 168 -31.92 -7.13 -41.58
CA LEU D 168 -32.20 -6.80 -40.14
C LEU D 168 -33.71 -6.74 -39.92
N SER D 169 -34.16 -7.02 -38.69
CA SER D 169 -35.50 -6.65 -38.18
C SER D 169 -35.68 -5.13 -38.32
N SER D 170 -36.91 -4.64 -38.18
CA SER D 170 -37.29 -3.20 -38.23
C SER D 170 -36.77 -2.49 -36.97
N SER D 171 -36.68 -3.21 -35.85
CA SER D 171 -36.16 -2.67 -34.57
C SER D 171 -34.65 -2.47 -34.70
N GLU D 172 -33.98 -3.50 -35.19
CA GLU D 172 -32.50 -3.57 -35.35
C GLU D 172 -32.09 -2.56 -36.42
N TYR D 173 -32.90 -2.43 -37.47
CA TYR D 173 -32.75 -1.40 -38.52
C TYR D 173 -32.77 0.01 -37.90
N GLU D 174 -33.81 0.39 -37.15
CA GLU D 174 -33.93 1.77 -36.63
C GLU D 174 -32.81 2.01 -35.60
N GLN D 175 -32.40 0.95 -34.92
CA GLN D 175 -31.30 0.97 -33.93
C GLN D 175 -29.96 1.23 -34.64
N VAL D 176 -29.67 0.52 -35.72
CA VAL D 176 -28.36 0.69 -36.41
C VAL D 176 -28.33 2.07 -37.06
N LEU D 177 -29.46 2.58 -37.56
CA LEU D 177 -29.50 3.90 -38.21
C LEU D 177 -29.22 4.95 -37.14
N GLU D 178 -29.72 4.71 -35.92
CA GLU D 178 -29.43 5.58 -34.76
C GLU D 178 -27.94 5.55 -34.37
N ILE D 179 -27.30 4.39 -34.26
CA ILE D 179 -25.81 4.29 -34.03
C ILE D 179 -25.09 5.15 -35.06
N ILE D 180 -25.49 5.03 -36.33
CA ILE D 180 -24.81 5.71 -37.47
C ILE D 180 -24.98 7.22 -37.33
N ARG D 181 -26.19 7.66 -37.01
CA ARG D 181 -26.49 9.11 -36.85
C ARG D 181 -25.61 9.70 -35.74
N LYS D 182 -25.63 9.12 -34.54
CA LYS D 182 -24.91 9.67 -33.36
C LYS D 182 -23.41 9.74 -33.68
N ALA D 183 -22.91 8.64 -34.24
CA ALA D 183 -21.49 8.46 -34.62
C ALA D 183 -21.06 9.55 -35.58
N ILE D 184 -21.87 9.87 -36.61
CA ILE D 184 -21.51 10.88 -37.65
C ILE D 184 -21.62 12.26 -37.02
N ILE D 185 -22.68 12.52 -36.25
CA ILE D 185 -22.83 13.82 -35.52
C ILE D 185 -21.64 14.00 -34.57
N ALA D 186 -21.14 12.93 -33.96
CA ALA D 186 -20.03 13.03 -32.96
C ALA D 186 -18.72 13.46 -33.65
N THR D 187 -18.60 13.37 -34.99
CA THR D 187 -17.38 13.80 -35.74
C THR D 187 -17.29 15.32 -35.87
N ASP D 188 -18.30 16.05 -35.43
CA ASP D 188 -18.23 17.52 -35.24
C ASP D 188 -17.31 17.78 -34.06
N LEU D 189 -16.10 18.29 -34.32
CA LEU D 189 -15.07 18.45 -33.26
C LEU D 189 -15.60 19.45 -32.23
N ALA D 190 -16.53 20.33 -32.58
CA ALA D 190 -17.08 21.30 -31.60
C ALA D 190 -17.66 20.54 -30.40
N LEU D 191 -18.25 19.37 -30.61
CA LEU D 191 -18.98 18.56 -29.59
C LEU D 191 -18.02 17.66 -28.81
N TYR D 192 -16.84 17.34 -29.37
CA TYR D 192 -15.84 16.43 -28.76
C TYR D 192 -15.40 16.94 -27.37
N PHE D 193 -15.19 18.25 -27.22
CA PHE D 193 -14.53 18.85 -26.01
C PHE D 193 -15.39 18.53 -24.77
N GLY D 194 -16.69 18.85 -24.85
CA GLY D 194 -17.78 18.48 -23.91
C GLY D 194 -17.86 16.98 -23.66
N ASN D 195 -17.77 16.16 -24.71
CA ASN D 195 -17.92 14.68 -24.63
C ASN D 195 -16.73 14.04 -23.88
N ARG D 196 -15.51 14.51 -24.11
CA ARG D 196 -14.29 13.96 -23.47
C ARG D 196 -14.24 14.35 -21.99
N LYS D 197 -14.63 15.60 -21.65
CA LYS D 197 -14.66 16.15 -20.27
C LYS D 197 -15.61 15.34 -19.40
N GLN D 198 -16.85 15.12 -19.88
CA GLN D 198 -17.82 14.18 -19.28
C GLN D 198 -17.23 12.79 -19.07
N LEU D 199 -16.69 12.15 -20.11
CA LEU D 199 -16.19 10.75 -20.01
C LEU D 199 -15.00 10.67 -19.03
N GLU D 200 -14.18 11.71 -18.98
CA GLU D 200 -12.95 11.71 -18.15
C GLU D 200 -13.43 11.60 -16.70
N GLU D 201 -14.41 12.45 -16.39
CA GLU D 201 -15.07 12.52 -15.07
C GLU D 201 -15.66 11.15 -14.72
N MET D 202 -16.50 10.60 -15.62
CA MET D 202 -17.14 9.28 -15.38
C MET D 202 -16.04 8.22 -15.15
N TYR D 203 -14.98 8.14 -15.96
CA TYR D 203 -14.02 7.00 -15.89
C TYR D 203 -13.16 7.09 -14.61
N GLN D 204 -12.67 8.28 -14.28
CA GLN D 204 -11.75 8.54 -13.12
C GLN D 204 -12.50 8.29 -11.80
N THR D 205 -13.77 8.71 -11.67
CA THR D 205 -14.57 8.52 -10.43
C THR D 205 -15.35 7.18 -10.46
N GLY D 206 -15.04 6.28 -11.40
CA GLY D 206 -15.55 4.89 -11.48
C GLY D 206 -17.05 4.77 -11.78
N SER D 207 -17.77 5.83 -12.15
CA SER D 207 -19.22 5.79 -12.48
C SER D 207 -19.49 5.46 -13.97
N LEU D 208 -18.49 5.31 -14.83
CA LEU D 208 -18.69 4.96 -16.27
C LEU D 208 -19.23 3.53 -16.35
N ASN D 209 -20.27 3.29 -17.16
CA ASN D 209 -21.00 2.00 -17.23
C ASN D 209 -21.38 1.68 -18.69
N LEU D 210 -20.73 0.67 -19.28
CA LEU D 210 -20.96 0.23 -20.68
C LEU D 210 -22.36 -0.40 -20.86
N ASN D 211 -23.09 -0.71 -19.79
CA ASN D 211 -24.48 -1.24 -19.88
C ASN D 211 -25.48 -0.08 -19.91
N ASN D 212 -25.00 1.16 -19.80
CA ASN D 212 -25.83 2.39 -19.86
C ASN D 212 -25.69 3.00 -21.26
N GLN D 213 -26.76 2.98 -22.05
CA GLN D 213 -26.74 3.34 -23.50
C GLN D 213 -26.21 4.78 -23.67
N SER D 214 -26.51 5.67 -22.72
CA SER D 214 -26.09 7.09 -22.70
C SER D 214 -24.56 7.16 -22.63
N HIS D 215 -23.97 6.25 -21.85
CA HIS D 215 -22.52 6.05 -21.66
C HIS D 215 -21.90 5.47 -22.92
N ARG D 216 -22.48 4.39 -23.45
CA ARG D 216 -22.00 3.75 -24.70
C ARG D 216 -21.90 4.81 -25.80
N ASP D 217 -22.94 5.62 -25.98
CA ASP D 217 -22.97 6.65 -27.05
C ASP D 217 -21.78 7.61 -26.91
N ARG D 218 -21.47 8.02 -25.68
CA ARG D 218 -20.32 8.90 -25.38
C ARG D 218 -19.01 8.18 -25.76
N VAL D 219 -18.83 6.94 -25.33
CA VAL D 219 -17.62 6.14 -25.69
C VAL D 219 -17.54 6.04 -27.24
N ILE D 220 -18.64 5.70 -27.91
CA ILE D 220 -18.66 5.63 -29.39
C ILE D 220 -18.33 7.02 -29.97
N GLY D 221 -18.90 8.08 -29.41
CA GLY D 221 -18.59 9.46 -29.83
C GLY D 221 -17.08 9.71 -29.82
N LEU D 222 -16.41 9.35 -28.73
CA LEU D 222 -14.95 9.58 -28.56
C LEU D 222 -14.21 8.69 -29.55
N MET D 223 -14.59 7.42 -29.71
CA MET D 223 -13.96 6.54 -30.73
C MET D 223 -14.01 7.23 -32.13
N MET D 224 -15.13 7.85 -32.48
CA MET D 224 -15.31 8.52 -33.79
C MET D 224 -14.29 9.67 -33.92
N THR D 225 -14.19 10.53 -32.90
CA THR D 225 -13.18 11.63 -32.88
C THR D 225 -11.79 11.02 -33.11
N ALA D 226 -11.45 10.00 -32.33
CA ALA D 226 -10.14 9.30 -32.38
C ALA D 226 -9.87 8.83 -33.80
N CYS D 227 -10.82 8.12 -34.39
CA CYS D 227 -10.70 7.64 -35.80
C CYS D 227 -10.54 8.82 -36.76
N ASP D 228 -11.33 9.85 -36.53
CA ASP D 228 -11.42 11.02 -37.42
C ASP D 228 -10.09 11.78 -37.39
N LEU D 229 -9.39 11.85 -36.25
CA LEU D 229 -8.14 12.65 -36.14
C LEU D 229 -6.93 11.76 -36.41
N CYS D 230 -7.11 10.52 -36.89
CA CYS D 230 -6.08 9.47 -36.82
C CYS D 230 -4.87 9.76 -37.73
N SER D 231 -4.88 10.79 -38.58
CA SER D 231 -3.64 11.23 -39.28
C SER D 231 -2.51 11.55 -38.27
N VAL D 232 -2.84 12.06 -37.07
CA VAL D 232 -1.83 12.35 -35.99
C VAL D 232 -1.35 11.07 -35.29
N THR D 233 -1.83 9.87 -35.67
CA THR D 233 -1.44 8.61 -35.01
C THR D 233 -0.68 7.72 -36.00
N LYS D 234 -0.33 8.24 -37.17
CA LYS D 234 0.43 7.46 -38.16
C LYS D 234 1.90 7.64 -37.84
N LEU D 235 2.77 6.93 -38.56
CA LEU D 235 4.23 7.15 -38.48
C LEU D 235 4.49 8.55 -39.06
N TRP D 236 5.58 9.19 -38.63
CA TRP D 236 5.87 10.63 -38.86
C TRP D 236 5.82 10.98 -40.35
N PRO D 237 6.42 10.18 -41.27
CA PRO D 237 6.36 10.55 -42.69
C PRO D 237 4.92 10.66 -43.22
N VAL D 238 4.02 9.76 -42.78
CA VAL D 238 2.58 9.79 -43.18
C VAL D 238 1.92 11.02 -42.57
N THR D 239 2.13 11.25 -41.28
CA THR D 239 1.54 12.39 -40.53
C THR D 239 1.98 13.73 -41.17
N LYS D 240 3.27 13.89 -41.48
CA LYS D 240 3.80 15.13 -42.09
C LYS D 240 3.18 15.31 -43.49
N LEU D 241 3.19 14.30 -44.34
CA LEU D 241 2.58 14.41 -45.70
C LEU D 241 1.07 14.70 -45.61
N THR D 242 0.32 14.09 -44.69
CA THR D 242 -1.16 14.34 -44.58
C THR D 242 -1.44 15.76 -44.07
N ALA D 243 -0.56 16.35 -43.26
CA ALA D 243 -0.69 17.74 -42.77
C ALA D 243 -0.75 18.73 -43.96
N ASN D 244 -0.02 18.49 -45.05
CA ASN D 244 -0.06 19.33 -46.29
C ASN D 244 -1.48 19.35 -46.91
N ASP D 245 -2.11 18.17 -47.03
CA ASP D 245 -3.47 18.00 -47.58
C ASP D 245 -4.48 18.79 -46.71
N ILE D 246 -4.38 18.59 -45.41
CA ILE D 246 -5.27 19.20 -44.39
C ILE D 246 -5.15 20.71 -44.50
N TYR D 247 -3.94 21.22 -44.63
CA TYR D 247 -3.65 22.67 -44.67
C TYR D 247 -3.99 23.21 -46.06
N ALA D 248 -3.91 22.38 -47.10
CA ALA D 248 -4.34 22.80 -48.45
C ALA D 248 -5.80 23.27 -48.31
N GLU D 249 -6.64 22.48 -47.62
CA GLU D 249 -8.06 22.87 -47.38
C GLU D 249 -8.15 24.11 -46.48
N PHE D 250 -7.46 24.15 -45.35
CA PHE D 250 -7.55 25.27 -44.38
C PHE D 250 -7.24 26.60 -45.09
N TRP D 251 -6.18 26.61 -45.92
CA TRP D 251 -5.70 27.80 -46.65
C TRP D 251 -6.72 28.21 -47.74
N ALA D 252 -7.35 27.24 -48.41
CA ALA D 252 -8.45 27.49 -49.38
C ALA D 252 -9.60 28.16 -48.64
N GLU D 253 -9.96 27.66 -47.44
CA GLU D 253 -11.06 28.25 -46.64
C GLU D 253 -10.65 29.68 -46.20
N GLY D 254 -9.42 29.86 -45.70
CA GLY D 254 -8.89 31.20 -45.36
C GLY D 254 -9.02 32.16 -46.52
N ASP D 255 -8.67 31.74 -47.74
CA ASP D 255 -8.77 32.54 -48.99
C ASP D 255 -10.22 32.98 -49.18
N GLU D 256 -11.16 32.03 -49.04
CA GLU D 256 -12.62 32.28 -49.17
C GLU D 256 -13.12 33.21 -48.06
N MET D 257 -12.53 33.12 -46.86
CA MET D 257 -12.80 34.05 -45.73
C MET D 257 -12.33 35.45 -46.15
N LYS D 258 -11.14 35.60 -46.79
CA LYS D 258 -10.64 36.94 -47.22
C LYS D 258 -11.55 37.52 -48.31
N LYS D 259 -12.13 36.66 -49.15
CA LYS D 259 -13.06 37.04 -50.23
C LYS D 259 -14.39 37.51 -49.62
N LEU D 260 -14.74 37.04 -48.42
CA LEU D 260 -15.96 37.50 -47.68
C LEU D 260 -15.68 38.83 -46.95
N GLY D 261 -14.44 39.30 -46.87
CA GLY D 261 -14.08 40.53 -46.13
C GLY D 261 -13.74 40.25 -44.67
N ILE D 262 -13.40 38.99 -44.34
CA ILE D 262 -13.05 38.56 -42.96
C ILE D 262 -11.61 38.05 -42.92
N GLN D 263 -10.81 38.58 -41.99
CA GLN D 263 -9.46 38.05 -41.66
C GLN D 263 -9.66 36.66 -41.09
N PRO D 264 -9.16 35.56 -41.71
CA PRO D 264 -9.30 34.24 -41.11
C PRO D 264 -8.38 34.11 -39.90
N ILE D 265 -8.64 33.14 -39.01
CA ILE D 265 -7.70 32.72 -37.94
C ILE D 265 -6.36 32.34 -38.60
N PRO D 266 -5.22 32.50 -37.89
CA PRO D 266 -3.90 32.26 -38.49
C PRO D 266 -3.68 30.88 -39.14
N MET D 267 -4.25 29.83 -38.56
CA MET D 267 -4.13 28.41 -39.02
C MET D 267 -4.60 28.29 -40.48
N MET D 268 -5.61 29.08 -40.87
CA MET D 268 -6.22 29.07 -42.23
C MET D 268 -5.59 30.15 -43.13
N ASP D 269 -4.62 30.93 -42.64
CA ASP D 269 -4.02 32.04 -43.42
C ASP D 269 -2.76 31.54 -44.12
N ARG D 270 -2.73 31.52 -45.46
CA ARG D 270 -1.56 30.96 -46.17
C ARG D 270 -0.36 31.93 -46.08
N ASP D 271 -0.58 33.22 -45.78
CA ASP D 271 0.54 34.18 -45.56
C ASP D 271 1.21 33.95 -44.20
N LYS D 272 0.72 33.00 -43.40
CA LYS D 272 1.22 32.69 -42.04
C LYS D 272 1.64 31.22 -41.95
N LYS D 273 2.16 30.65 -43.04
CA LYS D 273 2.65 29.26 -43.14
C LYS D 273 3.74 28.97 -42.11
N ASP D 274 4.61 29.93 -41.81
CA ASP D 274 5.72 29.80 -40.83
C ASP D 274 5.15 29.36 -39.47
N GLU D 275 3.92 29.76 -39.11
CA GLU D 275 3.30 29.46 -37.78
C GLU D 275 2.70 28.05 -37.73
N VAL D 276 2.84 27.23 -38.77
CA VAL D 276 2.18 25.90 -38.84
C VAL D 276 2.70 25.00 -37.72
N PRO D 277 4.04 24.87 -37.55
CA PRO D 277 4.58 23.96 -36.53
C PRO D 277 4.06 24.29 -35.12
N GLN D 278 4.00 25.57 -34.78
CA GLN D 278 3.47 26.09 -33.50
C GLN D 278 1.96 25.76 -33.39
N GLY D 279 1.22 25.80 -34.50
CA GLY D 279 -0.22 25.54 -34.53
C GLY D 279 -0.54 24.07 -34.27
N GLN D 280 0.24 23.17 -34.87
CA GLN D 280 0.16 21.72 -34.67
C GLN D 280 0.47 21.39 -33.21
N LEU D 281 1.52 22.00 -32.67
CA LEU D 281 1.90 21.81 -31.24
C LEU D 281 0.67 22.10 -30.38
N GLY D 282 0.03 23.27 -30.61
CA GLY D 282 -1.22 23.70 -29.94
C GLY D 282 -2.33 22.68 -30.13
N PHE D 283 -2.50 22.15 -31.34
CA PHE D 283 -3.58 21.17 -31.65
C PHE D 283 -3.30 19.87 -30.89
N TYR D 284 -2.05 19.41 -30.84
CA TYR D 284 -1.75 18.14 -30.14
C TYR D 284 -2.00 18.30 -28.63
N ASN D 285 -1.63 19.44 -28.05
CA ASN D 285 -1.74 19.67 -26.58
C ASN D 285 -3.21 19.91 -26.19
N ALA D 286 -3.96 20.76 -26.90
CA ALA D 286 -5.38 21.08 -26.53
C ALA D 286 -6.37 20.00 -27.02
N VAL D 287 -6.08 19.18 -28.04
CA VAL D 287 -7.13 18.34 -28.71
C VAL D 287 -6.69 16.87 -28.82
N ALA D 288 -5.63 16.59 -29.58
CA ALA D 288 -5.23 15.21 -29.90
C ALA D 288 -4.83 14.43 -28.63
N ILE D 289 -3.85 14.93 -27.87
CA ILE D 289 -3.29 14.13 -26.74
C ILE D 289 -4.42 13.86 -25.74
N PRO D 290 -5.22 14.86 -25.33
CA PRO D 290 -6.33 14.58 -24.42
C PRO D 290 -7.24 13.50 -25.03
N CYS D 291 -7.49 13.58 -26.34
CA CYS D 291 -8.44 12.66 -27.04
C CYS D 291 -8.01 11.22 -26.79
N TYR D 292 -6.78 10.88 -27.17
CA TYR D 292 -6.22 9.51 -27.14
C TYR D 292 -5.87 9.08 -25.69
N THR D 293 -5.57 10.03 -24.79
CA THR D 293 -5.34 9.76 -23.33
C THR D 293 -6.64 9.22 -22.73
N THR D 294 -7.75 9.94 -22.91
CA THR D 294 -9.06 9.50 -22.40
C THR D 294 -9.46 8.15 -23.00
N LEU D 295 -9.16 7.92 -24.28
CA LEU D 295 -9.64 6.70 -25.00
C LEU D 295 -8.87 5.48 -24.50
N THR D 296 -7.56 5.64 -24.28
CA THR D 296 -6.63 4.57 -23.81
C THR D 296 -7.04 4.17 -22.38
N GLN D 297 -7.50 5.14 -21.58
CA GLN D 297 -8.07 4.89 -20.23
C GLN D 297 -9.24 3.92 -20.38
N ILE D 298 -10.21 4.25 -21.23
CA ILE D 298 -11.51 3.52 -21.38
C ILE D 298 -11.28 2.19 -22.12
N LEU D 299 -10.44 2.18 -23.16
CA LEU D 299 -10.13 1.01 -24.03
C LEU D 299 -8.62 0.87 -24.18
N PRO D 300 -7.95 0.27 -23.16
CA PRO D 300 -6.49 0.20 -23.12
C PRO D 300 -5.79 -0.34 -24.35
N PRO D 301 -6.35 -1.32 -25.09
CA PRO D 301 -5.72 -1.78 -26.33
C PRO D 301 -5.58 -0.69 -27.43
N THR D 302 -6.28 0.44 -27.30
CA THR D 302 -6.10 1.60 -28.22
C THR D 302 -4.84 2.43 -27.88
N GLU D 303 -4.05 2.02 -26.87
CA GLU D 303 -2.81 2.72 -26.43
C GLU D 303 -1.87 3.01 -27.60
N PRO D 304 -1.67 2.15 -28.62
CA PRO D 304 -0.77 2.51 -29.71
C PRO D 304 -1.13 3.80 -30.45
N LEU D 305 -2.41 4.19 -30.49
CA LEU D 305 -2.81 5.54 -31.01
C LEU D 305 -2.15 6.62 -30.15
N LEU D 306 -2.23 6.53 -28.82
CA LEU D 306 -1.65 7.56 -27.89
C LEU D 306 -0.12 7.63 -28.07
N LYS D 307 0.55 6.47 -28.10
CA LYS D 307 2.03 6.37 -28.29
C LYS D 307 2.44 7.14 -29.56
N ALA D 308 1.83 6.80 -30.71
CA ALA D 308 2.11 7.41 -32.04
C ALA D 308 1.78 8.91 -31.98
N CYS D 309 0.69 9.30 -31.32
CA CYS D 309 0.37 10.74 -31.17
C CYS D 309 1.52 11.45 -30.43
N ARG D 310 2.00 10.88 -29.32
CA ARG D 310 3.08 11.46 -28.48
C ARG D 310 4.34 11.63 -29.34
N ASP D 311 4.69 10.62 -30.14
CA ASP D 311 5.87 10.64 -31.03
C ASP D 311 5.75 11.79 -32.04
N ASN D 312 4.60 11.94 -32.70
CA ASN D 312 4.39 13.02 -33.70
C ASN D 312 4.50 14.36 -32.98
N LEU D 313 4.02 14.48 -31.73
CA LEU D 313 4.17 15.75 -30.94
C LEU D 313 5.67 16.06 -30.81
N SER D 314 6.49 15.08 -30.44
CA SER D 314 7.96 15.31 -30.28
C SER D 314 8.57 15.62 -31.66
N GLN D 315 7.97 15.16 -32.75
CA GLN D 315 8.48 15.49 -34.12
C GLN D 315 8.17 16.97 -34.46
N TRP D 316 6.97 17.48 -34.15
CA TRP D 316 6.63 18.91 -34.34
C TRP D 316 7.52 19.81 -33.44
N GLU D 317 7.89 19.33 -32.25
CA GLU D 317 8.86 20.01 -31.35
C GLU D 317 10.22 20.11 -32.07
N LYS D 318 10.68 19.03 -32.73
CA LYS D 318 11.97 19.02 -33.50
C LYS D 318 11.89 20.00 -34.69
N VAL D 319 10.73 20.12 -35.33
CA VAL D 319 10.56 21.01 -36.51
C VAL D 319 10.74 22.44 -36.01
N ILE D 320 10.17 22.79 -34.85
CA ILE D 320 10.22 24.16 -34.26
C ILE D 320 11.66 24.59 -33.94
N ARG D 321 12.67 23.69 -33.91
CA ARG D 321 14.12 24.08 -33.90
C ARG D 321 14.80 23.61 -35.19
N GLY D 322 15.29 22.37 -35.30
CA GLY D 322 15.94 21.83 -36.52
C GLY D 322 15.66 20.35 -36.73
ZN ZN E . 9.13 -3.15 33.89
MG MG F . 8.11 -6.74 34.69
C1 KIY G . -1.64 -4.10 40.68
C2 KIY G . -2.88 -3.43 41.20
C3 KIY G . -2.33 -4.66 41.87
C4 KIY G . -1.69 -4.64 39.28
O5 KIY G . -0.48 -4.51 38.46
C6 KIY G . -0.36 -3.26 37.80
C7 KIY G . -1.57 -2.55 37.85
C8 KIY G . 0.77 -1.41 36.62
C9 KIY G . 0.83 -2.69 37.18
C10 KIY G . -0.48 -0.67 36.66
C11 KIY G . -1.63 -1.25 37.27
C12 KIY G . -2.98 0.59 36.82
N13 KIY G . -1.97 1.26 36.15
N14 KIY G . -2.85 -0.61 37.35
C15 KIY G . -0.77 0.68 36.14
N16 KIY G . 0.31 1.36 35.50
C17 KIY G . 0.06 2.81 35.32
C18 KIY G . 1.45 3.44 35.39
C19 KIY G . 2.40 2.47 35.99
C20 KIY G . 1.68 1.18 35.99
C21 KIY G . -4.36 1.14 36.91
ZN ZN H . 9.67 13.97 0.55
MG MG I . 11.98 15.66 2.91
C1 KIY J . 4.95 24.55 5.80
C2 KIY J . 3.79 25.31 6.27
C3 KIY J . 5.14 26.00 6.17
C4 KIY J . 5.50 23.36 6.63
O5 KIY J . 5.71 22.04 5.98
C6 KIY J . 4.64 21.29 5.49
C7 KIY J . 3.40 21.77 5.92
C8 KIY J . 3.58 19.48 4.25
C9 KIY J . 4.73 20.14 4.64
C10 KIY J . 2.29 19.96 4.64
C11 KIY J . 2.22 21.12 5.48
C12 KIY J . -0.11 21.03 5.59
N13 KIY J . -0.20 19.90 4.77
N14 KIY J . 1.02 21.61 5.94
C15 KIY J . 0.97 19.43 4.31
N16 KIY J . 0.93 18.24 3.52
C17 KIY J . -0.49 17.92 3.17
C18 KIY J . -0.47 17.43 1.77
C19 KIY J . 0.88 17.65 1.22
C20 KIY J . 1.78 18.02 2.36
C21 KIY J . -1.37 21.63 6.15
ZN ZN K . -7.28 -19.29 4.51
MG MG L . -6.82 -18.45 0.87
C1 KIY M . -17.78 -14.46 -0.64
C2 KIY M . -19.08 -13.79 -0.69
C3 KIY M . -18.71 -14.73 -1.84
C4 KIY M . -16.41 -13.81 -0.82
O5 KIY M . -15.29 -14.35 -0.05
C6 KIY M . -15.41 -14.22 1.34
C7 KIY M . -16.48 -13.39 1.71
C8 KIY M . -14.86 -14.61 3.65
C9 KIY M . -14.60 -14.83 2.30
C10 KIY M . -15.95 -13.80 4.07
C11 KIY M . -16.75 -13.18 3.09
C12 KIY M . -18.07 -12.15 4.68
N13 KIY M . -17.34 -12.66 5.75
N14 KIY M . -17.81 -12.40 3.42
C15 KIY M . -16.34 -13.49 5.41
N16 KIY M . -15.57 -14.02 6.49
C17 KIY M . -16.23 -13.84 7.82
C18 KIY M . -15.63 -14.94 8.66
C19 KIY M . -14.99 -15.97 7.77
C20 KIY M . -14.96 -15.34 6.42
C21 KIY M . -19.24 -11.23 4.94
ZN ZN N . -13.58 13.28 -41.20
MG MG O . -16.26 15.90 -40.87
C1 KIY P . -10.87 23.08 -33.50
C2 KIY P . -9.79 23.92 -32.91
C3 KIY P . -11.14 23.85 -32.26
C4 KIY P . -11.28 23.36 -34.95
O5 KIY P . -11.13 22.29 -35.95
C6 KIY P . -9.89 21.68 -36.26
C7 KIY P . -8.77 22.49 -36.04
C8 KIY P . -8.50 19.81 -37.01
C9 KIY P . -9.74 20.35 -36.74
C10 KIY P . -7.33 20.60 -36.81
C11 KIY P . -7.50 21.94 -36.30
C12 KIY P . -5.21 22.29 -36.36
N13 KIY P . -4.89 21.03 -36.84
N14 KIY P . -6.43 22.76 -36.10
C15 KIY P . -5.96 20.21 -37.08
N16 KIY P . -5.77 18.81 -37.43
C17 KIY P . -6.90 17.91 -37.79
C18 KIY P . -6.23 16.57 -38.07
C19 KIY P . -4.77 16.82 -38.26
C20 KIY P . -4.48 18.26 -37.91
C21 KIY P . -4.13 23.27 -36.11
#